data_1ZWL
# 
_entry.id   1ZWL 
# 
_audit_conform.dict_name       mmcif_pdbx.dic 
_audit_conform.dict_version    5.376 
_audit_conform.dict_location   http://mmcif.pdb.org/dictionaries/ascii/mmcif_pdbx.dic 
# 
loop_
_database_2.database_id 
_database_2.database_code 
_database_2.pdbx_database_accession 
_database_2.pdbx_DOI 
PDB   1ZWL         pdb_00001zwl 10.2210/pdb1zwl/pdb 
RCSB  RCSB033201   ?            ?                   
WWPDB D_1000033201 ?            ?                   
# 
loop_
_pdbx_database_related.db_name 
_pdbx_database_related.db_id 
_pdbx_database_related.details 
_pdbx_database_related.content_type 
PDB      1ZWK          'Same protein without FMN' unspecified 
TargetDB NYSGXRC-T1781 .                          unspecified 
# 
_pdbx_database_status.status_code                     REL 
_pdbx_database_status.entry_id                        1ZWL 
_pdbx_database_status.recvd_initial_deposition_date   2005-06-03 
_pdbx_database_status.deposit_site                    RCSB 
_pdbx_database_status.process_site                    RCSB 
_pdbx_database_status.status_code_sf                  REL 
_pdbx_database_status.status_code_mr                  ? 
_pdbx_database_status.SG_entry                        Y 
_pdbx_database_status.pdb_format_compatible           Y 
_pdbx_database_status.status_code_cs                  ? 
_pdbx_database_status.status_code_nmr_data            ? 
_pdbx_database_status.methods_development_category    ? 
# 
loop_
_audit_author.name 
_audit_author.pdbx_ordinal 
_audit_author.identifier_ORCID 
'Gorman, J.'                                                     1 ?                   
'Shapiro, L.'                                                    2 ?                   
'Burley, S.K.'                                                   3 0000-0002-2487-9713 
'New York SGX Research Center for Structural Genomics (NYSGXRC)' 4 ?                   
# 
_citation.id                        primary 
_citation.title                     
'Crystal structures of the tryptophan repressor binding protein WrbA and complexes with flavin mononucleotide.' 
_citation.journal_abbrev            'Protein Sci.' 
_citation.journal_volume            14 
_citation.page_first                3004 
_citation.page_last                 3012 
_citation.year                      2005 
_citation.journal_id_ASTM           PRCIEI 
_citation.country                   US 
_citation.journal_id_ISSN           0961-8368 
_citation.journal_id_CSD            0795 
_citation.book_publisher            ? 
_citation.pdbx_database_id_PubMed   16322580 
_citation.pdbx_database_id_DOI      10.1110/ps.051680805 
# 
loop_
_citation_author.citation_id 
_citation_author.name 
_citation_author.ordinal 
_citation_author.identifier_ORCID 
primary 'Gorman, J.'  1 ? 
primary 'Shapiro, L.' 2 ? 
# 
_cell.entry_id           1ZWL 
_cell.length_a           73.540 
_cell.length_b           73.540 
_cell.length_c           78.166 
_cell.angle_alpha        90.00 
_cell.angle_beta         90.00 
_cell.angle_gamma        90.00 
_cell.Z_PDB              8 
_cell.pdbx_unique_axis   ? 
# 
_symmetry.entry_id                         1ZWL 
_symmetry.space_group_name_H-M             'P 42 2 2' 
_symmetry.pdbx_full_space_group_name_H-M   ? 
_symmetry.cell_setting                     ? 
_symmetry.Int_Tables_number                93 
_symmetry.space_group_name_Hall            ? 
# 
loop_
_entity.id 
_entity.type 
_entity.src_method 
_entity.pdbx_description 
_entity.formula_weight 
_entity.pdbx_number_of_molecules 
_entity.pdbx_ec 
_entity.pdbx_mutation 
_entity.pdbx_fragment 
_entity.details 
1 polymer     man 'Trp repressor binding protein WrbA' 21926.910 1  ? ? ? ? 
2 non-polymer syn 'FLAVIN MONONUCLEOTIDE'              456.344   1  ? ? ? ? 
3 water       nat water                                18.015    34 ? ? ? ? 
# 
_entity_poly.entity_id                      1 
_entity_poly.type                           'polypeptide(L)' 
_entity_poly.nstd_linkage                   no 
_entity_poly.nstd_monomer                   no 
_entity_poly.pdbx_seq_one_letter_code       
;MAHHHHHHSLSSPYILVLYYSRHGATAEMARQIARGVEQGGFEARVRTVPAVSTECEAVAPDIPAEGALYATLEDLKNCA
GLALGSPTRFGNMASPLKYFLDGTSSLWLTGSLVGKPAAVFTSTASLHGGQETTQLSMLLPLLHHGMLVLGIPYSEPALL
ETRGGGTPYGASHFAGADGKRSLDEHELTLCRALGKRLAETAGKLEG
;
_entity_poly.pdbx_seq_one_letter_code_can   
;MAHHHHHHSLSSPYILVLYYSRHGATAEMARQIARGVEQGGFEARVRTVPAVSTECEAVAPDIPAEGALYATLEDLKNCA
GLALGSPTRFGNMASPLKYFLDGTSSLWLTGSLVGKPAAVFTSTASLHGGQETTQLSMLLPLLHHGMLVLGIPYSEPALL
ETRGGGTPYGASHFAGADGKRSLDEHELTLCRALGKRLAETAGKLEG
;
_entity_poly.pdbx_strand_id                 A 
_entity_poly.pdbx_target_identifier         NYSGXRC-T1781 
# 
loop_
_entity_poly_seq.entity_id 
_entity_poly_seq.num 
_entity_poly_seq.mon_id 
_entity_poly_seq.hetero 
1 1   MET n 
1 2   ALA n 
1 3   HIS n 
1 4   HIS n 
1 5   HIS n 
1 6   HIS n 
1 7   HIS n 
1 8   HIS n 
1 9   SER n 
1 10  LEU n 
1 11  SER n 
1 12  SER n 
1 13  PRO n 
1 14  TYR n 
1 15  ILE n 
1 16  LEU n 
1 17  VAL n 
1 18  LEU n 
1 19  TYR n 
1 20  TYR n 
1 21  SER n 
1 22  ARG n 
1 23  HIS n 
1 24  GLY n 
1 25  ALA n 
1 26  THR n 
1 27  ALA n 
1 28  GLU n 
1 29  MET n 
1 30  ALA n 
1 31  ARG n 
1 32  GLN n 
1 33  ILE n 
1 34  ALA n 
1 35  ARG n 
1 36  GLY n 
1 37  VAL n 
1 38  GLU n 
1 39  GLN n 
1 40  GLY n 
1 41  GLY n 
1 42  PHE n 
1 43  GLU n 
1 44  ALA n 
1 45  ARG n 
1 46  VAL n 
1 47  ARG n 
1 48  THR n 
1 49  VAL n 
1 50  PRO n 
1 51  ALA n 
1 52  VAL n 
1 53  SER n 
1 54  THR n 
1 55  GLU n 
1 56  CYS n 
1 57  GLU n 
1 58  ALA n 
1 59  VAL n 
1 60  ALA n 
1 61  PRO n 
1 62  ASP n 
1 63  ILE n 
1 64  PRO n 
1 65  ALA n 
1 66  GLU n 
1 67  GLY n 
1 68  ALA n 
1 69  LEU n 
1 70  TYR n 
1 71  ALA n 
1 72  THR n 
1 73  LEU n 
1 74  GLU n 
1 75  ASP n 
1 76  LEU n 
1 77  LYS n 
1 78  ASN n 
1 79  CYS n 
1 80  ALA n 
1 81  GLY n 
1 82  LEU n 
1 83  ALA n 
1 84  LEU n 
1 85  GLY n 
1 86  SER n 
1 87  PRO n 
1 88  THR n 
1 89  ARG n 
1 90  PHE n 
1 91  GLY n 
1 92  ASN n 
1 93  MET n 
1 94  ALA n 
1 95  SER n 
1 96  PRO n 
1 97  LEU n 
1 98  LYS n 
1 99  TYR n 
1 100 PHE n 
1 101 LEU n 
1 102 ASP n 
1 103 GLY n 
1 104 THR n 
1 105 SER n 
1 106 SER n 
1 107 LEU n 
1 108 TRP n 
1 109 LEU n 
1 110 THR n 
1 111 GLY n 
1 112 SER n 
1 113 LEU n 
1 114 VAL n 
1 115 GLY n 
1 116 LYS n 
1 117 PRO n 
1 118 ALA n 
1 119 ALA n 
1 120 VAL n 
1 121 PHE n 
1 122 THR n 
1 123 SER n 
1 124 THR n 
1 125 ALA n 
1 126 SER n 
1 127 LEU n 
1 128 HIS n 
1 129 GLY n 
1 130 GLY n 
1 131 GLN n 
1 132 GLU n 
1 133 THR n 
1 134 THR n 
1 135 GLN n 
1 136 LEU n 
1 137 SER n 
1 138 MET n 
1 139 LEU n 
1 140 LEU n 
1 141 PRO n 
1 142 LEU n 
1 143 LEU n 
1 144 HIS n 
1 145 HIS n 
1 146 GLY n 
1 147 MET n 
1 148 LEU n 
1 149 VAL n 
1 150 LEU n 
1 151 GLY n 
1 152 ILE n 
1 153 PRO n 
1 154 TYR n 
1 155 SER n 
1 156 GLU n 
1 157 PRO n 
1 158 ALA n 
1 159 LEU n 
1 160 LEU n 
1 161 GLU n 
1 162 THR n 
1 163 ARG n 
1 164 GLY n 
1 165 GLY n 
1 166 GLY n 
1 167 THR n 
1 168 PRO n 
1 169 TYR n 
1 170 GLY n 
1 171 ALA n 
1 172 SER n 
1 173 HIS n 
1 174 PHE n 
1 175 ALA n 
1 176 GLY n 
1 177 ALA n 
1 178 ASP n 
1 179 GLY n 
1 180 LYS n 
1 181 ARG n 
1 182 SER n 
1 183 LEU n 
1 184 ASP n 
1 185 GLU n 
1 186 HIS n 
1 187 GLU n 
1 188 LEU n 
1 189 THR n 
1 190 LEU n 
1 191 CYS n 
1 192 ARG n 
1 193 ALA n 
1 194 LEU n 
1 195 GLY n 
1 196 LYS n 
1 197 ARG n 
1 198 LEU n 
1 199 ALA n 
1 200 GLU n 
1 201 THR n 
1 202 ALA n 
1 203 GLY n 
1 204 LYS n 
1 205 LEU n 
1 206 GLU n 
1 207 GLY n 
# 
_entity_src_gen.entity_id                          1 
_entity_src_gen.pdbx_src_id                        1 
_entity_src_gen.pdbx_alt_source_flag               sample 
_entity_src_gen.pdbx_seq_type                      ? 
_entity_src_gen.pdbx_beg_seq_num                   ? 
_entity_src_gen.pdbx_end_seq_num                   ? 
_entity_src_gen.gene_src_common_name               ? 
_entity_src_gen.gene_src_genus                     Pseudomonas 
_entity_src_gen.pdbx_gene_src_gene                 wrba 
_entity_src_gen.gene_src_species                   ? 
_entity_src_gen.gene_src_strain                    ? 
_entity_src_gen.gene_src_tissue                    ? 
_entity_src_gen.gene_src_tissue_fraction           ? 
_entity_src_gen.gene_src_details                   ? 
_entity_src_gen.pdbx_gene_src_fragment             ? 
_entity_src_gen.pdbx_gene_src_scientific_name      'Pseudomonas aeruginosa' 
_entity_src_gen.pdbx_gene_src_ncbi_taxonomy_id     287 
_entity_src_gen.pdbx_gene_src_variant              ? 
_entity_src_gen.pdbx_gene_src_cell_line            ? 
_entity_src_gen.pdbx_gene_src_atcc                 ? 
_entity_src_gen.pdbx_gene_src_organ                ? 
_entity_src_gen.pdbx_gene_src_organelle            ? 
_entity_src_gen.pdbx_gene_src_cell                 ? 
_entity_src_gen.pdbx_gene_src_cellular_location    ? 
_entity_src_gen.host_org_common_name               ? 
_entity_src_gen.pdbx_host_org_scientific_name      'Escherichia coli BL21(DE3)' 
_entity_src_gen.pdbx_host_org_ncbi_taxonomy_id     469008 
_entity_src_gen.host_org_genus                     Escherichia 
_entity_src_gen.pdbx_host_org_gene                 ? 
_entity_src_gen.pdbx_host_org_organ                ? 
_entity_src_gen.host_org_species                   'Escherichia coli' 
_entity_src_gen.pdbx_host_org_tissue               ? 
_entity_src_gen.pdbx_host_org_tissue_fraction      ? 
_entity_src_gen.pdbx_host_org_strain               Bl21DE3 
_entity_src_gen.pdbx_host_org_variant              ? 
_entity_src_gen.pdbx_host_org_cell_line            ? 
_entity_src_gen.pdbx_host_org_atcc                 ? 
_entity_src_gen.pdbx_host_org_culture_collection   ? 
_entity_src_gen.pdbx_host_org_cell                 ? 
_entity_src_gen.pdbx_host_org_organelle            ? 
_entity_src_gen.pdbx_host_org_cellular_location    ? 
_entity_src_gen.pdbx_host_org_vector_type          Plasmid 
_entity_src_gen.pdbx_host_org_vector               ? 
_entity_src_gen.host_org_details                   ? 
_entity_src_gen.expression_system_id               ? 
_entity_src_gen.plasmid_name                       pET26 
_entity_src_gen.plasmid_details                    ? 
_entity_src_gen.pdbx_description                   ? 
# 
_struct_ref.id                         1 
_struct_ref.db_name                    UNP 
_struct_ref.db_code                    Q9I509_PSEAE 
_struct_ref.pdbx_db_accession          Q9I509 
_struct_ref.entity_id                  1 
_struct_ref.pdbx_seq_one_letter_code   
;SSPYILVLYYSRHGATAEMARQIARGVEQGGFEARVRTVPAVSTECEAVAPDIPAEGALYATLEDLKNCAGLALGSPTRF
GNMASPLKYFLDGTSSLWLTGSLVGKPAAVFTSTASLHGGQETTQLSMLLPLLHHGMLVLGIPYSEPALLETRGGGTPYG
ASHFAGADGKRSLDEHELTLCRALGKRLAETAGKL
;
_struct_ref.pdbx_align_begin           2 
_struct_ref.pdbx_db_isoform            ? 
# 
_struct_ref_seq.align_id                      1 
_struct_ref_seq.ref_id                        1 
_struct_ref_seq.pdbx_PDB_id_code              1ZWL 
_struct_ref_seq.pdbx_strand_id                A 
_struct_ref_seq.seq_align_beg                 11 
_struct_ref_seq.pdbx_seq_align_beg_ins_code   ? 
_struct_ref_seq.seq_align_end                 205 
_struct_ref_seq.pdbx_seq_align_end_ins_code   ? 
_struct_ref_seq.pdbx_db_accession             Q9I509 
_struct_ref_seq.db_align_beg                  2 
_struct_ref_seq.pdbx_db_align_beg_ins_code    ? 
_struct_ref_seq.db_align_end                  196 
_struct_ref_seq.pdbx_db_align_end_ins_code    ? 
_struct_ref_seq.pdbx_auth_seq_align_beg       2 
_struct_ref_seq.pdbx_auth_seq_align_end       196 
# 
loop_
_struct_ref_seq_dif.align_id 
_struct_ref_seq_dif.pdbx_pdb_id_code 
_struct_ref_seq_dif.mon_id 
_struct_ref_seq_dif.pdbx_pdb_strand_id 
_struct_ref_seq_dif.seq_num 
_struct_ref_seq_dif.pdbx_pdb_ins_code 
_struct_ref_seq_dif.pdbx_seq_db_name 
_struct_ref_seq_dif.pdbx_seq_db_accession_code 
_struct_ref_seq_dif.db_mon_id 
_struct_ref_seq_dif.pdbx_seq_db_seq_num 
_struct_ref_seq_dif.details 
_struct_ref_seq_dif.pdbx_auth_seq_num 
_struct_ref_seq_dif.pdbx_ordinal 
1 1ZWL MET A 1   ? UNP Q9I509 ? ? 'cloning artifact' -8  1  
1 1ZWL ALA A 2   ? UNP Q9I509 ? ? 'cloning artifact' -7  2  
1 1ZWL HIS A 3   ? UNP Q9I509 ? ? 'expression tag'   -6  3  
1 1ZWL HIS A 4   ? UNP Q9I509 ? ? 'expression tag'   -5  4  
1 1ZWL HIS A 5   ? UNP Q9I509 ? ? 'expression tag'   -4  5  
1 1ZWL HIS A 6   ? UNP Q9I509 ? ? 'expression tag'   -3  6  
1 1ZWL HIS A 7   ? UNP Q9I509 ? ? 'expression tag'   -2  7  
1 1ZWL HIS A 8   ? UNP Q9I509 ? ? 'expression tag'   -1  8  
1 1ZWL SER A 9   ? UNP Q9I509 ? ? 'cloning artifact' 0   9  
1 1ZWL LEU A 10  ? UNP Q9I509 ? ? 'cloning artifact' 1   10 
1 1ZWL GLU A 206 ? UNP Q9I509 ? ? 'cloning artifact' 197 11 
1 1ZWL GLY A 207 ? UNP Q9I509 ? ? 'cloning artifact' 198 12 
# 
loop_
_chem_comp.id 
_chem_comp.type 
_chem_comp.mon_nstd_flag 
_chem_comp.name 
_chem_comp.pdbx_synonyms 
_chem_comp.formula 
_chem_comp.formula_weight 
ALA 'L-peptide linking' y ALANINE                 ?                          'C3 H7 N O2'      89.093  
ARG 'L-peptide linking' y ARGININE                ?                          'C6 H15 N4 O2 1'  175.209 
ASN 'L-peptide linking' y ASPARAGINE              ?                          'C4 H8 N2 O3'     132.118 
ASP 'L-peptide linking' y 'ASPARTIC ACID'         ?                          'C4 H7 N O4'      133.103 
CYS 'L-peptide linking' y CYSTEINE                ?                          'C3 H7 N O2 S'    121.158 
FMN non-polymer         . 'FLAVIN MONONUCLEOTIDE' 'RIBOFLAVIN MONOPHOSPHATE' 'C17 H21 N4 O9 P' 456.344 
GLN 'L-peptide linking' y GLUTAMINE               ?                          'C5 H10 N2 O3'    146.144 
GLU 'L-peptide linking' y 'GLUTAMIC ACID'         ?                          'C5 H9 N O4'      147.129 
GLY 'peptide linking'   y GLYCINE                 ?                          'C2 H5 N O2'      75.067  
HIS 'L-peptide linking' y HISTIDINE               ?                          'C6 H10 N3 O2 1'  156.162 
HOH non-polymer         . WATER                   ?                          'H2 O'            18.015  
ILE 'L-peptide linking' y ISOLEUCINE              ?                          'C6 H13 N O2'     131.173 
LEU 'L-peptide linking' y LEUCINE                 ?                          'C6 H13 N O2'     131.173 
LYS 'L-peptide linking' y LYSINE                  ?                          'C6 H15 N2 O2 1'  147.195 
MET 'L-peptide linking' y METHIONINE              ?                          'C5 H11 N O2 S'   149.211 
PHE 'L-peptide linking' y PHENYLALANINE           ?                          'C9 H11 N O2'     165.189 
PRO 'L-peptide linking' y PROLINE                 ?                          'C5 H9 N O2'      115.130 
SER 'L-peptide linking' y SERINE                  ?                          'C3 H7 N O3'      105.093 
THR 'L-peptide linking' y THREONINE               ?                          'C4 H9 N O3'      119.119 
TRP 'L-peptide linking' y TRYPTOPHAN              ?                          'C11 H12 N2 O2'   204.225 
TYR 'L-peptide linking' y TYROSINE                ?                          'C9 H11 N O3'     181.189 
VAL 'L-peptide linking' y VALINE                  ?                          'C5 H11 N O2'     117.146 
# 
_exptl.entry_id          1ZWL 
_exptl.method            'X-RAY DIFFRACTION' 
_exptl.crystals_number   1 
# 
_exptl_crystal.id                    1 
_exptl_crystal.density_meas          ? 
_exptl_crystal.density_Matthews      2.81 
_exptl_crystal.density_percent_sol   55.86 
_exptl_crystal.description           ? 
_exptl_crystal.F_000                 ? 
_exptl_crystal.preparation           ? 
# 
_exptl_crystal_grow.crystal_id      1 
_exptl_crystal_grow.method          'VAPOR DIFFUSION, HANGING DROP' 
_exptl_crystal_grow.temp            293 
_exptl_crystal_grow.temp_details    ? 
_exptl_crystal_grow.pH              6 
_exptl_crystal_grow.pdbx_details    
'16% PEG 3350, .12M MgCl, .1M Bis pH 6.0, .003M FMN, VAPOR DIFFUSION, HANGING DROP, temperature 293K' 
_exptl_crystal_grow.pdbx_pH_range   . 
# 
_diffrn.id                     1 
_diffrn.ambient_temp           100 
_diffrn.ambient_temp_details   ? 
_diffrn.crystal_id             1 
# 
_diffrn_detector.diffrn_id              1 
_diffrn_detector.detector               CCD 
_diffrn_detector.type                   'ADSC QUANTUM 315' 
_diffrn_detector.pdbx_collection_date   2005-04-15 
_diffrn_detector.details                ? 
# 
_diffrn_radiation.diffrn_id                        1 
_diffrn_radiation.wavelength_id                    1 
_diffrn_radiation.pdbx_monochromatic_or_laue_m_l   M 
_diffrn_radiation.monochromator                    'SI(111)' 
_diffrn_radiation.pdbx_diffrn_protocol             'SINGLE WAVELENGTH' 
_diffrn_radiation.pdbx_scattering_type             x-ray 
# 
_diffrn_radiation_wavelength.id           1 
_diffrn_radiation_wavelength.wavelength   0.9791 
_diffrn_radiation_wavelength.wt           1.0 
# 
_diffrn_source.diffrn_id                   1 
_diffrn_source.source                      SYNCHROTRON 
_diffrn_source.type                        'NSLS BEAMLINE X29A' 
_diffrn_source.pdbx_synchrotron_site       NSLS 
_diffrn_source.pdbx_synchrotron_beamline   X29A 
_diffrn_source.pdbx_wavelength             ? 
_diffrn_source.pdbx_wavelength_list        0.9791 
# 
_reflns.entry_id                     1ZWL 
_reflns.observed_criterion_sigma_F   0 
_reflns.observed_criterion_sigma_I   -3 
_reflns.d_resolution_high            2.8 
_reflns.d_resolution_low             20 
_reflns.number_all                   5616 
_reflns.number_obs                   5616 
_reflns.percent_possible_obs         99.2 
_reflns.pdbx_Rmerge_I_obs            0.11 
_reflns.pdbx_Rsym_value              ? 
_reflns.pdbx_netI_over_sigmaI        14.8 
_reflns.B_iso_Wilson_estimate        ? 
_reflns.pdbx_redundancy              6.2 
_reflns.R_free_details               ? 
_reflns.limit_h_max                  ? 
_reflns.limit_h_min                  ? 
_reflns.limit_k_max                  ? 
_reflns.limit_k_min                  ? 
_reflns.limit_l_max                  ? 
_reflns.limit_l_min                  ? 
_reflns.observed_criterion_F_max     ? 
_reflns.observed_criterion_F_min     ? 
_reflns.pdbx_chi_squared             ? 
_reflns.pdbx_scaling_rejects         ? 
_reflns.pdbx_ordinal                 1 
_reflns.pdbx_diffrn_id               1 
# 
_reflns_shell.d_res_high             2.8 
_reflns_shell.d_res_low              2.9 
_reflns_shell.percent_possible_all   93.3 
_reflns_shell.Rmerge_I_obs           0.277 
_reflns_shell.pdbx_Rsym_value        0.0512 
_reflns_shell.meanI_over_sigI_obs    3.93 
_reflns_shell.pdbx_redundancy        4.7 
_reflns_shell.percent_possible_obs   ? 
_reflns_shell.number_unique_all      ? 
_reflns_shell.number_measured_all    ? 
_reflns_shell.number_measured_obs    ? 
_reflns_shell.number_unique_obs      ? 
_reflns_shell.pdbx_chi_squared       ? 
_reflns_shell.pdbx_ordinal           1 
_reflns_shell.pdbx_diffrn_id         1 
# 
_refine.entry_id                                 1ZWL 
_refine.ls_number_reflns_obs                     5602 
_refine.ls_number_reflns_all                     5602 
_refine.pdbx_ls_sigma_I                          -3 
_refine.pdbx_ls_sigma_F                          0 
_refine.pdbx_data_cutoff_high_absF               ? 
_refine.pdbx_data_cutoff_low_absF                ? 
_refine.pdbx_data_cutoff_high_rms_absF           ? 
_refine.ls_d_res_low                             20 
_refine.ls_d_res_high                            2.80 
_refine.ls_percent_reflns_obs                    98.78 
_refine.ls_R_factor_obs                          0.19858 
_refine.ls_R_factor_all                          0.19858 
_refine.ls_R_factor_R_work                       0.19693 
_refine.ls_R_factor_R_free                       0.23594 
_refine.ls_R_factor_R_free_error                 ? 
_refine.ls_R_factor_R_free_error_details         ? 
_refine.ls_percent_reflns_R_free                 4.5 
_refine.ls_number_reflns_R_free                  253 
_refine.ls_number_parameters                     ? 
_refine.ls_number_restraints                     ? 
_refine.occupancy_min                            ? 
_refine.occupancy_max                            ? 
_refine.correlation_coeff_Fo_to_Fc               0.950 
_refine.correlation_coeff_Fo_to_Fc_free          0.920 
_refine.B_iso_mean                               57.496 
_refine.aniso_B[1][1]                            2.08 
_refine.aniso_B[2][2]                            2.08 
_refine.aniso_B[3][3]                            -4.17 
_refine.aniso_B[1][2]                            0.00 
_refine.aniso_B[1][3]                            0.00 
_refine.aniso_B[2][3]                            0.00 
_refine.solvent_model_details                    'BABINET MODEL WITH MASK' 
_refine.solvent_model_param_ksol                 ? 
_refine.solvent_model_param_bsol                 ? 
_refine.pdbx_solvent_vdw_probe_radii             1.20 
_refine.pdbx_solvent_ion_probe_radii             0.80 
_refine.pdbx_solvent_shrinkage_radii             0.80 
_refine.pdbx_ls_cross_valid_method               THROUGHOUT 
_refine.details                                  'HYDROGENS HAVE BEEN ADDED IN THE RIDING POSITIONS' 
_refine.pdbx_starting_model                      1YDG 
_refine.pdbx_method_to_determine_struct          'MOLECULAR REPLACEMENT' 
_refine.pdbx_isotropic_thermal_model             ? 
_refine.pdbx_stereochemistry_target_values       'MAXIMUM LIKELIHOOD' 
_refine.pdbx_stereochem_target_val_spec_case     ? 
_refine.pdbx_R_Free_selection_details            RANDOM 
_refine.pdbx_overall_ESU_R                       ? 
_refine.pdbx_overall_ESU_R_Free                  0.338 
_refine.overall_SU_ML                            0.249 
_refine.overall_SU_B                             12.931 
_refine.ls_redundancy_reflns_obs                 ? 
_refine.B_iso_min                                ? 
_refine.B_iso_max                                ? 
_refine.overall_SU_R_Cruickshank_DPI             ? 
_refine.overall_SU_R_free                        ? 
_refine.ls_wR_factor_R_free                      ? 
_refine.ls_wR_factor_R_work                      ? 
_refine.overall_FOM_free_R_set                   ? 
_refine.overall_FOM_work_R_set                   ? 
_refine.pdbx_refine_id                           'X-RAY DIFFRACTION' 
_refine.pdbx_diffrn_id                           1 
_refine.pdbx_TLS_residual_ADP_flag               ? 
_refine.pdbx_overall_phase_error                 ? 
_refine.pdbx_overall_SU_R_free_Cruickshank_DPI   ? 
_refine.pdbx_overall_SU_R_Blow_DPI               ? 
_refine.pdbx_overall_SU_R_free_Blow_DPI          ? 
# 
_refine_hist.pdbx_refine_id                   'X-RAY DIFFRACTION' 
_refine_hist.cycle_id                         LAST 
_refine_hist.pdbx_number_atoms_protein        1277 
_refine_hist.pdbx_number_atoms_nucleic_acid   0 
_refine_hist.pdbx_number_atoms_ligand         31 
_refine_hist.number_atoms_solvent             34 
_refine_hist.number_atoms_total               1342 
_refine_hist.d_res_high                       2.80 
_refine_hist.d_res_low                        20 
# 
loop_
_refine_ls_restr.type 
_refine_ls_restr.dev_ideal 
_refine_ls_restr.dev_ideal_target 
_refine_ls_restr.weight 
_refine_ls_restr.number 
_refine_ls_restr.pdbx_refine_id 
_refine_ls_restr.pdbx_restraint_function 
r_bond_refined_d             0.010  0.021  ? 1336 'X-RAY DIFFRACTION' ? 
r_bond_other_d               ?      ?      ? ?    'X-RAY DIFFRACTION' ? 
r_angle_refined_deg          1.334  2.010  ? 1812 'X-RAY DIFFRACTION' ? 
r_angle_other_deg            ?      ?      ? ?    'X-RAY DIFFRACTION' ? 
r_dihedral_angle_1_deg       5.701  5.000  ? 169  'X-RAY DIFFRACTION' ? 
r_dihedral_angle_2_deg       29.531 22.128 ? 47   'X-RAY DIFFRACTION' ? 
r_dihedral_angle_3_deg       16.860 15.000 ? 208  'X-RAY DIFFRACTION' ? 
r_dihedral_angle_4_deg       22.168 15.000 ? 9    'X-RAY DIFFRACTION' ? 
r_chiral_restr               0.092  0.200  ? 204  'X-RAY DIFFRACTION' ? 
r_gen_planes_refined         0.004  0.020  ? 981  'X-RAY DIFFRACTION' ? 
r_gen_planes_other           ?      ?      ? ?    'X-RAY DIFFRACTION' ? 
r_nbd_refined                0.219  0.200  ? 650  'X-RAY DIFFRACTION' ? 
r_nbd_other                  ?      ?      ? ?    'X-RAY DIFFRACTION' ? 
r_nbtor_refined              0.308  0.200  ? 914  'X-RAY DIFFRACTION' ? 
r_nbtor_other                ?      ?      ? ?    'X-RAY DIFFRACTION' ? 
r_xyhbond_nbd_refined        0.189  0.200  ? 62   'X-RAY DIFFRACTION' ? 
r_xyhbond_nbd_other          ?      ?      ? ?    'X-RAY DIFFRACTION' ? 
r_metal_ion_refined          ?      ?      ? ?    'X-RAY DIFFRACTION' ? 
r_metal_ion_other            ?      ?      ? ?    'X-RAY DIFFRACTION' ? 
r_symmetry_vdw_refined       0.241  0.200  ? 45   'X-RAY DIFFRACTION' ? 
r_symmetry_vdw_other         ?      ?      ? ?    'X-RAY DIFFRACTION' ? 
r_symmetry_hbond_refined     0.116  0.200  ? 10   'X-RAY DIFFRACTION' ? 
r_symmetry_hbond_other       ?      ?      ? ?    'X-RAY DIFFRACTION' ? 
r_symmetry_metal_ion_refined ?      ?      ? ?    'X-RAY DIFFRACTION' ? 
r_symmetry_metal_ion_other   ?      ?      ? ?    'X-RAY DIFFRACTION' ? 
r_mcbond_it                  0.687  1.500  ? 860  'X-RAY DIFFRACTION' ? 
r_mcbond_other               ?      ?      ? ?    'X-RAY DIFFRACTION' ? 
r_mcangle_it                 1.238  2.000  ? 1331 'X-RAY DIFFRACTION' ? 
r_scbond_it                  1.279  3.000  ? 562  'X-RAY DIFFRACTION' ? 
r_scangle_it                 2.225  4.500  ? 481  'X-RAY DIFFRACTION' ? 
r_rigid_bond_restr           ?      ?      ? ?    'X-RAY DIFFRACTION' ? 
r_sphericity_free            ?      ?      ? ?    'X-RAY DIFFRACTION' ? 
r_sphericity_bonded          ?      ?      ? ?    'X-RAY DIFFRACTION' ? 
# 
_refine_ls_shell.pdbx_total_number_of_bins_used   20 
_refine_ls_shell.d_res_high                       2.80 
_refine_ls_shell.d_res_low                        2.874 
_refine_ls_shell.number_reflns_R_work             358 
_refine_ls_shell.R_factor_R_work                  0.233 
_refine_ls_shell.percent_reflns_obs               91.87 
_refine_ls_shell.R_factor_R_free                  0.305 
_refine_ls_shell.R_factor_R_free_error            ? 
_refine_ls_shell.percent_reflns_R_free            ? 
_refine_ls_shell.number_reflns_R_free             15 
_refine_ls_shell.number_reflns_obs                ? 
_refine_ls_shell.redundancy_reflns_obs            ? 
_refine_ls_shell.number_reflns_all                ? 
_refine_ls_shell.pdbx_refine_id                   'X-RAY DIFFRACTION' 
_refine_ls_shell.R_factor_all                     ? 
# 
_struct.entry_id                  1ZWL 
_struct.title                     'Structure of WrbA from Pseudomonas aeruginosa in complex with FMN' 
_struct.pdbx_model_details        ? 
_struct.pdbx_CASP_flag            ? 
_struct.pdbx_model_type_details   ? 
# 
_struct_keywords.entry_id        1ZWL 
_struct_keywords.pdbx_keywords   'PROTEIN BINDING' 
_struct_keywords.text            
;WrbA, FMN, Structural Genomics, PSI, Protein Structure Initiative, New York SGX Research Center for Structural Genomics, NYSGXRC, PROTEIN BINDING
;
# 
loop_
_struct_asym.id 
_struct_asym.pdbx_blank_PDB_chainid_flag 
_struct_asym.pdbx_modified 
_struct_asym.entity_id 
_struct_asym.details 
A N N 1 ? 
B N N 2 ? 
C N N 3 ? 
# 
_struct_biol.id                    1 
_struct_biol.details               
;The biological assembly is a tetramer formed with the symmetry operators 
2_565 
5_556 
6_566
;
_struct_biol.pdbx_parent_biol_id   ? 
# 
loop_
_struct_conf.conf_type_id 
_struct_conf.id 
_struct_conf.pdbx_PDB_helix_id 
_struct_conf.beg_label_comp_id 
_struct_conf.beg_label_asym_id 
_struct_conf.beg_label_seq_id 
_struct_conf.pdbx_beg_PDB_ins_code 
_struct_conf.end_label_comp_id 
_struct_conf.end_label_asym_id 
_struct_conf.end_label_seq_id 
_struct_conf.pdbx_end_PDB_ins_code 
_struct_conf.beg_auth_comp_id 
_struct_conf.beg_auth_asym_id 
_struct_conf.beg_auth_seq_id 
_struct_conf.end_auth_comp_id 
_struct_conf.end_auth_asym_id 
_struct_conf.end_auth_seq_id 
_struct_conf.pdbx_PDB_helix_class 
_struct_conf.details 
_struct_conf.pdbx_PDB_helix_length 
HELX_P HELX_P1 1 GLY A 24  ? GLN A 39  ? GLY A 15  GLN A 30  1 ? 16 
HELX_P HELX_P2 2 THR A 72  ? ASN A 78  ? THR A 63  ASN A 69  1 ? 7  
HELX_P HELX_P3 3 ALA A 94  ? ASP A 102 ? ALA A 85  ASP A 93  1 ? 9  
HELX_P HELX_P4 4 THR A 104 ? GLY A 111 ? THR A 95  GLY A 102 1 ? 8  
HELX_P HELX_P5 5 GLY A 130 ? HIS A 145 ? GLY A 121 HIS A 136 1 ? 16 
HELX_P HELX_P6 6 ASP A 184 ? LEU A 205 ? ASP A 175 LEU A 196 1 ? 22 
# 
_struct_conf_type.id          HELX_P 
_struct_conf_type.criteria    ? 
_struct_conf_type.reference   ? 
# 
loop_
_struct_sheet.id 
_struct_sheet.type 
_struct_sheet.number_strands 
_struct_sheet.details 
A ? 5 ? 
B ? 5 ? 
# 
loop_
_struct_sheet_order.sheet_id 
_struct_sheet_order.range_id_1 
_struct_sheet_order.range_id_2 
_struct_sheet_order.offset 
_struct_sheet_order.sense 
A 1 2 ? parallel 
A 2 3 ? parallel 
A 3 4 ? parallel 
A 4 5 ? parallel 
B 1 2 ? parallel 
B 2 3 ? parallel 
B 3 4 ? parallel 
B 4 5 ? parallel 
# 
loop_
_struct_sheet_range.sheet_id 
_struct_sheet_range.id 
_struct_sheet_range.beg_label_comp_id 
_struct_sheet_range.beg_label_asym_id 
_struct_sheet_range.beg_label_seq_id 
_struct_sheet_range.pdbx_beg_PDB_ins_code 
_struct_sheet_range.end_label_comp_id 
_struct_sheet_range.end_label_asym_id 
_struct_sheet_range.end_label_seq_id 
_struct_sheet_range.pdbx_end_PDB_ins_code 
_struct_sheet_range.beg_auth_comp_id 
_struct_sheet_range.beg_auth_asym_id 
_struct_sheet_range.beg_auth_seq_id 
_struct_sheet_range.end_auth_comp_id 
_struct_sheet_range.end_auth_asym_id 
_struct_sheet_range.end_auth_seq_id 
A 1 GLU A 43  ? THR A 48  ? GLU A 34  THR A 39  
A 2 TYR A 14  ? TYR A 19  ? TYR A 5   TYR A 10  
A 3 LEU A 82  ? PRO A 87  ? LEU A 73  PRO A 78  
A 4 PRO A 117 ? THR A 124 ? PRO A 108 THR A 115 
A 5 LEU A 148 ? VAL A 149 ? LEU A 139 VAL A 140 
B 1 GLU A 43  ? THR A 48  ? GLU A 34  THR A 39  
B 2 TYR A 14  ? TYR A 19  ? TYR A 5   TYR A 10  
B 3 LEU A 82  ? PRO A 87  ? LEU A 73  PRO A 78  
B 4 PRO A 117 ? THR A 124 ? PRO A 108 THR A 115 
B 5 GLY A 170 ? PHE A 174 ? GLY A 161 PHE A 165 
# 
loop_
_pdbx_struct_sheet_hbond.sheet_id 
_pdbx_struct_sheet_hbond.range_id_1 
_pdbx_struct_sheet_hbond.range_id_2 
_pdbx_struct_sheet_hbond.range_1_label_atom_id 
_pdbx_struct_sheet_hbond.range_1_label_comp_id 
_pdbx_struct_sheet_hbond.range_1_label_asym_id 
_pdbx_struct_sheet_hbond.range_1_label_seq_id 
_pdbx_struct_sheet_hbond.range_1_PDB_ins_code 
_pdbx_struct_sheet_hbond.range_1_auth_atom_id 
_pdbx_struct_sheet_hbond.range_1_auth_comp_id 
_pdbx_struct_sheet_hbond.range_1_auth_asym_id 
_pdbx_struct_sheet_hbond.range_1_auth_seq_id 
_pdbx_struct_sheet_hbond.range_2_label_atom_id 
_pdbx_struct_sheet_hbond.range_2_label_comp_id 
_pdbx_struct_sheet_hbond.range_2_label_asym_id 
_pdbx_struct_sheet_hbond.range_2_label_seq_id 
_pdbx_struct_sheet_hbond.range_2_PDB_ins_code 
_pdbx_struct_sheet_hbond.range_2_auth_atom_id 
_pdbx_struct_sheet_hbond.range_2_auth_comp_id 
_pdbx_struct_sheet_hbond.range_2_auth_asym_id 
_pdbx_struct_sheet_hbond.range_2_auth_seq_id 
A 1 2 O ARG A 45  ? O ARG A 36  N VAL A 17  ? N VAL A 8   
A 2 3 N LEU A 16  ? N LEU A 7   O ALA A 83  ? O ALA A 74  
A 3 4 N LEU A 84  ? N LEU A 75  O ALA A 119 ? O ALA A 110 
A 4 5 N ALA A 118 ? N ALA A 109 O LEU A 148 ? O LEU A 139 
B 1 2 O ARG A 45  ? O ARG A 36  N VAL A 17  ? N VAL A 8   
B 2 3 N LEU A 16  ? N LEU A 7   O ALA A 83  ? O ALA A 74  
B 3 4 N LEU A 84  ? N LEU A 75  O ALA A 119 ? O ALA A 110 
B 4 5 N THR A 124 ? N THR A 115 O HIS A 173 ? O HIS A 164 
# 
_struct_site.id                   AC1 
_struct_site.pdbx_evidence_code   Software 
_struct_site.pdbx_auth_asym_id    A 
_struct_site.pdbx_auth_comp_id    FMN 
_struct_site.pdbx_auth_seq_id     199 
_struct_site.pdbx_auth_ins_code   ? 
_struct_site.pdbx_num_residues    18 
_struct_site.details              'BINDING SITE FOR RESIDUE FMN A 199' 
# 
loop_
_struct_site_gen.id 
_struct_site_gen.site_id 
_struct_site_gen.pdbx_num_res 
_struct_site_gen.label_comp_id 
_struct_site_gen.label_asym_id 
_struct_site_gen.label_seq_id 
_struct_site_gen.pdbx_auth_ins_code 
_struct_site_gen.auth_comp_id 
_struct_site_gen.auth_asym_id 
_struct_site_gen.auth_seq_id 
_struct_site_gen.label_atom_id 
_struct_site_gen.label_alt_id 
_struct_site_gen.symmetry 
_struct_site_gen.details 
1  AC1 18 SER A 21  ? SER A 12  . ? 1_555 ? 
2  AC1 18 ARG A 22  ? ARG A 13  . ? 1_555 ? 
3  AC1 18 HIS A 23  ? HIS A 14  . ? 1_555 ? 
4  AC1 18 GLY A 24  ? GLY A 15  . ? 1_555 ? 
5  AC1 18 ALA A 25  ? ALA A 16  . ? 1_555 ? 
6  AC1 18 THR A 26  ? THR A 17  . ? 1_555 ? 
7  AC1 18 PRO A 87  ? PRO A 78  . ? 1_555 ? 
8  AC1 18 THR A 88  ? THR A 79  . ? 1_555 ? 
9  AC1 18 ARG A 89  ? ARG A 80  . ? 1_555 ? 
10 AC1 18 PHE A 90  ? PHE A 81  . ? 1_555 ? 
11 AC1 18 ASP A 102 ? ASP A 93  . ? 2_565 ? 
12 AC1 18 SER A 105 ? SER A 96  . ? 2_565 ? 
13 AC1 18 SER A 123 ? SER A 114 . ? 1_555 ? 
14 AC1 18 THR A 124 ? THR A 115 . ? 1_555 ? 
15 AC1 18 ALA A 125 ? ALA A 116 . ? 1_555 ? 
16 AC1 18 SER A 126 ? SER A 117 . ? 1_555 ? 
17 AC1 18 GLY A 129 ? GLY A 120 . ? 1_555 ? 
18 AC1 18 HIS A 144 ? HIS A 135 . ? 2_565 ? 
# 
_atom_sites.entry_id                    1ZWL 
_atom_sites.fract_transf_matrix[1][1]   0.00361805 
_atom_sites.fract_transf_matrix[1][2]   -0.01026702 
_atom_sites.fract_transf_matrix[1][3]   -0.00814884 
_atom_sites.fract_transf_matrix[2][1]   0.01306926 
_atom_sites.fract_transf_matrix[2][2]   0.00217754 
_atom_sites.fract_transf_matrix[2][3]   0.00305914 
_atom_sites.fract_transf_matrix[3][1]   -0.00094536 
_atom_sites.fract_transf_matrix[3][2]   -0.00813410 
_atom_sites.fract_transf_matrix[3][3]   0.00982871 
_atom_sites.fract_transf_vector[1]      -0.161263 
_atom_sites.fract_transf_vector[2]      0.396496 
_atom_sites.fract_transf_vector[3]      0.354499 
# 
loop_
_atom_type.symbol 
C 
N 
O 
P 
S 
# 
loop_
_atom_site.group_PDB 
_atom_site.id 
_atom_site.type_symbol 
_atom_site.label_atom_id 
_atom_site.label_alt_id 
_atom_site.label_comp_id 
_atom_site.label_asym_id 
_atom_site.label_entity_id 
_atom_site.label_seq_id 
_atom_site.pdbx_PDB_ins_code 
_atom_site.Cartn_x 
_atom_site.Cartn_y 
_atom_site.Cartn_z 
_atom_site.occupancy 
_atom_site.B_iso_or_equiv 
_atom_site.pdbx_formal_charge 
_atom_site.auth_seq_id 
_atom_site.auth_comp_id 
_atom_site.auth_asym_id 
_atom_site.auth_atom_id 
_atom_site.pdbx_PDB_model_num 
ATOM   1    N N     . PRO A 1 13  ? -0.193  15.426  9.163   1.00 58.27 ? 4   PRO A N     1 
ATOM   2    C CA    . PRO A 1 13  ? -1.645  15.251  9.050   1.00 57.94 ? 4   PRO A CA    1 
ATOM   3    C C     . PRO A 1 13  ? -2.091  14.319  7.890   1.00 57.48 ? 4   PRO A C     1 
ATOM   4    O O     . PRO A 1 13  ? -3.304  14.079  7.729   1.00 57.39 ? 4   PRO A O     1 
ATOM   5    C CB    . PRO A 1 13  ? -2.150  16.684  8.828   1.00 57.76 ? 4   PRO A CB    1 
ATOM   6    C CG    . PRO A 1 13  ? -1.030  17.360  8.092   1.00 58.68 ? 4   PRO A CG    1 
ATOM   7    C CD    . PRO A 1 13  ? 0.265   16.696  8.557   1.00 58.66 ? 4   PRO A CD    1 
ATOM   8    N N     . TYR A 1 14  ? -1.135  13.794  7.106   1.00 56.52 ? 5   TYR A N     1 
ATOM   9    C CA    . TYR A 1 14  ? -1.463  12.791  6.060   1.00 55.40 ? 5   TYR A CA    1 
ATOM   10   C C     . TYR A 1 14  ? -0.763  11.409  6.109   1.00 54.76 ? 5   TYR A C     1 
ATOM   11   O O     . TYR A 1 14  ? 0.406   11.272  6.518   1.00 54.71 ? 5   TYR A O     1 
ATOM   12   C CB    . TYR A 1 14  ? -1.369  13.380  4.637   1.00 55.22 ? 5   TYR A CB    1 
ATOM   13   C CG    . TYR A 1 14  ? 0.015   13.547  4.064   1.00 54.95 ? 5   TYR A CG    1 
ATOM   14   C CD1   . TYR A 1 14  ? 0.551   12.602  3.188   1.00 54.80 ? 5   TYR A CD1   1 
ATOM   15   C CD2   . TYR A 1 14  ? 0.779   14.670  4.368   1.00 54.55 ? 5   TYR A CD2   1 
ATOM   16   C CE1   . TYR A 1 14  ? 1.820   12.774  2.642   1.00 54.43 ? 5   TYR A CE1   1 
ATOM   17   C CE2   . TYR A 1 14  ? 2.042   14.850  3.829   1.00 53.86 ? 5   TYR A CE2   1 
ATOM   18   C CZ    . TYR A 1 14  ? 2.559   13.904  2.973   1.00 54.73 ? 5   TYR A CZ    1 
ATOM   19   O OH    . TYR A 1 14  ? 3.820   14.098  2.461   1.00 55.62 ? 5   TYR A OH    1 
ATOM   20   N N     . ILE A 1 15  ? -1.517  10.393  5.686   1.00 53.51 ? 6   ILE A N     1 
ATOM   21   C CA    . ILE A 1 15  ? -0.973  9.085   5.367   1.00 52.49 ? 6   ILE A CA    1 
ATOM   22   C C     . ILE A 1 15  ? -0.816  9.019   3.847   1.00 52.43 ? 6   ILE A C     1 
ATOM   23   O O     . ILE A 1 15  ? -1.771  9.308   3.115   1.00 52.89 ? 6   ILE A O     1 
ATOM   24   C CB    . ILE A 1 15  ? -1.899  7.961   5.858   1.00 51.92 ? 6   ILE A CB    1 
ATOM   25   C CG1   . ILE A 1 15  ? -1.965  7.953   7.387   1.00 51.56 ? 6   ILE A CG1   1 
ATOM   26   C CG2   . ILE A 1 15  ? -1.442  6.618   5.345   1.00 51.76 ? 6   ILE A CG2   1 
ATOM   27   C CD1   . ILE A 1 15  ? -0.611  7.959   8.086   1.00 49.76 ? 6   ILE A CD1   1 
ATOM   28   N N     . LEU A 1 16  ? 0.380   8.674   3.370   1.00 51.47 ? 7   LEU A N     1 
ATOM   29   C CA    . LEU A 1 16  ? 0.580   8.461   1.947   1.00 50.47 ? 7   LEU A CA    1 
ATOM   30   C C     . LEU A 1 16  ? 0.025   7.099   1.551   1.00 50.17 ? 7   LEU A C     1 
ATOM   31   O O     . LEU A 1 16  ? 0.339   6.075   2.163   1.00 50.02 ? 7   LEU A O     1 
ATOM   32   C CB    . LEU A 1 16  ? 2.055   8.570   1.577   1.00 50.36 ? 7   LEU A CB    1 
ATOM   33   C CG    . LEU A 1 16  ? 2.405   8.480   0.087   1.00 50.44 ? 7   LEU A CG    1 
ATOM   34   C CD1   . LEU A 1 16  ? 1.682   9.529   -0.742  1.00 50.42 ? 7   LEU A CD1   1 
ATOM   35   C CD2   . LEU A 1 16  ? 3.905   8.619   -0.097  1.00 50.44 ? 7   LEU A CD2   1 
ATOM   36   N N     . VAL A 1 17  ? -0.823  7.097   0.533   1.00 49.62 ? 8   VAL A N     1 
ATOM   37   C CA    . VAL A 1 17  ? -1.354  5.868   0.000   1.00 49.14 ? 8   VAL A CA    1 
ATOM   38   C C     . VAL A 1 17  ? -0.737  5.723   -1.385  1.00 49.36 ? 8   VAL A C     1 
ATOM   39   O O     . VAL A 1 17  ? -1.251  6.248   -2.371  1.00 49.36 ? 8   VAL A O     1 
ATOM   40   C CB    . VAL A 1 17  ? -2.881  5.898   -0.013  1.00 49.13 ? 8   VAL A CB    1 
ATOM   41   C CG1   . VAL A 1 17  ? -3.457  4.628   -0.621  1.00 49.04 ? 8   VAL A CG1   1 
ATOM   42   C CG2   . VAL A 1 17  ? -3.402  6.082   1.410   1.00 49.45 ? 8   VAL A CG2   1 
ATOM   43   N N     . LEU A 1 18  ? 0.399   5.024   -1.426  1.00 49.48 ? 9   LEU A N     1 
ATOM   44   C CA    . LEU A 1 18  ? 1.241   4.894   -2.614  1.00 49.11 ? 9   LEU A CA    1 
ATOM   45   C C     . LEU A 1 18  ? 1.050   3.544   -3.302  1.00 49.67 ? 9   LEU A C     1 
ATOM   46   O O     . LEU A 1 18  ? 1.191   2.490   -2.670  1.00 50.02 ? 9   LEU A O     1 
ATOM   47   C CB    . LEU A 1 18  ? 2.694   5.070   -2.198  1.00 48.64 ? 9   LEU A CB    1 
ATOM   48   C CG    . LEU A 1 18  ? 3.773   4.889   -3.247  1.00 46.99 ? 9   LEU A CG    1 
ATOM   49   C CD1   . LEU A 1 18  ? 3.675   5.977   -4.261  1.00 46.51 ? 9   LEU A CD1   1 
ATOM   50   C CD2   . LEU A 1 18  ? 5.089   4.965   -2.555  1.00 46.91 ? 9   LEU A CD2   1 
ATOM   51   N N     . TYR A 1 19  ? 0.739   3.565   -4.596  1.00 49.85 ? 10  TYR A N     1 
ATOM   52   C CA    . TYR A 1 19  ? 0.442   2.321   -5.308  1.00 50.40 ? 10  TYR A CA    1 
ATOM   53   C C     . TYR A 1 19  ? 0.782   2.392   -6.799  1.00 50.16 ? 10  TYR A C     1 
ATOM   54   O O     . TYR A 1 19  ? 0.935   3.474   -7.351  1.00 49.76 ? 10  TYR A O     1 
ATOM   55   C CB    . TYR A 1 19  ? -1.042  1.974   -5.136  1.00 51.09 ? 10  TYR A CB    1 
ATOM   56   C CG    . TYR A 1 19  ? -1.921  2.830   -6.009  1.00 52.13 ? 10  TYR A CG    1 
ATOM   57   C CD1   . TYR A 1 19  ? -2.420  2.342   -7.216  1.00 52.70 ? 10  TYR A CD1   1 
ATOM   58   C CD2   . TYR A 1 19  ? -2.216  4.150   -5.651  1.00 52.23 ? 10  TYR A CD2   1 
ATOM   59   C CE1   . TYR A 1 19  ? -3.191  3.143   -8.041  1.00 53.41 ? 10  TYR A CE1   1 
ATOM   60   C CE2   . TYR A 1 19  ? -2.989  4.957   -6.452  1.00 52.56 ? 10  TYR A CE2   1 
ATOM   61   C CZ    . TYR A 1 19  ? -3.476  4.454   -7.649  1.00 53.97 ? 10  TYR A CZ    1 
ATOM   62   O OH    . TYR A 1 19  ? -4.262  5.263   -8.452  1.00 55.28 ? 10  TYR A OH    1 
ATOM   63   N N     . TYR A 1 20  ? 0.903   1.237   -7.439  1.00 50.28 ? 11  TYR A N     1 
ATOM   64   C CA    . TYR A 1 20  ? 0.899   1.167   -8.898  1.00 51.29 ? 11  TYR A CA    1 
ATOM   65   C C     . TYR A 1 20  ? -0.308  0.341   -9.286  1.00 52.12 ? 11  TYR A C     1 
ATOM   66   O O     . TYR A 1 20  ? -0.671  -0.583  -8.572  1.00 52.80 ? 11  TYR A O     1 
ATOM   67   C CB    . TYR A 1 20  ? 2.191   0.535   -9.487  1.00 51.20 ? 11  TYR A CB    1 
ATOM   68   C CG    . TYR A 1 20  ? 2.091   0.316   -10.992 1.00 50.70 ? 11  TYR A CG    1 
ATOM   69   C CD1   . TYR A 1 20  ? 2.253   1.377   -11.877 1.00 50.93 ? 11  TYR A CD1   1 
ATOM   70   C CD2   . TYR A 1 20  ? 1.772   -0.931  -11.527 1.00 50.51 ? 11  TYR A CD2   1 
ATOM   71   C CE1   . TYR A 1 20  ? 2.109   1.205   -13.258 1.00 50.97 ? 11  TYR A CE1   1 
ATOM   72   C CE2   . TYR A 1 20  ? 1.639   -1.113  -12.918 1.00 50.27 ? 11  TYR A CE2   1 
ATOM   73   C CZ    . TYR A 1 20  ? 1.802   -0.030  -13.766 1.00 50.43 ? 11  TYR A CZ    1 
ATOM   74   O OH    . TYR A 1 20  ? 1.670   -0.161  -15.125 1.00 51.48 ? 11  TYR A OH    1 
ATOM   75   N N     . SER A 1 21  ? -0.955  0.672   -10.396 1.00 53.05 ? 12  SER A N     1 
ATOM   76   C CA    . SER A 1 21  ? -2.066  -0.148  -10.872 1.00 54.33 ? 12  SER A CA    1 
ATOM   77   C C     . SER A 1 21  ? -2.068  -0.128  -12.387 1.00 55.32 ? 12  SER A C     1 
ATOM   78   O O     . SER A 1 21  ? -1.834  0.929   -12.975 1.00 55.73 ? 12  SER A O     1 
ATOM   79   C CB    . SER A 1 21  ? -3.402  0.371   -10.332 1.00 54.19 ? 12  SER A CB    1 
ATOM   80   O OG    . SER A 1 21  ? -4.465  -0.465  -10.764 1.00 54.28 ? 12  SER A OG    1 
ATOM   81   N N     . ARG A 1 22  ? -2.298  -1.276  -13.025 1.00 56.35 ? 13  ARG A N     1 
ATOM   82   C CA    . ARG A 1 22  ? -2.310  -1.313  -14.497 1.00 57.68 ? 13  ARG A CA    1 
ATOM   83   C C     . ARG A 1 22  ? -3.728  -1.306  -15.074 1.00 58.02 ? 13  ARG A C     1 
ATOM   84   O O     . ARG A 1 22  ? -4.027  -0.489  -15.942 1.00 58.32 ? 13  ARG A O     1 
ATOM   85   C CB    . ARG A 1 22  ? -1.470  -2.469  -15.054 1.00 57.79 ? 13  ARG A CB    1 
ATOM   86   C CG    . ARG A 1 22  ? -1.443  -2.590  -16.585 1.00 59.59 ? 13  ARG A CG    1 
ATOM   87   C CD    . ARG A 1 22  ? -0.934  -1.310  -17.254 1.00 63.84 ? 13  ARG A CD    1 
ATOM   88   N NE    . ARG A 1 22  ? -0.894  -1.414  -18.721 1.00 67.07 ? 13  ARG A NE    1 
ATOM   89   C CZ    . ARG A 1 22  ? -1.963  -1.430  -19.527 1.00 68.56 ? 13  ARG A CZ    1 
ATOM   90   N NH1   . ARG A 1 22  ? -3.202  -1.365  -19.042 1.00 69.29 ? 13  ARG A NH1   1 
ATOM   91   N NH2   . ARG A 1 22  ? -1.797  -1.520  -20.840 1.00 68.60 ? 13  ARG A NH2   1 
ATOM   92   N N     . HIS A 1 23  ? -4.594  -2.194  -14.590 1.00 58.23 ? 14  HIS A N     1 
ATOM   93   C CA    . HIS A 1 23  ? -5.996  -2.214  -15.020 1.00 58.40 ? 14  HIS A CA    1 
ATOM   94   C C     . HIS A 1 23  ? -7.002  -1.798  -13.931 1.00 58.36 ? 14  HIS A C     1 
ATOM   95   O O     . HIS A 1 23  ? -8.137  -2.287  -13.933 1.00 58.55 ? 14  HIS A O     1 
ATOM   96   C CB    . HIS A 1 23  ? -6.365  -3.596  -15.573 1.00 58.66 ? 14  HIS A CB    1 
ATOM   97   C CG    . HIS A 1 23  ? -5.510  -4.019  -16.722 1.00 59.86 ? 14  HIS A CG    1 
ATOM   98   N ND1   . HIS A 1 23  ? -4.584  -5.036  -16.625 1.00 60.14 ? 14  HIS A ND1   1 
ATOM   99   C CD2   . HIS A 1 23  ? -5.408  -3.534  -17.983 1.00 60.25 ? 14  HIS A CD2   1 
ATOM   100  C CE1   . HIS A 1 23  ? -3.956  -5.169  -17.780 1.00 60.21 ? 14  HIS A CE1   1 
ATOM   101  N NE2   . HIS A 1 23  ? -4.436  -4.268  -18.619 1.00 61.40 ? 14  HIS A NE2   1 
ATOM   102  N N     . GLY A 1 24  ? -6.588  -0.924  -13.001 1.00 57.73 ? 15  GLY A N     1 
ATOM   103  C CA    . GLY A 1 24  ? -7.508  -0.329  -12.022 1.00 56.83 ? 15  GLY A CA    1 
ATOM   104  C C     . GLY A 1 24  ? -7.881  -1.063  -10.730 1.00 56.43 ? 15  GLY A C     1 
ATOM   105  O O     . GLY A 1 24  ? -8.403  -0.430  -9.810  1.00 56.54 ? 15  GLY A O     1 
ATOM   106  N N     . ALA A 1 25  ? -7.638  -2.373  -10.635 1.00 55.75 ? 16  ALA A N     1 
ATOM   107  C CA    . ALA A 1 25  ? -7.974  -3.123  -9.404  1.00 55.24 ? 16  ALA A CA    1 
ATOM   108  C C     . ALA A 1 25  ? -7.304  -2.583  -8.124  1.00 55.35 ? 16  ALA A C     1 
ATOM   109  O O     . ALA A 1 25  ? -7.968  -2.394  -7.095  1.00 55.64 ? 16  ALA A O     1 
ATOM   110  C CB    . ALA A 1 25  ? -7.700  -4.612  -9.577  1.00 54.77 ? 16  ALA A CB    1 
ATOM   111  N N     . THR A 1 26  ? -5.997  -2.331  -8.193  1.00 55.27 ? 17  THR A N     1 
ATOM   112  C CA    . THR A 1 26  ? -5.232  -1.800  -7.059  1.00 55.41 ? 17  THR A CA    1 
ATOM   113  C C     . THR A 1 26  ? -5.627  -0.352  -6.774  1.00 55.70 ? 17  THR A C     1 
ATOM   114  O O     . THR A 1 26  ? -5.679  0.059   -5.623  1.00 55.73 ? 17  THR A O     1 
ATOM   115  C CB    . THR A 1 26  ? -3.695  -1.933  -7.309  1.00 55.22 ? 17  THR A CB    1 
ATOM   116  O OG1   . THR A 1 26  ? -3.381  -3.313  -7.484  1.00 54.89 ? 17  THR A OG1   1 
ATOM   117  C CG2   . THR A 1 26  ? -2.857  -1.393  -6.155  1.00 54.58 ? 17  THR A CG2   1 
ATOM   118  N N     . ALA A 1 27  ? -5.921  0.398   -7.834  1.00 56.47 ? 18  ALA A N     1 
ATOM   119  C CA    . ALA A 1 27  ? -6.382  1.791   -7.739  1.00 56.89 ? 18  ALA A CA    1 
ATOM   120  C C     . ALA A 1 27  ? -7.635  1.862   -6.898  1.00 57.12 ? 18  ALA A C     1 
ATOM   121  O O     . ALA A 1 27  ? -7.787  2.731   -6.050  1.00 56.66 ? 18  ALA A O     1 
ATOM   122  C CB    . ALA A 1 27  ? -6.643  2.360   -9.132  1.00 56.78 ? 18  ALA A CB    1 
ATOM   123  N N     . GLU A 1 28  ? -8.516  0.902   -7.121  1.00 58.23 ? 19  GLU A N     1 
ATOM   124  C CA    . GLU A 1 28  ? -9.750  0.833   -6.378  1.00 59.37 ? 19  GLU A CA    1 
ATOM   125  C C     . GLU A 1 28  ? -9.456  0.583   -4.907  1.00 59.07 ? 19  GLU A C     1 
ATOM   126  O O     . GLU A 1 28  ? -9.990  1.285   -4.039  1.00 59.70 ? 19  GLU A O     1 
ATOM   127  C CB    . GLU A 1 28  ? -10.659 -0.247  -6.956  1.00 59.86 ? 19  GLU A CB    1 
ATOM   128  C CG    . GLU A 1 28  ? -12.072 0.261   -7.246  1.00 63.31 ? 19  GLU A CG    1 
ATOM   129  C CD    . GLU A 1 28  ? -12.864 0.603   -5.975  1.00 67.31 ? 19  GLU A CD    1 
ATOM   130  O OE1   . GLU A 1 28  ? -13.341 -0.337  -5.292  1.00 68.80 ? 19  GLU A OE1   1 
ATOM   131  O OE2   . GLU A 1 28  ? -13.019 1.813   -5.674  1.00 68.94 ? 19  GLU A OE2   1 
ATOM   132  N N     . MET A 1 29  ? -8.587  -0.386  -4.628  1.00 58.64 ? 20  MET A N     1 
ATOM   133  C CA    . MET A 1 29  ? -8.213  -0.682  -3.246  1.00 58.06 ? 20  MET A CA    1 
ATOM   134  C C     . MET A 1 29  ? -7.593  0.531   -2.571  1.00 58.02 ? 20  MET A C     1 
ATOM   135  O O     . MET A 1 29  ? -7.841  0.783   -1.393  1.00 57.95 ? 20  MET A O     1 
ATOM   136  C CB    . MET A 1 29  ? -7.245  -1.856  -3.161  1.00 58.29 ? 20  MET A CB    1 
ATOM   137  C CG    . MET A 1 29  ? -7.791  -3.171  -3.659  1.00 57.89 ? 20  MET A CG    1 
ATOM   138  S SD    . MET A 1 29  ? -6.532  -4.463  -3.560  1.00 56.94 ? 20  MET A SD    1 
ATOM   139  C CE    . MET A 1 29  ? -6.602  -4.890  -1.825  1.00 56.50 ? 20  MET A CE    1 
ATOM   140  N N     . ALA A 1 30  ? -6.792  1.282   -3.322  1.00 57.99 ? 21  ALA A N     1 
ATOM   141  C CA    . ALA A 1 30  ? -6.129  2.458   -2.775  1.00 58.13 ? 21  ALA A CA    1 
ATOM   142  C C     . ALA A 1 30  ? -7.190  3.421   -2.259  1.00 58.48 ? 21  ALA A C     1 
ATOM   143  O O     . ALA A 1 30  ? -7.104  3.865   -1.116  1.00 58.45 ? 21  ALA A O     1 
ATOM   144  C CB    . ALA A 1 30  ? -5.234  3.115   -3.813  1.00 57.62 ? 21  ALA A CB    1 
ATOM   145  N N     . ARG A 1 31  ? -8.207  3.689   -3.086  1.00 59.10 ? 22  ARG A N     1 
ATOM   146  C CA    . ARG A 1 31  ? -9.319  4.581   -2.734  1.00 59.42 ? 22  ARG A CA    1 
ATOM   147  C C     . ARG A 1 31  ? -10.053 4.117   -1.477  1.00 59.39 ? 22  ARG A C     1 
ATOM   148  O O     . ARG A 1 31  ? -10.315 4.920   -0.580  1.00 59.16 ? 22  ARG A O     1 
ATOM   149  C CB    . ARG A 1 31  ? -10.298 4.723   -3.905  1.00 59.74 ? 22  ARG A CB    1 
ATOM   150  C CG    . ARG A 1 31  ? -9.752  5.510   -5.116  1.00 61.56 ? 22  ARG A CG    1 
ATOM   151  C CD    . ARG A 1 31  ? -9.338  6.942   -4.728  1.00 64.11 ? 22  ARG A CD    1 
ATOM   152  N NE    . ARG A 1 31  ? -8.512  7.614   -5.743  1.00 65.77 ? 22  ARG A NE    1 
ATOM   153  C CZ    . ARG A 1 31  ? -7.774  8.711   -5.520  1.00 65.24 ? 22  ARG A CZ    1 
ATOM   154  N NH1   . ARG A 1 31  ? -7.747  9.263   -4.316  1.00 65.14 ? 22  ARG A NH1   1 
ATOM   155  N NH2   . ARG A 1 31  ? -7.054  9.261   -6.498  1.00 64.74 ? 22  ARG A NH2   1 
ATOM   156  N N     . GLN A 1 32  ? -10.364 2.826   -1.396  1.00 59.32 ? 23  GLN A N     1 
ATOM   157  C CA    . GLN A 1 32  ? -11.017 2.307   -0.197  1.00 59.90 ? 23  GLN A CA    1 
ATOM   158  C C     . GLN A 1 32  ? -10.170 2.448   1.058   1.00 59.97 ? 23  GLN A C     1 
ATOM   159  O O     . GLN A 1 32  ? -10.676 2.819   2.106   1.00 60.68 ? 23  GLN A O     1 
ATOM   160  C CB    . GLN A 1 32  ? -11.457 0.857   -0.370  1.00 60.04 ? 23  GLN A CB    1 
ATOM   161  C CG    . GLN A 1 32  ? -12.591 0.640   -1.361  1.00 61.45 ? 23  GLN A CG    1 
ATOM   162  C CD    . GLN A 1 32  ? -13.610 1.775   -1.373  1.00 63.47 ? 23  GLN A CD    1 
ATOM   163  O OE1   . GLN A 1 32  ? -14.336 2.006   -0.392  1.00 63.54 ? 23  GLN A OE1   1 
ATOM   164  N NE2   . GLN A 1 32  ? -13.664 2.498   -2.495  1.00 63.39 ? 23  GLN A NE2   1 
ATOM   165  N N     . ILE A 1 33  ? -8.879  2.151   0.948   1.00 60.14 ? 24  ILE A N     1 
ATOM   166  C CA    . ILE A 1 33  ? -7.919  2.355   2.046   1.00 59.86 ? 24  ILE A CA    1 
ATOM   167  C C     . ILE A 1 33  ? -7.839  3.827   2.488   1.00 59.76 ? 24  ILE A C     1 
ATOM   168  O O     . ILE A 1 33  ? -7.837  4.118   3.687   1.00 59.47 ? 24  ILE A O     1 
ATOM   169  C CB    . ILE A 1 33  ? -6.519  1.755   1.680   1.00 59.86 ? 24  ILE A CB    1 
ATOM   170  C CG1   . ILE A 1 33  ? -6.582  0.225   1.775   1.00 59.48 ? 24  ILE A CG1   1 
ATOM   171  C CG2   . ILE A 1 33  ? -5.396  2.302   2.574   1.00 59.12 ? 24  ILE A CG2   1 
ATOM   172  C CD1   . ILE A 1 33  ? -5.456  -0.473  1.136   1.00 58.18 ? 24  ILE A CD1   1 
ATOM   173  N N     . ALA A 1 34  ? -7.802  4.736   1.514   1.00 59.84 ? 25  ALA A N     1 
ATOM   174  C CA    . ALA A 1 34  ? -7.851  6.180   1.757   1.00 60.18 ? 25  ALA A CA    1 
ATOM   175  C C     . ALA A 1 34  ? -9.026  6.569   2.664   1.00 60.58 ? 25  ALA A C     1 
ATOM   176  O O     . ALA A 1 34  ? -8.874  7.363   3.611   1.00 60.53 ? 25  ALA A O     1 
ATOM   177  C CB    . ALA A 1 34  ? -7.936  6.927   0.440   1.00 59.76 ? 25  ALA A CB    1 
ATOM   178  N N     . ARG A 1 35  ? -10.195 5.995   2.377   1.00 60.75 ? 26  ARG A N     1 
ATOM   179  C CA    . ARG A 1 35  ? -11.367 6.260   3.188   1.00 60.84 ? 26  ARG A CA    1 
ATOM   180  C C     . ARG A 1 35  ? -11.207 5.776   4.625   1.00 60.39 ? 26  ARG A C     1 
ATOM   181  O O     . ARG A 1 35  ? -11.357 6.578   5.552   1.00 60.66 ? 26  ARG A O     1 
ATOM   182  C CB    . ARG A 1 35  ? -12.643 5.800   2.500   1.00 61.03 ? 26  ARG A CB    1 
ATOM   183  C CG    . ARG A 1 35  ? -13.087 6.853   1.460   1.00 63.08 ? 26  ARG A CG    1 
ATOM   184  C CD    . ARG A 1 35  ? -14.441 6.558   0.852   1.00 65.52 ? 26  ARG A CD    1 
ATOM   185  N NE    . ARG A 1 35  ? -15.504 6.546   1.860   1.00 68.98 ? 26  ARG A NE    1 
ATOM   186  C CZ    . ARG A 1 35  ? -16.638 5.853   1.753   1.00 70.45 ? 26  ARG A CZ    1 
ATOM   187  N NH1   . ARG A 1 35  ? -16.879 5.104   0.675   1.00 71.37 ? 26  ARG A NH1   1 
ATOM   188  N NH2   . ARG A 1 35  ? -17.543 5.915   2.722   1.00 70.43 ? 26  ARG A NH2   1 
ATOM   189  N N     . GLY A 1 36  ? -10.827 4.513   4.816   1.00 59.72 ? 27  GLY A N     1 
ATOM   190  C CA    . GLY A 1 36  ? -10.321 4.064   6.124   1.00 58.79 ? 27  GLY A CA    1 
ATOM   191  C C     . GLY A 1 36  ? -9.440  5.098   6.828   1.00 58.32 ? 27  GLY A C     1 
ATOM   192  O O     . GLY A 1 36  ? -9.643  5.405   7.994   1.00 58.34 ? 27  GLY A O     1 
ATOM   193  N N     . VAL A 1 37  ? -8.472  5.662   6.115   1.00 58.09 ? 28  VAL A N     1 
ATOM   194  C CA    . VAL A 1 37  ? -7.535  6.616   6.711   1.00 57.96 ? 28  VAL A CA    1 
ATOM   195  C C     . VAL A 1 37  ? -8.253  7.835   7.247   1.00 58.31 ? 28  VAL A C     1 
ATOM   196  O O     . VAL A 1 37  ? -8.017  8.267   8.373   1.00 57.89 ? 28  VAL A O     1 
ATOM   197  C CB    . VAL A 1 37  ? -6.462  7.068   5.697   1.00 57.74 ? 28  VAL A CB    1 
ATOM   198  C CG1   . VAL A 1 37  ? -5.722  8.312   6.195   1.00 57.61 ? 28  VAL A CG1   1 
ATOM   199  C CG2   . VAL A 1 37  ? -5.502  5.942   5.431   1.00 57.02 ? 28  VAL A CG2   1 
ATOM   200  N N     . GLU A 1 38  ? -9.123  8.392   6.412   1.00 59.21 ? 29  GLU A N     1 
ATOM   201  C CA    . GLU A 1 38  ? -9.908  9.562   6.775   1.00 59.78 ? 29  GLU A CA    1 
ATOM   202  C C     . GLU A 1 38  ? -10.702 9.340   8.058   1.00 59.56 ? 29  GLU A C     1 
ATOM   203  O O     . GLU A 1 38  ? -10.690 10.190  8.945   1.00 59.97 ? 29  GLU A O     1 
ATOM   204  C CB    . GLU A 1 38  ? -10.792 9.988   5.608   1.00 59.65 ? 29  GLU A CB    1 
ATOM   205  C CG    . GLU A 1 38  ? -9.982  10.771  4.571   1.00 60.81 ? 29  GLU A CG    1 
ATOM   206  C CD    . GLU A 1 38  ? -10.711 11.069  3.264   1.00 60.90 ? 29  GLU A CD    1 
ATOM   207  O OE1   . GLU A 1 38  ? -11.763 10.442  2.967   1.00 62.15 ? 29  GLU A OE1   1 
ATOM   208  O OE2   . GLU A 1 38  ? -10.196 11.938  2.523   1.00 62.50 ? 29  GLU A OE2   1 
ATOM   209  N N     . GLN A 1 39  ? -11.334 8.180   8.187   1.00 59.21 ? 30  GLN A N     1 
ATOM   210  C CA    . GLN A 1 39  ? -12.062 7.879   9.409   1.00 59.23 ? 30  GLN A CA    1 
ATOM   211  C C     . GLN A 1 39  ? -11.156 7.464   10.561  1.00 59.24 ? 30  GLN A C     1 
ATOM   212  O O     . GLN A 1 39  ? -11.634 7.139   11.642  1.00 59.30 ? 30  GLN A O     1 
ATOM   213  C CB    . GLN A 1 39  ? -13.176 6.854   9.162   1.00 59.04 ? 30  GLN A CB    1 
ATOM   214  C CG    . GLN A 1 39  ? -12.727 5.444   8.947   1.00 59.72 ? 30  GLN A CG    1 
ATOM   215  C CD    . GLN A 1 39  ? -13.724 4.654   8.116   1.00 61.62 ? 30  GLN A CD    1 
ATOM   216  O OE1   . GLN A 1 39  ? -14.495 5.240   7.367   1.00 62.47 ? 30  GLN A OE1   1 
ATOM   217  N NE2   . GLN A 1 39  ? -13.705 3.315   8.233   1.00 61.70 ? 30  GLN A NE2   1 
ATOM   218  N N     . GLY A 1 40  ? -9.848  7.473   10.321  1.00 59.35 ? 31  GLY A N     1 
ATOM   219  C CA    . GLY A 1 40  ? -8.860  7.236   11.367  1.00 59.19 ? 31  GLY A CA    1 
ATOM   220  C C     . GLY A 1 40  ? -8.348  8.549   11.943  1.00 59.33 ? 31  GLY A C     1 
ATOM   221  O O     . GLY A 1 40  ? -7.489  8.558   12.834  1.00 59.43 ? 31  GLY A O     1 
ATOM   222  N N     . GLY A 1 41  ? -8.874  9.664   11.431  1.00 59.14 ? 32  GLY A N     1 
ATOM   223  C CA    . GLY A 1 41  ? -8.533  10.983  11.946  1.00 58.85 ? 32  GLY A CA    1 
ATOM   224  C C     . GLY A 1 41  ? -7.437  11.668  11.154  1.00 58.96 ? 32  GLY A C     1 
ATOM   225  O O     . GLY A 1 41  ? -6.851  12.657  11.627  1.00 59.07 ? 32  GLY A O     1 
ATOM   226  N N     . PHE A 1 42  ? -7.165  11.158  9.949   1.00 58.66 ? 33  PHE A N     1 
ATOM   227  C CA    . PHE A 1 42  ? -6.068  11.660  9.119   1.00 58.39 ? 33  PHE A CA    1 
ATOM   228  C C     . PHE A 1 42  ? -6.527  11.926  7.695   1.00 58.77 ? 33  PHE A C     1 
ATOM   229  O O     . PHE A 1 42  ? -7.512  11.332  7.229   1.00 58.99 ? 33  PHE A O     1 
ATOM   230  C CB    . PHE A 1 42  ? -4.916  10.649  9.088   1.00 57.98 ? 33  PHE A CB    1 
ATOM   231  C CG    . PHE A 1 42  ? -3.868  10.870  10.153  1.00 57.53 ? 33  PHE A CG    1 
ATOM   232  C CD1   . PHE A 1 42  ? -3.987  10.273  11.415  1.00 56.33 ? 33  PHE A CD1   1 
ATOM   233  C CD2   . PHE A 1 42  ? -2.743  11.653  9.888   1.00 57.44 ? 33  PHE A CD2   1 
ATOM   234  C CE1   . PHE A 1 42  ? -3.018  10.463  12.396  1.00 55.26 ? 33  PHE A CE1   1 
ATOM   235  C CE2   . PHE A 1 42  ? -1.755  11.850  10.873  1.00 57.20 ? 33  PHE A CE2   1 
ATOM   236  C CZ    . PHE A 1 42  ? -1.899  11.256  12.129  1.00 56.27 ? 33  PHE A CZ    1 
ATOM   237  N N     . GLU A 1 43  ? -5.805  12.808  7.007   1.00 58.95 ? 34  GLU A N     1 
ATOM   238  C CA    . GLU A 1 43  ? -6.043  13.042  5.582   1.00 59.93 ? 34  GLU A CA    1 
ATOM   239  C C     . GLU A 1 43  ? -5.237  12.033  4.724   1.00 58.73 ? 34  GLU A C     1 
ATOM   240  O O     . GLU A 1 43  ? -4.099  11.693  5.045   1.00 58.89 ? 34  GLU A O     1 
ATOM   241  C CB    . GLU A 1 43  ? -5.807  14.530  5.206   1.00 59.69 ? 34  GLU A CB    1 
ATOM   242  C CG    . GLU A 1 43  ? -4.346  14.943  4.978   1.00 62.02 ? 34  GLU A CG    1 
ATOM   243  C CD    . GLU A 1 43  ? -3.998  16.411  5.368   1.00 63.06 ? 34  GLU A CD    1 
ATOM   244  O OE1   . GLU A 1 43  ? -4.474  16.905  6.428   1.00 66.41 ? 34  GLU A OE1   1 
ATOM   245  O OE2   . GLU A 1 43  ? -3.210  17.064  4.620   1.00 66.10 ? 34  GLU A OE2   1 
ATOM   246  N N     . ALA A 1 44  ? -5.855  11.524  3.667   1.00 57.69 ? 35  ALA A N     1 
ATOM   247  C CA    . ALA A 1 44  ? -5.226  10.541  2.793   1.00 56.54 ? 35  ALA A CA    1 
ATOM   248  C C     . ALA A 1 44  ? -4.724  11.200  1.519   1.00 55.89 ? 35  ALA A C     1 
ATOM   249  O O     . ALA A 1 44  ? -5.503  11.783  0.760   1.00 56.15 ? 35  ALA A O     1 
ATOM   250  C CB    . ALA A 1 44  ? -6.211  9.428   2.450   1.00 56.36 ? 35  ALA A CB    1 
ATOM   251  N N     . ARG A 1 45  ? -3.421  11.112  1.276   1.00 54.88 ? 36  ARG A N     1 
ATOM   252  C CA    . ARG A 1 45  ? -2.858  11.586  0.020   1.00 53.39 ? 36  ARG A CA    1 
ATOM   253  C C     . ARG A 1 45  ? -2.577  10.409  -0.888  1.00 52.57 ? 36  ARG A C     1 
ATOM   254  O O     . ARG A 1 45  ? -1.580  9.725   -0.723  1.00 52.51 ? 36  ARG A O     1 
ATOM   255  C CB    . ARG A 1 45  ? -1.592  12.358  0.286   1.00 53.27 ? 36  ARG A CB    1 
ATOM   256  C CG    . ARG A 1 45  ? -1.013  12.932  -0.937  1.00 53.69 ? 36  ARG A CG    1 
ATOM   257  C CD    . ARG A 1 45  ? 0.195   13.718  -0.605  1.00 55.19 ? 36  ARG A CD    1 
ATOM   258  N NE    . ARG A 1 45  ? -0.130  14.789  0.330   1.00 57.37 ? 36  ARG A NE    1 
ATOM   259  C CZ    . ARG A 1 45  ? 0.622   15.872  0.504   1.00 57.88 ? 36  ARG A CZ    1 
ATOM   260  N NH1   . ARG A 1 45  ? 1.739   16.022  -0.203  1.00 58.11 ? 36  ARG A NH1   1 
ATOM   261  N NH2   . ARG A 1 45  ? 0.257   16.805  1.381   1.00 57.51 ? 36  ARG A NH2   1 
ATOM   262  N N     . VAL A 1 46  ? -3.472  10.170  -1.836  1.00 51.86 ? 37  VAL A N     1 
ATOM   263  C CA    . VAL A 1 46  ? -3.353  9.041   -2.741  1.00 51.24 ? 37  VAL A CA    1 
ATOM   264  C C     . VAL A 1 46  ? -2.530  9.432   -3.960  1.00 51.28 ? 37  VAL A C     1 
ATOM   265  O O     . VAL A 1 46  ? -2.803  10.446  -4.595  1.00 51.50 ? 37  VAL A O     1 
ATOM   266  C CB    . VAL A 1 46  ? -4.734  8.518   -3.150  1.00 51.13 ? 37  VAL A CB    1 
ATOM   267  C CG1   . VAL A 1 46  ? -4.637  7.495   -4.269  1.00 51.08 ? 37  VAL A CG1   1 
ATOM   268  C CG2   . VAL A 1 46  ? -5.440  7.919   -1.953  1.00 50.83 ? 37  VAL A CG2   1 
ATOM   269  N N     . ARG A 1 47  ? -1.512  8.620   -4.259  1.00 51.40 ? 38  ARG A N     1 
ATOM   270  C CA    . ARG A 1 47  ? -0.519  8.891   -5.307  1.00 51.22 ? 38  ARG A CA    1 
ATOM   271  C C     . ARG A 1 47  ? -0.065  7.598   -5.961  1.00 50.76 ? 38  ARG A C     1 
ATOM   272  O O     . ARG A 1 47  ? 0.042   6.564   -5.313  1.00 50.20 ? 38  ARG A O     1 
ATOM   273  C CB    . ARG A 1 47  ? 0.717   9.604   -4.736  1.00 51.09 ? 38  ARG A CB    1 
ATOM   274  C CG    . ARG A 1 47  ? 0.497   11.014  -4.229  1.00 52.18 ? 38  ARG A CG    1 
ATOM   275  C CD    . ARG A 1 47  ? -0.143  11.950  -5.274  1.00 54.65 ? 38  ARG A CD    1 
ATOM   276  N NE    . ARG A 1 47  ? -1.224  12.742  -4.670  1.00 56.35 ? 38  ARG A NE    1 
ATOM   277  C CZ    . ARG A 1 47  ? -1.076  13.929  -4.067  1.00 57.97 ? 38  ARG A CZ    1 
ATOM   278  N NH1   . ARG A 1 47  ? 0.115   14.521  -3.983  1.00 56.52 ? 38  ARG A NH1   1 
ATOM   279  N NH2   . ARG A 1 47  ? -2.142  14.530  -3.528  1.00 59.46 ? 38  ARG A NH2   1 
ATOM   280  N N     . THR A 1 48  ? 0.208   7.671   -7.252  1.00 50.97 ? 39  THR A N     1 
ATOM   281  C CA    . THR A 1 48  ? 0.676   6.520   -7.993  1.00 51.64 ? 39  THR A CA    1 
ATOM   282  C C     . THR A 1 48  ? 2.066   6.803   -8.566  1.00 51.94 ? 39  THR A C     1 
ATOM   283  O O     . THR A 1 48  ? 2.686   7.825   -8.238  1.00 51.76 ? 39  THR A O     1 
ATOM   284  C CB    . THR A 1 48  ? -0.325  6.116   -9.092  1.00 51.74 ? 39  THR A CB    1 
ATOM   285  O OG1   . THR A 1 48  ? -0.039  4.793   -9.547  1.00 52.15 ? 39  THR A OG1   1 
ATOM   286  C CG2   . THR A 1 48  ? -0.269  7.086   -10.277 1.00 52.70 ? 39  THR A CG2   1 
ATOM   287  N N     . VAL A 1 49  ? 2.562   5.885   -9.390  1.00 52.42 ? 40  VAL A N     1 
ATOM   288  C CA    . VAL A 1 49  ? 3.878   6.039   -10.008 1.00 53.19 ? 40  VAL A CA    1 
ATOM   289  C C     . VAL A 1 49  ? 3.808   5.829   -11.528 1.00 54.28 ? 40  VAL A C     1 
ATOM   290  O O     . VAL A 1 49  ? 2.950   5.075   -12.015 1.00 54.11 ? 40  VAL A O     1 
ATOM   291  C CB    . VAL A 1 49  ? 4.959   5.137   -9.341  1.00 52.80 ? 40  VAL A CB    1 
ATOM   292  C CG1   . VAL A 1 49  ? 5.134   5.517   -7.871  1.00 52.78 ? 40  VAL A CG1   1 
ATOM   293  C CG2   . VAL A 1 49  ? 4.621   3.669   -9.480  1.00 51.81 ? 40  VAL A CG2   1 
ATOM   294  N N     . PRO A 1 50  ? 4.694   6.513   -12.286 1.00 55.35 ? 41  PRO A N     1 
ATOM   295  C CA    . PRO A 1 50  ? 4.608   6.378   -13.745 1.00 56.17 ? 41  PRO A CA    1 
ATOM   296  C C     . PRO A 1 50  ? 5.173   5.031   -14.238 1.00 57.27 ? 41  PRO A C     1 
ATOM   297  O O     . PRO A 1 50  ? 6.176   4.548   -13.700 1.00 57.88 ? 41  PRO A O     1 
ATOM   298  C CB    . PRO A 1 50  ? 5.442   7.556   -14.269 1.00 56.06 ? 41  PRO A CB    1 
ATOM   299  C CG    . PRO A 1 50  ? 5.995   8.283   -13.047 1.00 55.52 ? 41  PRO A CG    1 
ATOM   300  C CD    . PRO A 1 50  ? 5.798   7.404   -11.865 1.00 55.31 ? 41  PRO A CD    1 
ATOM   301  N N     . ALA A 1 51  ? 4.512   4.426   -15.227 1.00 58.17 ? 42  ALA A N     1 
ATOM   302  C CA    . ALA A 1 51  ? 5.011   3.232   -15.921 1.00 58.94 ? 42  ALA A CA    1 
ATOM   303  C C     . ALA A 1 51  ? 6.467   3.421   -16.369 1.00 59.63 ? 42  ALA A C     1 
ATOM   304  O O     . ALA A 1 51  ? 6.897   4.556   -16.626 1.00 60.03 ? 42  ALA A O     1 
ATOM   305  C CB    . ALA A 1 51  ? 4.122   2.914   -17.130 1.00 58.60 ? 42  ALA A CB    1 
ATOM   306  N N     . VAL A 1 52  ? 7.219   2.319   -16.457 1.00 60.09 ? 43  VAL A N     1 
ATOM   307  C CA    . VAL A 1 52  ? 8.622   2.364   -16.896 1.00 60.59 ? 43  VAL A CA    1 
ATOM   308  C C     . VAL A 1 52  ? 8.832   1.558   -18.169 1.00 61.47 ? 43  VAL A C     1 
ATOM   309  O O     . VAL A 1 52  ? 8.030   0.680   -18.503 1.00 61.96 ? 43  VAL A O     1 
ATOM   310  C CB    . VAL A 1 52  ? 9.609   1.814   -15.831 1.00 60.12 ? 43  VAL A CB    1 
ATOM   311  C CG1   . VAL A 1 52  ? 9.597   2.664   -14.587 1.00 60.13 ? 43  VAL A CG1   1 
ATOM   312  C CG2   . VAL A 1 52  ? 9.300   0.369   -15.503 1.00 59.50 ? 43  VAL A CG2   1 
ATOM   313  N N     . SER A 1 53  ? 9.931   1.834   -18.864 1.00 62.21 ? 44  SER A N     1 
ATOM   314  C CA    . SER A 1 53  ? 10.311  1.033   -20.017 1.00 62.95 ? 44  SER A CA    1 
ATOM   315  C C     . SER A 1 53  ? 11.773  1.286   -20.342 1.00 63.10 ? 44  SER A C     1 
ATOM   316  O O     . SER A 1 53  ? 12.455  2.015   -19.614 1.00 62.71 ? 44  SER A O     1 
ATOM   317  C CB    . SER A 1 53  ? 9.438   1.389   -21.218 1.00 63.01 ? 44  SER A CB    1 
ATOM   318  O OG    . SER A 1 53  ? 9.671   2.746   -21.559 1.00 64.36 ? 44  SER A OG    1 
ATOM   319  N N     . THR A 1 54  ? 12.227  0.664   -21.434 1.00 63.73 ? 45  THR A N     1 
ATOM   320  C CA    . THR A 1 54  ? 13.578  0.830   -21.982 1.00 64.12 ? 45  THR A CA    1 
ATOM   321  C C     . THR A 1 54  ? 13.457  1.275   -23.431 1.00 64.41 ? 45  THR A C     1 
ATOM   322  O O     . THR A 1 54  ? 13.899  2.361   -23.800 1.00 64.76 ? 45  THR A O     1 
ATOM   323  C CB    . THR A 1 54  ? 14.379  -0.495  -21.956 1.00 64.17 ? 45  THR A CB    1 
ATOM   324  O OG1   . THR A 1 54  ? 13.626  -1.530  -22.600 1.00 63.57 ? 45  THR A OG1   1 
ATOM   325  C CG2   . THR A 1 54  ? 14.667  -0.932  -20.529 1.00 64.43 ? 45  THR A CG2   1 
ATOM   326  N N     . GLY A 1 67  ? -5.767  7.331   -12.916 1.00 66.06 ? 58  GLY A N     1 
ATOM   327  C CA    . GLY A 1 67  ? -5.975  6.803   -11.564 1.00 65.65 ? 58  GLY A CA    1 
ATOM   328  C C     . GLY A 1 67  ? -5.700  7.792   -10.434 1.00 65.27 ? 58  GLY A C     1 
ATOM   329  O O     . GLY A 1 67  ? -6.559  7.976   -9.556  1.00 65.46 ? 58  GLY A O     1 
ATOM   330  N N     . ALA A 1 68  ? -4.521  8.434   -10.463 1.00 64.41 ? 59  ALA A N     1 
ATOM   331  C CA    . ALA A 1 68  ? -4.073  9.352   -9.405  1.00 63.31 ? 59  ALA A CA    1 
ATOM   332  C C     . ALA A 1 68  ? -2.867  10.179  -9.839  1.00 62.81 ? 59  ALA A C     1 
ATOM   333  O O     . ALA A 1 68  ? -2.209  9.864   -10.818 1.00 62.96 ? 59  ALA A O     1 
ATOM   334  C CB    . ALA A 1 68  ? -3.737  8.571   -8.140  1.00 63.32 ? 59  ALA A CB    1 
ATOM   335  N N     . LEU A 1 69  ? -2.568  11.230  -9.094  1.00 62.28 ? 60  LEU A N     1 
ATOM   336  C CA    . LEU A 1 69  ? -1.385  12.042  -9.343  1.00 61.79 ? 60  LEU A CA    1 
ATOM   337  C C     . LEU A 1 69  ? -0.088  11.255  -9.008  1.00 61.82 ? 60  LEU A C     1 
ATOM   338  O O     . LEU A 1 69  ? -0.099  10.347  -8.155  1.00 61.79 ? 60  LEU A O     1 
ATOM   339  C CB    . LEU A 1 69  ? -1.493  13.307  -8.493  1.00 61.69 ? 60  LEU A CB    1 
ATOM   340  C CG    . LEU A 1 69  ? -0.811  14.612  -8.887  1.00 62.04 ? 60  LEU A CG    1 
ATOM   341  C CD1   . LEU A 1 69  ? -1.566  15.291  -10.028 1.00 62.91 ? 60  LEU A CD1   1 
ATOM   342  C CD2   . LEU A 1 69  ? -0.769  15.526  -7.674  1.00 61.70 ? 60  LEU A CD2   1 
ATOM   343  N N     . TYR A 1 70  ? 1.023   11.596  -9.664  1.00 61.35 ? 61  TYR A N     1 
ATOM   344  C CA    . TYR A 1 70  ? 2.293   10.921  -9.385  1.00 60.81 ? 61  TYR A CA    1 
ATOM   345  C C     . TYR A 1 70  ? 2.864   11.328  -8.059  1.00 60.83 ? 61  TYR A C     1 
ATOM   346  O O     . TYR A 1 70  ? 2.726   12.483  -7.657  1.00 61.01 ? 61  TYR A O     1 
ATOM   347  C CB    . TYR A 1 70  ? 3.334   11.178  -10.464 1.00 60.43 ? 61  TYR A CB    1 
ATOM   348  C CG    . TYR A 1 70  ? 2.935   10.604  -11.780 1.00 60.23 ? 61  TYR A CG    1 
ATOM   349  C CD1   . TYR A 1 70  ? 2.206   9.414   -11.845 1.00 59.65 ? 61  TYR A CD1   1 
ATOM   350  C CD2   . TYR A 1 70  ? 3.274   11.245  -12.966 1.00 60.37 ? 61  TYR A CD2   1 
ATOM   351  C CE1   . TYR A 1 70  ? 1.819   8.881   -13.051 1.00 59.14 ? 61  TYR A CE1   1 
ATOM   352  C CE2   . TYR A 1 70  ? 2.892   10.722  -14.185 1.00 60.07 ? 61  TYR A CE2   1 
ATOM   353  C CZ    . TYR A 1 70  ? 2.163   9.540   -14.216 1.00 60.00 ? 61  TYR A CZ    1 
ATOM   354  O OH    . TYR A 1 70  ? 1.785   9.015   -15.422 1.00 60.83 ? 61  TYR A OH    1 
ATOM   355  N N     . ALA A 1 71  ? 3.504   10.364  -7.393  1.00 60.71 ? 62  ALA A N     1 
ATOM   356  C CA    . ALA A 1 71  ? 4.183   10.583  -6.123  1.00 60.36 ? 62  ALA A CA    1 
ATOM   357  C C     . ALA A 1 71  ? 5.524   11.224  -6.396  1.00 60.58 ? 62  ALA A C     1 
ATOM   358  O O     . ALA A 1 71  ? 6.093   11.042  -7.468  1.00 61.04 ? 62  ALA A O     1 
ATOM   359  C CB    . ALA A 1 71  ? 4.382   9.277   -5.428  1.00 60.17 ? 62  ALA A CB    1 
ATOM   360  N N     . THR A 1 72  ? 6.022   11.982  -5.430  1.00 60.75 ? 63  THR A N     1 
ATOM   361  C CA    . THR A 1 72  ? 7.356   12.577  -5.492  1.00 60.57 ? 63  THR A CA    1 
ATOM   362  C C     . THR A 1 72  ? 8.052   12.185  -4.195  1.00 60.87 ? 63  THR A C     1 
ATOM   363  O O     . THR A 1 72  ? 7.404   11.705  -3.257  1.00 60.91 ? 63  THR A O     1 
ATOM   364  C CB    . THR A 1 72  ? 7.306   14.138  -5.567  1.00 60.56 ? 63  THR A CB    1 
ATOM   365  O OG1   . THR A 1 72  ? 7.130   14.674  -4.249  1.00 60.49 ? 63  THR A OG1   1 
ATOM   366  C CG2   . THR A 1 72  ? 6.177   14.646  -6.485  1.00 59.06 ? 63  THR A CG2   1 
ATOM   367  N N     . LEU A 1 73  ? 9.354   12.412  -4.105  1.00 60.95 ? 64  LEU A N     1 
ATOM   368  C CA    . LEU A 1 73  ? 10.051  12.093  -2.877  1.00 61.40 ? 64  LEU A CA    1 
ATOM   369  C C     . LEU A 1 73  ? 9.498   12.864  -1.684  1.00 61.95 ? 64  LEU A C     1 
ATOM   370  O O     . LEU A 1 73  ? 9.599   12.405  -0.550  1.00 62.11 ? 64  LEU A O     1 
ATOM   371  C CB    . LEU A 1 73  ? 11.552  12.325  -3.029  1.00 61.43 ? 64  LEU A CB    1 
ATOM   372  C CG    . LEU A 1 73  ? 12.234  11.300  -3.947  1.00 62.06 ? 64  LEU A CG    1 
ATOM   373  C CD1   . LEU A 1 73  ? 13.593  11.789  -4.442  1.00 62.59 ? 64  LEU A CD1   1 
ATOM   374  C CD2   . LEU A 1 73  ? 12.353  9.918   -3.276  1.00 62.12 ? 64  LEU A CD2   1 
ATOM   375  N N     . GLU A 1 74  ? 8.893   14.025  -1.946  1.00 62.76 ? 65  GLU A N     1 
ATOM   376  C CA    . GLU A 1 74  ? 8.363   14.891  -0.878  1.00 63.33 ? 65  GLU A CA    1 
ATOM   377  C C     . GLU A 1 74  ? 7.200   14.249  -0.153  1.00 62.81 ? 65  GLU A C     1 
ATOM   378  O O     . GLU A 1 74  ? 7.090   14.325  1.081   1.00 62.75 ? 65  GLU A O     1 
ATOM   379  C CB    . GLU A 1 74  ? 7.960   16.268  -1.424  1.00 63.90 ? 65  GLU A CB    1 
ATOM   380  C CG    . GLU A 1 74  ? 9.147   17.136  -1.832  1.00 67.35 ? 65  GLU A CG    1 
ATOM   381  C CD    . GLU A 1 74  ? 10.295  17.105  -0.802  1.00 72.33 ? 65  GLU A CD    1 
ATOM   382  O OE1   . GLU A 1 74  ? 10.466  18.116  -0.070  1.00 74.26 ? 65  GLU A OE1   1 
ATOM   383  O OE2   . GLU A 1 74  ? 11.022  16.072  -0.721  1.00 73.56 ? 65  GLU A OE2   1 
ATOM   384  N N     . ASP A 1 75  ? 6.344   13.605  -0.940  1.00 62.43 ? 66  ASP A N     1 
ATOM   385  C CA    . ASP A 1 75  ? 5.204   12.870  -0.421  1.00 61.84 ? 66  ASP A CA    1 
ATOM   386  C C     . ASP A 1 75  ? 5.656   11.819  0.581   1.00 61.47 ? 66  ASP A C     1 
ATOM   387  O O     . ASP A 1 75  ? 5.015   11.627  1.615   1.00 61.89 ? 66  ASP A O     1 
ATOM   388  C CB    . ASP A 1 75  ? 4.426   12.226  -1.566  1.00 61.87 ? 66  ASP A CB    1 
ATOM   389  C CG    . ASP A 1 75  ? 3.893   13.243  -2.552  1.00 61.67 ? 66  ASP A CG    1 
ATOM   390  O OD1   . ASP A 1 75  ? 4.106   13.060  -3.767  1.00 62.08 ? 66  ASP A OD1   1 
ATOM   391  O OD2   . ASP A 1 75  ? 3.267   14.228  -2.113  1.00 62.17 ? 66  ASP A OD2   1 
ATOM   392  N N     . LEU A 1 76  ? 6.767   11.156  0.282   1.00 60.76 ? 67  LEU A N     1 
ATOM   393  C CA    . LEU A 1 76  ? 7.301   10.154  1.181   1.00 60.47 ? 67  LEU A CA    1 
ATOM   394  C C     . LEU A 1 76  ? 7.912   10.790  2.398   1.00 60.40 ? 67  LEU A C     1 
ATOM   395  O O     . LEU A 1 76  ? 7.542   10.436  3.514   1.00 60.44 ? 67  LEU A O     1 
ATOM   396  C CB    . LEU A 1 76  ? 8.348   9.294   0.492   1.00 60.61 ? 67  LEU A CB    1 
ATOM   397  C CG    . LEU A 1 76  ? 7.938   7.926   -0.031  1.00 60.18 ? 67  LEU A CG    1 
ATOM   398  C CD1   . LEU A 1 76  ? 9.159   7.289   -0.659  1.00 59.36 ? 67  LEU A CD1   1 
ATOM   399  C CD2   . LEU A 1 76  ? 7.366   7.049   1.090   1.00 59.24 ? 67  LEU A CD2   1 
ATOM   400  N N     . LYS A 1 77  ? 8.837   11.727  2.176   1.00 60.34 ? 68  LYS A N     1 
ATOM   401  C CA    . LYS A 1 77  ? 9.537   12.408  3.262   1.00 60.80 ? 68  LYS A CA    1 
ATOM   402  C C     . LYS A 1 77  ? 8.582   12.979  4.307   1.00 60.03 ? 68  LYS A C     1 
ATOM   403  O O     . LYS A 1 77  ? 8.846   12.881  5.502   1.00 59.92 ? 68  LYS A O     1 
ATOM   404  C CB    . LYS A 1 77  ? 10.457  13.520  2.740   1.00 60.67 ? 68  LYS A CB    1 
ATOM   405  C CG    . LYS A 1 77  ? 11.377  14.086  3.842   1.00 62.15 ? 68  LYS A CG    1 
ATOM   406  C CD    . LYS A 1 77  ? 12.146  15.369  3.453   1.00 62.96 ? 68  LYS A CD    1 
ATOM   407  C CE    . LYS A 1 77  ? 13.499  15.089  2.731   1.00 67.04 ? 68  LYS A CE    1 
ATOM   408  N NZ    . LYS A 1 77  ? 13.351  14.850  1.242   1.00 68.39 ? 68  LYS A NZ    1 
ATOM   409  N N     . ASN A 1 78  ? 7.468   13.554  3.857   1.00 59.57 ? 69  ASN A N     1 
ATOM   410  C CA    . ASN A 1 78  ? 6.565   14.255  4.778   1.00 59.19 ? 69  ASN A CA    1 
ATOM   411  C C     . ASN A 1 78  ? 5.297   13.534  5.174   1.00 58.36 ? 69  ASN A C     1 
ATOM   412  O O     . ASN A 1 78  ? 4.437   14.133  5.819   1.00 58.15 ? 69  ASN A O     1 
ATOM   413  C CB    . ASN A 1 78  ? 6.191   15.647  4.250   1.00 59.54 ? 69  ASN A CB    1 
ATOM   414  C CG    . ASN A 1 78  ? 7.405   16.512  3.959   1.00 60.33 ? 69  ASN A CG    1 
ATOM   415  O OD1   . ASN A 1 78  ? 8.422   16.483  4.679   1.00 60.29 ? 69  ASN A OD1   1 
ATOM   416  N ND2   . ASN A 1 78  ? 7.310   17.284  2.882   1.00 60.26 ? 69  ASN A ND2   1 
ATOM   417  N N     . CYS A 1 79  ? 5.164   12.266  4.802   1.00 57.17 ? 70  CYS A N     1 
ATOM   418  C CA    . CYS A 1 79  ? 4.025   11.507  5.282   1.00 56.05 ? 70  CYS A CA    1 
ATOM   419  C C     . CYS A 1 79  ? 4.195   11.159  6.767   1.00 55.10 ? 70  CYS A C     1 
ATOM   420  O O     . CYS A 1 79  ? 5.298   11.206  7.309   1.00 54.94 ? 70  CYS A O     1 
ATOM   421  C CB    . CYS A 1 79  ? 3.800   10.257  4.438   1.00 56.27 ? 70  CYS A CB    1 
ATOM   422  S SG    . CYS A 1 79  ? 4.936   8.930   4.820   1.00 56.34 ? 70  CYS A SG    1 
ATOM   423  N N     . ALA A 1 80  ? 3.088   10.829  7.418   1.00 54.05 ? 71  ALA A N     1 
ATOM   424  C CA    . ALA A 1 80  ? 3.099   10.438  8.818   1.00 52.85 ? 71  ALA A CA    1 
ATOM   425  C C     . ALA A 1 80  ? 3.105   8.926   8.910   1.00 52.05 ? 71  ALA A C     1 
ATOM   426  O O     . ALA A 1 80  ? 3.292   8.348   9.998   1.00 52.11 ? 71  ALA A O     1 
ATOM   427  C CB    . ALA A 1 80  ? 1.872   10.978  9.499   1.00 53.01 ? 71  ALA A CB    1 
ATOM   428  N N     . GLY A 1 81  ? 2.888   8.295   7.758   1.00 50.88 ? 72  GLY A N     1 
ATOM   429  C CA    . GLY A 1 81  ? 2.720   6.847   7.655   1.00 49.24 ? 72  GLY A CA    1 
ATOM   430  C C     . GLY A 1 81  ? 2.344   6.510   6.232   1.00 47.95 ? 72  GLY A C     1 
ATOM   431  O O     . GLY A 1 81  ? 2.030   7.407   5.446   1.00 48.14 ? 72  GLY A O     1 
ATOM   432  N N     . LEU A 1 82  ? 2.364   5.229   5.895   1.00 46.38 ? 73  LEU A N     1 
ATOM   433  C CA    . LEU A 1 82  ? 2.332   4.857   4.506   1.00 45.40 ? 73  LEU A CA    1 
ATOM   434  C C     . LEU A 1 82  ? 1.627   3.543   4.246   1.00 45.07 ? 73  LEU A C     1 
ATOM   435  O O     . LEU A 1 82  ? 1.824   2.572   4.977   1.00 45.08 ? 73  LEU A O     1 
ATOM   436  C CB    . LEU A 1 82  ? 3.759   4.802   3.976   1.00 45.20 ? 73  LEU A CB    1 
ATOM   437  C CG    . LEU A 1 82  ? 4.085   4.069   2.672   1.00 45.77 ? 73  LEU A CG    1 
ATOM   438  C CD1   . LEU A 1 82  ? 3.636   4.830   1.394   1.00 44.94 ? 73  LEU A CD1   1 
ATOM   439  C CD2   . LEU A 1 82  ? 5.568   3.795   2.660   1.00 44.99 ? 73  LEU A CD2   1 
ATOM   440  N N     . ALA A 1 83  ? 0.803   3.529   3.199   1.00 44.43 ? 74  ALA A N     1 
ATOM   441  C CA    . ALA A 1 83  ? 0.246   2.287   2.666   1.00 44.22 ? 74  ALA A CA    1 
ATOM   442  C C     . ALA A 1 83  ? 0.813   2.033   1.280   1.00 43.84 ? 74  ALA A C     1 
ATOM   443  O O     . ALA A 1 83  ? 0.796   2.914   0.419   1.00 43.99 ? 74  ALA A O     1 
ATOM   444  C CB    . ALA A 1 83  ? -1.286  2.320   2.642   1.00 44.04 ? 74  ALA A CB    1 
ATOM   445  N N     . LEU A 1 84  ? 1.347   0.836   1.077   1.00 43.58 ? 75  LEU A N     1 
ATOM   446  C CA    . LEU A 1 84  ? 2.012   0.514   -0.173  1.00 43.09 ? 75  LEU A CA    1 
ATOM   447  C C     . LEU A 1 84  ? 1.261   -0.598  -0.861  1.00 43.43 ? 75  LEU A C     1 
ATOM   448  O O     . LEU A 1 84  ? 1.010   -1.645  -0.268  1.00 43.21 ? 75  LEU A O     1 
ATOM   449  C CB    . LEU A 1 84  ? 3.468   0.125   0.070   1.00 42.46 ? 75  LEU A CB    1 
ATOM   450  C CG    . LEU A 1 84  ? 4.353   0.086   -1.180  1.00 41.78 ? 75  LEU A CG    1 
ATOM   451  C CD1   . LEU A 1 84  ? 4.757   1.474   -1.660  1.00 38.73 ? 75  LEU A CD1   1 
ATOM   452  C CD2   . LEU A 1 84  ? 5.575   -0.789  -0.938  1.00 40.56 ? 75  LEU A CD2   1 
ATOM   453  N N     . GLY A 1 85  ? 0.891   -0.358  -2.111  1.00 43.90 ? 76  GLY A N     1 
ATOM   454  C CA    . GLY A 1 85  ? 0.039   -1.292  -2.827  1.00 45.09 ? 76  GLY A CA    1 
ATOM   455  C C     . GLY A 1 85  ? 0.506   -1.568  -4.239  1.00 46.10 ? 76  GLY A C     1 
ATOM   456  O O     . GLY A 1 85  ? 0.968   -0.660  -4.944  1.00 46.77 ? 76  GLY A O     1 
ATOM   457  N N     . SER A 1 86  ? 0.391   -2.827  -4.659  1.00 46.30 ? 77  SER A N     1 
ATOM   458  C CA    . SER A 1 86  ? 0.800   -3.232  -5.997  1.00 46.36 ? 77  SER A CA    1 
ATOM   459  C C     . SER A 1 86  ? 0.024   -4.469  -6.400  1.00 46.35 ? 77  SER A C     1 
ATOM   460  O O     . SER A 1 86  ? -0.386  -5.236  -5.537  1.00 46.23 ? 77  SER A O     1 
ATOM   461  C CB    . SER A 1 86  ? 2.298   -3.530  -6.005  1.00 46.41 ? 77  SER A CB    1 
ATOM   462  O OG    . SER A 1 86  ? 2.675   -4.262  -7.156  1.00 47.76 ? 77  SER A OG    1 
ATOM   463  N N     . PRO A 1 87  ? -0.204  -4.666  -7.709  1.00 46.62 ? 78  PRO A N     1 
ATOM   464  C CA    . PRO A 1 87  ? -0.692  -5.976  -8.127  1.00 47.32 ? 78  PRO A CA    1 
ATOM   465  C C     . PRO A 1 87  ? 0.406   -6.984  -7.881  1.00 48.22 ? 78  PRO A C     1 
ATOM   466  O O     . PRO A 1 87  ? 1.590   -6.647  -7.999  1.00 48.66 ? 78  PRO A O     1 
ATOM   467  C CB    . PRO A 1 87  ? -0.881  -5.823  -9.640  1.00 47.04 ? 78  PRO A CB    1 
ATOM   468  C CG    . PRO A 1 87  ? -0.014  -4.671  -10.029 1.00 46.57 ? 78  PRO A CG    1 
ATOM   469  C CD    . PRO A 1 87  ? -0.039  -3.750  -8.849  1.00 46.62 ? 78  PRO A CD    1 
ATOM   470  N N     . THR A 1 88  ? 0.032   -8.206  -7.537  1.00 49.14 ? 79  THR A N     1 
ATOM   471  C CA    . THR A 1 88  ? 1.021   -9.254  -7.415  1.00 49.99 ? 79  THR A CA    1 
ATOM   472  C C     . THR A 1 88  ? 1.468   -9.672  -8.798  1.00 50.18 ? 79  THR A C     1 
ATOM   473  O O     . THR A 1 88  ? 0.674   -10.131 -9.603  1.00 50.41 ? 79  THR A O     1 
ATOM   474  C CB    . THR A 1 88  ? 0.558   -10.463 -6.535  1.00 50.20 ? 79  THR A CB    1 
ATOM   475  O OG1   . THR A 1 88  ? 1.180   -11.672 -7.002  1.00 52.56 ? 79  THR A OG1   1 
ATOM   476  C CG2   . THR A 1 88  ? -0.937  -10.641 -6.527  1.00 49.87 ? 79  THR A CG2   1 
ATOM   477  N N     . ARG A 1 89  ? 2.749   -9.460  -9.073  1.00 50.92 ? 80  ARG A N     1 
ATOM   478  C CA    . ARG A 1 89  ? 3.372   -9.921  -10.318 1.00 51.48 ? 80  ARG A CA    1 
ATOM   479  C C     . ARG A 1 89  ? 4.478   -10.931 -9.991  1.00 51.28 ? 80  ARG A C     1 
ATOM   480  O O     . ARG A 1 89  ? 5.536   -10.571 -9.476  1.00 51.86 ? 80  ARG A O     1 
ATOM   481  C CB    . ARG A 1 89  ? 3.917   -8.734  -11.111 1.00 51.64 ? 80  ARG A CB    1 
ATOM   482  C CG    . ARG A 1 89  ? 2.940   -7.586  -11.197 1.00 53.11 ? 80  ARG A CG    1 
ATOM   483  C CD    . ARG A 1 89  ? 2.329   -7.452  -12.574 1.00 55.10 ? 80  ARG A CD    1 
ATOM   484  N NE    . ARG A 1 89  ? 3.022   -6.415  -13.334 1.00 57.24 ? 80  ARG A NE    1 
ATOM   485  C CZ    . ARG A 1 89  ? 2.420   -5.397  -13.941 1.00 59.20 ? 80  ARG A CZ    1 
ATOM   486  N NH1   . ARG A 1 89  ? 1.089   -5.287  -13.917 1.00 60.07 ? 80  ARG A NH1   1 
ATOM   487  N NH2   . ARG A 1 89  ? 3.148   -4.501  -14.600 1.00 59.61 ? 80  ARG A NH2   1 
ATOM   488  N N     . PHE A 1 90  ? 4.184   -12.198 -10.249 1.00 51.12 ? 81  PHE A N     1 
ATOM   489  C CA    . PHE A 1 90  ? 5.052   -13.342 -9.929  1.00 51.25 ? 81  PHE A CA    1 
ATOM   490  C C     . PHE A 1 90  ? 5.591   -13.398 -8.497  1.00 51.10 ? 81  PHE A C     1 
ATOM   491  O O     . PHE A 1 90  ? 6.717   -13.813 -8.268  1.00 51.41 ? 81  PHE A O     1 
ATOM   492  C CB    . PHE A 1 90  ? 6.152   -13.501 -10.984 1.00 51.25 ? 81  PHE A CB    1 
ATOM   493  C CG    . PHE A 1 90  ? 5.607   -13.674 -12.383 1.00 52.16 ? 81  PHE A CG    1 
ATOM   494  C CD1   . PHE A 1 90  ? 4.664   -14.673 -12.657 1.00 51.82 ? 81  PHE A CD1   1 
ATOM   495  C CD2   . PHE A 1 90  ? 6.002   -12.822 -13.413 1.00 51.84 ? 81  PHE A CD2   1 
ATOM   496  C CE1   . PHE A 1 90  ? 4.144   -14.820 -13.928 1.00 51.65 ? 81  PHE A CE1   1 
ATOM   497  C CE2   . PHE A 1 90  ? 5.489   -12.968 -14.692 1.00 51.49 ? 81  PHE A CE2   1 
ATOM   498  C CZ    . PHE A 1 90  ? 4.563   -13.966 -14.949 1.00 52.09 ? 81  PHE A CZ    1 
ATOM   499  N N     . GLY A 1 91  ? 4.768   -12.996 -7.536  1.00 50.91 ? 82  GLY A N     1 
ATOM   500  C CA    . GLY A 1 91  ? 5.126   -13.084 -6.125  1.00 50.41 ? 82  GLY A CA    1 
ATOM   501  C C     . GLY A 1 91  ? 5.774   -11.828 -5.591  1.00 50.01 ? 82  GLY A C     1 
ATOM   502  O O     . GLY A 1 91  ? 6.083   -11.755 -4.415  1.00 50.20 ? 82  GLY A O     1 
ATOM   503  N N     . ASN A 1 92  ? 5.987   -10.844 -6.458  1.00 49.73 ? 83  ASN A N     1 
ATOM   504  C CA    . ASN A 1 92  ? 6.619   -9.588  -6.067  1.00 49.66 ? 83  ASN A CA    1 
ATOM   505  C C     . ASN A 1 92  ? 5.766   -8.393  -6.476  1.00 49.91 ? 83  ASN A C     1 
ATOM   506  O O     . ASN A 1 92  ? 4.779   -8.546  -7.214  1.00 50.40 ? 83  ASN A O     1 
ATOM   507  C CB    . ASN A 1 92  ? 7.997   -9.463  -6.718  1.00 49.62 ? 83  ASN A CB    1 
ATOM   508  C CG    . ASN A 1 92  ? 9.041   -10.334 -6.064  1.00 49.47 ? 83  ASN A CG    1 
ATOM   509  O OD1   . ASN A 1 92  ? 8.812   -10.925 -5.020  1.00 50.76 ? 83  ASN A OD1   1 
ATOM   510  N ND2   . ASN A 1 92  ? 10.198  -10.425 -6.686  1.00 49.82 ? 83  ASN A ND2   1 
ATOM   511  N N     . MET A 1 93  ? 6.143   -7.206  -6.014  1.00 49.21 ? 84  MET A N     1 
ATOM   512  C CA    . MET A 1 93  ? 5.456   -6.005  -6.414  1.00 49.46 ? 84  MET A CA    1 
ATOM   513  C C     . MET A 1 93  ? 5.801   -5.678  -7.862  1.00 49.56 ? 84  MET A C     1 
ATOM   514  O O     . MET A 1 93  ? 6.745   -6.243  -8.423  1.00 49.28 ? 84  MET A O     1 
ATOM   515  C CB    . MET A 1 93  ? 5.852   -4.852  -5.511  1.00 49.30 ? 84  MET A CB    1 
ATOM   516  C CG    . MET A 1 93  ? 7.254   -4.382  -5.748  1.00 49.20 ? 84  MET A CG    1 
ATOM   517  S SD    . MET A 1 93  ? 7.612   -2.945  -4.761  1.00 50.95 ? 84  MET A SD    1 
ATOM   518  C CE    . MET A 1 93  ? 8.169   -3.691  -3.219  1.00 45.95 ? 84  MET A CE    1 
ATOM   519  N N     . ALA A 1 94  ? 5.039   -4.758  -8.453  1.00 49.75 ? 85  ALA A N     1 
ATOM   520  C CA    . ALA A 1 94  ? 5.223   -4.359  -9.839  1.00 49.88 ? 85  ALA A CA    1 
ATOM   521  C C     . ALA A 1 94  ? 6.449   -3.477  -9.997  1.00 50.09 ? 85  ALA A C     1 
ATOM   522  O O     . ALA A 1 94  ? 6.777   -2.696  -9.103  1.00 50.23 ? 85  ALA A O     1 
ATOM   523  C CB    . ALA A 1 94  ? 4.017   -3.634  -10.313 1.00 50.12 ? 85  ALA A CB    1 
ATOM   524  N N     . SER A 1 95  ? 7.113   -3.592  -11.143 1.00 50.35 ? 86  SER A N     1 
ATOM   525  C CA    . SER A 1 95  ? 8.393   -2.893  -11.366 1.00 50.76 ? 86  SER A CA    1 
ATOM   526  C C     . SER A 1 95  ? 8.344   -1.364  -11.436 1.00 50.49 ? 86  SER A C     1 
ATOM   527  O O     . SER A 1 95  ? 9.333   -0.730  -11.079 1.00 51.08 ? 86  SER A O     1 
ATOM   528  C CB    . SER A 1 95  ? 9.166   -3.454  -12.570 1.00 50.70 ? 86  SER A CB    1 
ATOM   529  O OG    . SER A 1 95  ? 8.298   -3.698  -13.653 1.00 51.95 ? 86  SER A OG    1 
ATOM   530  N N     . PRO A 1 96  ? 7.221   -0.764  -11.904 1.00 50.17 ? 87  PRO A N     1 
ATOM   531  C CA    . PRO A 1 96  ? 7.099   0.690   -11.759 1.00 49.59 ? 87  PRO A CA    1 
ATOM   532  C C     . PRO A 1 96  ? 7.124   1.133   -10.295 1.00 49.49 ? 87  PRO A C     1 
ATOM   533  O O     . PRO A 1 96  ? 7.715   2.172   -9.989  1.00 49.89 ? 87  PRO A O     1 
ATOM   534  C CB    . PRO A 1 96  ? 5.743   0.992   -12.380 1.00 49.50 ? 87  PRO A CB    1 
ATOM   535  C CG    . PRO A 1 96  ? 5.502   -0.116  -13.301 1.00 49.79 ? 87  PRO A CG    1 
ATOM   536  C CD    . PRO A 1 96  ? 6.050   -1.317  -12.604 1.00 50.16 ? 87  PRO A CD    1 
ATOM   537  N N     . LEU A 1 97  ? 6.527   0.347   -9.398  1.00 49.07 ? 88  LEU A N     1 
ATOM   538  C CA    . LEU A 1 97  ? 6.582   0.659   -7.972  1.00 48.85 ? 88  LEU A CA    1 
ATOM   539  C C     . LEU A 1 97  ? 7.990   0.476   -7.426  1.00 49.54 ? 88  LEU A C     1 
ATOM   540  O O     . LEU A 1 97  ? 8.562   1.392   -6.800  1.00 49.89 ? 88  LEU A O     1 
ATOM   541  C CB    . LEU A 1 97  ? 5.571   -0.158  -7.171  1.00 48.39 ? 88  LEU A CB    1 
ATOM   542  C CG    . LEU A 1 97  ? 5.458   0.311   -5.715  1.00 47.96 ? 88  LEU A CG    1 
ATOM   543  C CD1   . LEU A 1 97  ? 5.210   1.822   -5.590  1.00 46.86 ? 88  LEU A CD1   1 
ATOM   544  C CD2   . LEU A 1 97  ? 4.400   -0.478  -4.937  1.00 48.33 ? 88  LEU A CD2   1 
ATOM   545  N N     . LYS A 1 98  ? 8.546   -0.704  -7.683  1.00 49.86 ? 89  LYS A N     1 
ATOM   546  C CA    . LYS A 1 98  ? 9.902   -1.022  -7.296  1.00 50.20 ? 89  LYS A CA    1 
ATOM   547  C C     . LYS A 1 98  ? 10.853  0.088   -7.756  1.00 50.24 ? 89  LYS A C     1 
ATOM   548  O O     . LYS A 1 98  ? 11.721  0.512   -6.993  1.00 50.22 ? 89  LYS A O     1 
ATOM   549  C CB    . LYS A 1 98  ? 10.287  -2.393  -7.873  1.00 50.68 ? 89  LYS A CB    1 
ATOM   550  C CG    . LYS A 1 98  ? 11.639  -2.965  -7.432  1.00 51.41 ? 89  LYS A CG    1 
ATOM   551  C CD    . LYS A 1 98  ? 11.816  -2.968  -5.924  1.00 52.11 ? 89  LYS A CD    1 
ATOM   552  C CE    . LYS A 1 98  ? 13.293  -3.062  -5.585  1.00 53.33 ? 89  LYS A CE    1 
ATOM   553  N NZ    . LYS A 1 98  ? 13.634  -2.542  -4.250  1.00 53.40 ? 89  LYS A NZ    1 
ATOM   554  N N     . TYR A 1 99  ? 10.658  0.582   -8.981  1.00 50.12 ? 90  TYR A N     1 
ATOM   555  C CA    . TYR A 1 99  ? 11.511  1.631   -9.536  1.00 50.22 ? 90  TYR A CA    1 
ATOM   556  C C     . TYR A 1 99  ? 11.439  2.926   -8.727  1.00 50.24 ? 90  TYR A C     1 
ATOM   557  O O     . TYR A 1 99  ? 12.432  3.633   -8.583  1.00 49.71 ? 90  TYR A O     1 
ATOM   558  C CB    . TYR A 1 99  ? 11.176  1.893   -11.007 1.00 50.48 ? 90  TYR A CB    1 
ATOM   559  C CG    . TYR A 1 99  ? 12.015  2.987   -11.637 1.00 51.14 ? 90  TYR A CG    1 
ATOM   560  C CD1   . TYR A 1 99  ? 13.402  2.834   -11.776 1.00 52.38 ? 90  TYR A CD1   1 
ATOM   561  C CD2   . TYR A 1 99  ? 11.434  4.180   -12.078 1.00 51.34 ? 90  TYR A CD2   1 
ATOM   562  C CE1   . TYR A 1 99  ? 14.197  3.838   -12.343 1.00 52.81 ? 90  TYR A CE1   1 
ATOM   563  C CE2   . TYR A 1 99  ? 12.212  5.202   -12.647 1.00 52.57 ? 90  TYR A CE2   1 
ATOM   564  C CZ    . TYR A 1 99  ? 13.603  5.023   -12.776 1.00 53.14 ? 90  TYR A CZ    1 
ATOM   565  O OH    . TYR A 1 99  ? 14.395  6.008   -13.344 1.00 52.08 ? 90  TYR A OH    1 
ATOM   566  N N     . PHE A 1 100 ? 10.256  3.223   -8.196  1.00 50.52 ? 91  PHE A N     1 
ATOM   567  C CA    . PHE A 1 100 ? 10.077  4.408   -7.384  1.00 50.71 ? 91  PHE A CA    1 
ATOM   568  C C     . PHE A 1 100 ? 10.815  4.254   -6.058  1.00 51.51 ? 91  PHE A C     1 
ATOM   569  O O     . PHE A 1 100 ? 11.476  5.190   -5.577  1.00 51.40 ? 91  PHE A O     1 
ATOM   570  C CB    . PHE A 1 100 ? 8.587   4.705   -7.145  1.00 50.29 ? 91  PHE A CB    1 
ATOM   571  C CG    . PHE A 1 100 ? 8.348   5.948   -6.324  1.00 49.30 ? 91  PHE A CG    1 
ATOM   572  C CD1   . PHE A 1 100 ? 8.415   7.213   -6.916  1.00 48.52 ? 91  PHE A CD1   1 
ATOM   573  C CD2   . PHE A 1 100 ? 8.096   5.859   -4.948  1.00 48.11 ? 91  PHE A CD2   1 
ATOM   574  C CE1   . PHE A 1 100 ? 8.228   8.383   -6.154  1.00 48.37 ? 91  PHE A CE1   1 
ATOM   575  C CE2   . PHE A 1 100 ? 7.911   7.020   -4.172  1.00 48.37 ? 91  PHE A CE2   1 
ATOM   576  C CZ    . PHE A 1 100 ? 7.977   8.289   -4.779  1.00 48.38 ? 91  PHE A CZ    1 
ATOM   577  N N     . LEU A 1 101 ? 10.701  3.071   -5.462  1.00 52.18 ? 92  LEU A N     1 
ATOM   578  C CA    . LEU A 1 101 ? 11.357  2.827   -4.187  1.00 52.97 ? 92  LEU A CA    1 
ATOM   579  C C     . LEU A 1 101 ? 12.855  2.814   -4.421  1.00 53.83 ? 92  LEU A C     1 
ATOM   580  O O     . LEU A 1 101 ? 13.632  3.353   -3.638  1.00 53.71 ? 92  LEU A O     1 
ATOM   581  C CB    . LEU A 1 101 ? 10.872  1.515   -3.578  1.00 52.82 ? 92  LEU A CB    1 
ATOM   582  C CG    . LEU A 1 101 ? 9.385   1.521   -3.192  1.00 52.81 ? 92  LEU A CG    1 
ATOM   583  C CD1   . LEU A 1 101 ? 8.810   0.113   -3.068  1.00 52.59 ? 92  LEU A CD1   1 
ATOM   584  C CD2   . LEU A 1 101 ? 9.161   2.322   -1.914  1.00 52.13 ? 92  LEU A CD2   1 
ATOM   585  N N     . ASP A 1 102 ? 13.241  2.225   -5.544  1.00 55.23 ? 93  ASP A N     1 
ATOM   586  C CA    . ASP A 1 102 ? 14.624  2.207   -5.975  1.00 56.43 ? 93  ASP A CA    1 
ATOM   587  C C     . ASP A 1 102 ? 15.287  3.585   -5.963  1.00 56.66 ? 93  ASP A C     1 
ATOM   588  O O     . ASP A 1 102 ? 16.514  3.680   -5.862  1.00 56.79 ? 93  ASP A O     1 
ATOM   589  C CB    . ASP A 1 102 ? 14.741  1.560   -7.358  1.00 56.87 ? 93  ASP A CB    1 
ATOM   590  C CG    . ASP A 1 102 ? 15.188  0.104   -7.284  1.00 58.37 ? 93  ASP A CG    1 
ATOM   591  O OD1   . ASP A 1 102 ? 15.642  -0.439  -8.320  1.00 60.16 ? 93  ASP A OD1   1 
ATOM   592  O OD2   . ASP A 1 102 ? 15.105  -0.491  -6.182  1.00 59.78 ? 93  ASP A OD2   1 
ATOM   593  N N     . GLY A 1 103 ? 14.482  4.642   -6.050  1.00 56.68 ? 94  GLY A N     1 
ATOM   594  C CA    . GLY A 1 103 ? 15.008  6.001   -5.989  1.00 56.75 ? 94  GLY A CA    1 
ATOM   595  C C     . GLY A 1 103 ? 14.973  6.659   -4.613  1.00 57.00 ? 94  GLY A C     1 
ATOM   596  O O     . GLY A 1 103 ? 14.900  7.878   -4.532  1.00 57.49 ? 94  GLY A O     1 
ATOM   597  N N     . THR A 1 104 ? 15.042  5.891   -3.525  1.00 56.90 ? 95  THR A N     1 
ATOM   598  C CA    . THR A 1 104 ? 14.861  6.486   -2.196  1.00 56.75 ? 95  THR A CA    1 
ATOM   599  C C     . THR A 1 104 ? 16.073  6.405   -1.269  1.00 57.31 ? 95  THR A C     1 
ATOM   600  O O     . THR A 1 104 ? 15.950  6.629   -0.060  1.00 56.81 ? 95  THR A O     1 
ATOM   601  C CB    . THR A 1 104 ? 13.613  5.931   -1.464  1.00 56.60 ? 95  THR A CB    1 
ATOM   602  O OG1   . THR A 1 104 ? 13.765  4.525   -1.230  1.00 55.90 ? 95  THR A OG1   1 
ATOM   603  C CG2   . THR A 1 104 ? 12.359  6.198   -2.265  1.00 55.77 ? 95  THR A CG2   1 
ATOM   604  N N     . SER A 1 105 ? 17.242  6.112   -1.841  1.00 58.14 ? 96  SER A N     1 
ATOM   605  C CA    . SER A 1 105 ? 18.499  6.056   -1.085  1.00 59.19 ? 96  SER A CA    1 
ATOM   606  C C     . SER A 1 105 ? 18.657  7.238   -0.152  1.00 59.99 ? 96  SER A C     1 
ATOM   607  O O     . SER A 1 105 ? 19.065  7.081   0.994   1.00 60.14 ? 96  SER A O     1 
ATOM   608  C CB    . SER A 1 105 ? 19.696  6.045   -2.026  1.00 59.05 ? 96  SER A CB    1 
ATOM   609  O OG    . SER A 1 105 ? 19.574  5.028   -2.991  1.00 59.80 ? 96  SER A OG    1 
ATOM   610  N N     . SER A 1 106 ? 18.340  8.421   -0.664  1.00 61.22 ? 97  SER A N     1 
ATOM   611  C CA    . SER A 1 106 ? 18.496  9.654   0.080   1.00 62.47 ? 97  SER A CA    1 
ATOM   612  C C     . SER A 1 106 ? 17.720  9.638   1.391   1.00 63.19 ? 97  SER A C     1 
ATOM   613  O O     . SER A 1 106 ? 18.253  10.015  2.438   1.00 63.21 ? 97  SER A O     1 
ATOM   614  C CB    . SER A 1 106 ? 18.045  10.833  -0.762  1.00 62.49 ? 97  SER A CB    1 
ATOM   615  O OG    . SER A 1 106 ? 18.037  11.997  0.042   1.00 63.89 ? 97  SER A OG    1 
ATOM   616  N N     . LEU A 1 107 ? 16.460  9.212   1.312   1.00 64.29 ? 98  LEU A N     1 
ATOM   617  C CA    . LEU A 1 107 ? 15.609  9.071   2.480   1.00 65.21 ? 98  LEU A CA    1 
ATOM   618  C C     . LEU A 1 107 ? 16.140  7.995   3.406   1.00 66.03 ? 98  LEU A C     1 
ATOM   619  O O     . LEU A 1 107 ? 16.134  8.171   4.622   1.00 66.04 ? 98  LEU A O     1 
ATOM   620  C CB    . LEU A 1 107 ? 14.201  8.690   2.061   1.00 65.30 ? 98  LEU A CB    1 
ATOM   621  C CG    . LEU A 1 107 ? 13.242  9.728   1.496   1.00 65.62 ? 98  LEU A CG    1 
ATOM   622  C CD1   . LEU A 1 107 ? 11.958  9.023   1.124   1.00 65.69 ? 98  LEU A CD1   1 
ATOM   623  C CD2   . LEU A 1 107 ? 12.968  10.831  2.501   1.00 66.39 ? 98  LEU A CD2   1 
ATOM   624  N N     . TRP A 1 108 ? 16.571  6.877   2.822   1.00 67.20 ? 99  TRP A N     1 
ATOM   625  C CA    . TRP A 1 108 ? 17.172  5.795   3.583   1.00 68.58 ? 99  TRP A CA    1 
ATOM   626  C C     . TRP A 1 108 ? 18.308  6.367   4.415   1.00 68.82 ? 99  TRP A C     1 
ATOM   627  O O     . TRP A 1 108 ? 18.402  6.128   5.617   1.00 69.02 ? 99  TRP A O     1 
ATOM   628  C CB    . TRP A 1 108 ? 17.734  4.710   2.655   1.00 69.43 ? 99  TRP A CB    1 
ATOM   629  C CG    . TRP A 1 108 ? 18.419  3.609   3.433   1.00 71.00 ? 99  TRP A CG    1 
ATOM   630  C CD1   . TRP A 1 108 ? 17.816  2.531   4.008   1.00 71.89 ? 99  TRP A CD1   1 
ATOM   631  C CD2   . TRP A 1 108 ? 19.824  3.508   3.766   1.00 72.54 ? 99  TRP A CD2   1 
ATOM   632  N NE1   . TRP A 1 108 ? 18.747  1.754   4.668   1.00 72.62 ? 99  TRP A NE1   1 
ATOM   633  C CE2   . TRP A 1 108 ? 19.986  2.326   4.538   1.00 72.65 ? 99  TRP A CE2   1 
ATOM   634  C CE3   . TRP A 1 108 ? 20.956  4.293   3.486   1.00 72.51 ? 99  TRP A CE3   1 
ATOM   635  C CZ2   . TRP A 1 108 ? 21.242  1.905   5.039   1.00 71.51 ? 99  TRP A CZ2   1 
ATOM   636  C CZ3   . TRP A 1 108 ? 22.211  3.870   3.987   1.00 71.98 ? 99  TRP A CZ3   1 
ATOM   637  C CH2   . TRP A 1 108 ? 22.334  2.689   4.758   1.00 71.24 ? 99  TRP A CH2   1 
ATOM   638  N N     . LEU A 1 109 ? 19.143  7.140   3.729   1.00 69.13 ? 100 LEU A N     1 
ATOM   639  C CA    . LEU A 1 109 ? 20.383  7.678   4.238   1.00 69.27 ? 100 LEU A CA    1 
ATOM   640  C C     . LEU A 1 109 ? 20.150  8.585   5.429   1.00 68.96 ? 100 LEU A C     1 
ATOM   641  O O     . LEU A 1 109 ? 20.585  8.270   6.522   1.00 69.34 ? 100 LEU A O     1 
ATOM   642  C CB    . LEU A 1 109 ? 21.094  8.417   3.109   1.00 69.26 ? 100 LEU A CB    1 
ATOM   643  C CG    . LEU A 1 109 ? 22.578  8.692   3.276   1.00 70.17 ? 100 LEU A CG    1 
ATOM   644  C CD1   . LEU A 1 109 ? 23.307  7.432   3.714   1.00 70.29 ? 100 LEU A CD1   1 
ATOM   645  C CD2   . LEU A 1 109 ? 23.138  9.247   1.959   1.00 69.87 ? 100 LEU A CD2   1 
ATOM   646  N N     . THR A 1 110 ? 19.445  9.690   5.233   1.00 68.70 ? 101 THR A N     1 
ATOM   647  C CA    . THR A 1 110 ? 19.075  10.560  6.355   1.00 68.70 ? 101 THR A CA    1 
ATOM   648  C C     . THR A 1 110 ? 18.070  9.888   7.311   1.00 68.60 ? 101 THR A C     1 
ATOM   649  O O     . THR A 1 110 ? 17.762  10.412  8.381   1.00 68.90 ? 101 THR A O     1 
ATOM   650  C CB    . THR A 1 110 ? 18.467  11.898  5.875   1.00 68.74 ? 101 THR A CB    1 
ATOM   651  O OG1   . THR A 1 110 ? 17.240  11.641  5.177   1.00 68.39 ? 101 THR A OG1   1 
ATOM   652  C CG2   . THR A 1 110 ? 19.436  12.653  4.965   1.00 69.30 ? 101 THR A CG2   1 
ATOM   653  N N     . GLY A 1 111 ? 17.542  8.740   6.912   1.00 68.23 ? 102 GLY A N     1 
ATOM   654  C CA    . GLY A 1 111 ? 16.662  7.976   7.780   1.00 67.20 ? 102 GLY A CA    1 
ATOM   655  C C     . GLY A 1 111 ? 15.289  8.579   8.012   1.00 66.44 ? 102 GLY A C     1 
ATOM   656  O O     . GLY A 1 111 ? 14.833  8.657   9.153   1.00 66.39 ? 102 GLY A O     1 
ATOM   657  N N     . SER A 1 112 ? 14.598  8.993   6.956   1.00 65.39 ? 103 SER A N     1 
ATOM   658  C CA    . SER A 1 112 ? 13.171  9.175   7.160   1.00 64.99 ? 103 SER A CA    1 
ATOM   659  C C     . SER A 1 112 ? 12.398  7.848   7.036   1.00 64.42 ? 103 SER A C     1 
ATOM   660  O O     . SER A 1 112 ? 12.977  6.776   6.777   1.00 64.94 ? 103 SER A O     1 
ATOM   661  C CB    . SER A 1 112 ? 12.557  10.237  6.261   1.00 65.34 ? 103 SER A CB    1 
ATOM   662  O OG    . SER A 1 112 ? 11.157  10.338  6.557   1.00 66.22 ? 103 SER A OG    1 
ATOM   663  N N     . LEU A 1 113 ? 11.081  7.925   7.221   1.00 62.61 ? 104 LEU A N     1 
ATOM   664  C CA    . LEU A 1 113 ? 10.249  6.729   7.317   1.00 60.57 ? 104 LEU A CA    1 
ATOM   665  C C     . LEU A 1 113 ? 10.553  5.972   8.607   1.00 59.05 ? 104 LEU A C     1 
ATOM   666  O O     . LEU A 1 113 ? 9.686   5.271   9.131   1.00 58.96 ? 104 LEU A O     1 
ATOM   667  C CB    . LEU A 1 113 ? 10.404  5.840   6.077   1.00 60.65 ? 104 LEU A CB    1 
ATOM   668  C CG    . LEU A 1 113 ? 10.216  6.574   4.745   1.00 59.70 ? 104 LEU A CG    1 
ATOM   669  C CD1   . LEU A 1 113 ? 10.428  5.626   3.587   1.00 59.22 ? 104 LEU A CD1   1 
ATOM   670  C CD2   . LEU A 1 113 ? 8.833   7.177   4.680   1.00 59.17 ? 104 LEU A CD2   1 
ATOM   671  N N     . VAL A 1 114 ? 11.774  6.145   9.120   1.00 57.04 ? 105 VAL A N     1 
ATOM   672  C CA    . VAL A 1 114 ? 12.174  5.558   10.392  1.00 55.46 ? 105 VAL A CA    1 
ATOM   673  C C     . VAL A 1 114 ? 11.130  5.940   11.431  1.00 54.25 ? 105 VAL A C     1 
ATOM   674  O O     . VAL A 1 114 ? 10.835  7.119   11.600  1.00 54.24 ? 105 VAL A O     1 
ATOM   675  C CB    . VAL A 1 114 ? 13.581  6.046   10.830  1.00 55.65 ? 105 VAL A CB    1 
ATOM   676  C CG1   . VAL A 1 114 ? 13.907  5.580   12.242  1.00 54.68 ? 105 VAL A CG1   1 
ATOM   677  C CG2   . VAL A 1 114 ? 14.656  5.563   9.854   1.00 55.42 ? 105 VAL A CG2   1 
ATOM   678  N N     . GLY A 1 115 ? 10.541  4.944   12.084  1.00 52.83 ? 106 GLY A N     1 
ATOM   679  C CA    . GLY A 1 115 ? 9.539   5.187   13.122  1.00 51.43 ? 106 GLY A CA    1 
ATOM   680  C C     . GLY A 1 115 ? 8.093   5.323   12.653  1.00 50.52 ? 106 GLY A C     1 
ATOM   681  O O     . GLY A 1 115 ? 7.155   5.184   13.442  1.00 50.71 ? 106 GLY A O     1 
ATOM   682  N N     . LYS A 1 116 ? 7.890   5.595   11.373  1.00 49.29 ? 107 LYS A N     1 
ATOM   683  C CA    . LYS A 1 116 ? 6.535   5.794   10.878  1.00 48.15 ? 107 LYS A CA    1 
ATOM   684  C C     . LYS A 1 116 ? 5.884   4.452   10.533  1.00 47.53 ? 107 LYS A C     1 
ATOM   685  O O     . LYS A 1 116 ? 6.549   3.563   9.995   1.00 47.52 ? 107 LYS A O     1 
ATOM   686  C CB    . LYS A 1 116 ? 6.543   6.723   9.663   1.00 48.17 ? 107 LYS A CB    1 
ATOM   687  C CG    . LYS A 1 116 ? 7.390   7.956   9.856   1.00 47.69 ? 107 LYS A CG    1 
ATOM   688  C CD    . LYS A 1 116 ? 7.411   8.846   8.634   1.00 47.57 ? 107 LYS A CD    1 
ATOM   689  C CE    . LYS A 1 116 ? 8.000   10.194  9.024   1.00 48.20 ? 107 LYS A CE    1 
ATOM   690  N NZ    . LYS A 1 116 ? 8.269   11.002  7.821   1.00 49.02 ? 107 LYS A NZ    1 
ATOM   691  N N     . PRO A 1 117 ? 4.574   4.306   10.822  1.00 46.78 ? 108 PRO A N     1 
ATOM   692  C CA    . PRO A 1 117 ? 3.879   3.037   10.615  1.00 45.93 ? 108 PRO A CA    1 
ATOM   693  C C     . PRO A 1 117 ? 3.626   2.768   9.137   1.00 45.26 ? 108 PRO A C     1 
ATOM   694  O O     . PRO A 1 117 ? 3.480   3.708   8.365   1.00 45.28 ? 108 PRO A O     1 
ATOM   695  C CB    . PRO A 1 117 ? 2.552   3.249   11.348  1.00 46.03 ? 108 PRO A CB    1 
ATOM   696  C CG    . PRO A 1 117 ? 2.302   4.712   11.271  1.00 45.84 ? 108 PRO A CG    1 
ATOM   697  C CD    . PRO A 1 117 ? 3.663   5.353   11.339  1.00 46.94 ? 108 PRO A CD    1 
ATOM   698  N N     . ALA A 1 118 ? 3.591   1.499   8.745   1.00 44.64 ? 109 ALA A N     1 
ATOM   699  C CA    . ALA A 1 118 ? 3.302   1.141   7.354   1.00 43.83 ? 109 ALA A CA    1 
ATOM   700  C C     . ALA A 1 118 ? 2.534   -0.183  7.194   1.00 43.30 ? 109 ALA A C     1 
ATOM   701  O O     . ALA A 1 118 ? 2.614   -1.082  8.033   1.00 42.79 ? 109 ALA A O     1 
ATOM   702  C CB    . ALA A 1 118 ? 4.572   1.158   6.503   1.00 42.89 ? 109 ALA A CB    1 
ATOM   703  N N     . ALA A 1 119 ? 1.777   -0.272  6.108   1.00 42.78 ? 110 ALA A N     1 
ATOM   704  C CA    . ALA A 1 119 ? 0.998   -1.453  5.802   1.00 42.52 ? 110 ALA A CA    1 
ATOM   705  C C     . ALA A 1 119 ? 0.981   -1.613  4.293   1.00 42.33 ? 110 ALA A C     1 
ATOM   706  O O     . ALA A 1 119 ? 1.195   -0.639  3.557   1.00 41.78 ? 110 ALA A O     1 
ATOM   707  C CB    . ALA A 1 119 ? -0.412  -1.301  6.333   1.00 42.48 ? 110 ALA A CB    1 
ATOM   708  N N     . VAL A 1 120 ? 0.728   -2.841  3.835   1.00 42.02 ? 111 VAL A N     1 
ATOM   709  C CA    . VAL A 1 120 ? 0.701   -3.114  2.399   1.00 41.42 ? 111 VAL A CA    1 
ATOM   710  C C     . VAL A 1 120 ? -0.625  -3.675  1.903   1.00 41.62 ? 111 VAL A C     1 
ATOM   711  O O     . VAL A 1 120 ? -1.449  -4.143  2.671   1.00 41.61 ? 111 VAL A O     1 
ATOM   712  C CB    . VAL A 1 120 ? 1.849   -4.059  1.966   1.00 41.30 ? 111 VAL A CB    1 
ATOM   713  C CG1   . VAL A 1 120 ? 3.205   -3.444  2.284   1.00 40.39 ? 111 VAL A CG1   1 
ATOM   714  C CG2   . VAL A 1 120 ? 1.692   -5.430  2.588   1.00 40.16 ? 111 VAL A CG2   1 
ATOM   715  N N     . PHE A 1 121 ? -0.820  -3.633  0.597   1.00 42.29 ? 112 PHE A N     1 
ATOM   716  C CA    . PHE A 1 121 ? -1.997  -4.243  0.005   1.00 42.97 ? 112 PHE A CA    1 
ATOM   717  C C     . PHE A 1 121 ? -1.748  -4.608  -1.448  1.00 44.07 ? 112 PHE A C     1 
ATOM   718  O O     . PHE A 1 121 ? -0.925  -3.982  -2.129  1.00 43.93 ? 112 PHE A O     1 
ATOM   719  C CB    . PHE A 1 121 ? -3.213  -3.329  0.144   1.00 42.35 ? 112 PHE A CB    1 
ATOM   720  C CG    . PHE A 1 121 ? -3.081  -2.020  -0.569  1.00 41.01 ? 112 PHE A CG    1 
ATOM   721  C CD1   . PHE A 1 121 ? -2.456  -0.942  0.042   1.00 39.87 ? 112 PHE A CD1   1 
ATOM   722  C CD2   . PHE A 1 121 ? -3.616  -1.853  -1.831  1.00 39.02 ? 112 PHE A CD2   1 
ATOM   723  C CE1   . PHE A 1 121 ? -2.351  0.284   -0.608  1.00 40.49 ? 112 PHE A CE1   1 
ATOM   724  C CE2   . PHE A 1 121 ? -3.523  -0.628  -2.490  1.00 40.24 ? 112 PHE A CE2   1 
ATOM   725  C CZ    . PHE A 1 121 ? -2.898  0.449   -1.876  1.00 40.05 ? 112 PHE A CZ    1 
ATOM   726  N N     . THR A 1 122 ? -2.467  -5.627  -1.905  1.00 45.45 ? 113 THR A N     1 
ATOM   727  C CA    . THR A 1 122 ? -2.197  -6.250  -3.197  1.00 47.28 ? 113 THR A CA    1 
ATOM   728  C C     . THR A 1 122 ? -3.443  -6.806  -3.891  1.00 48.63 ? 113 THR A C     1 
ATOM   729  O O     . THR A 1 122 ? -4.423  -7.187  -3.246  1.00 48.76 ? 113 THR A O     1 
ATOM   730  C CB    . THR A 1 122 ? -1.142  -7.412  -3.084  1.00 46.86 ? 113 THR A CB    1 
ATOM   731  O OG1   . THR A 1 122 ? -0.839  -7.892  -4.395  1.00 47.79 ? 113 THR A OG1   1 
ATOM   732  C CG2   . THR A 1 122 ? -1.675  -8.590  -2.285  1.00 46.48 ? 113 THR A CG2   1 
ATOM   733  N N     . SER A 1 123 ? -3.374  -6.890  -5.211  1.00 50.33 ? 114 SER A N     1 
ATOM   734  C CA    . SER A 1 123 ? -4.449  -7.452  -5.984  1.00 52.25 ? 114 SER A CA    1 
ATOM   735  C C     . SER A 1 123 ? -3.914  -8.624  -6.767  1.00 53.62 ? 114 SER A C     1 
ATOM   736  O O     . SER A 1 123 ? -2.782  -8.593  -7.223  1.00 53.24 ? 114 SER A O     1 
ATOM   737  C CB    . SER A 1 123 ? -5.017  -6.400  -6.929  1.00 52.23 ? 114 SER A CB    1 
ATOM   738  O OG    . SER A 1 123 ? -5.946  -6.990  -7.816  1.00 53.00 ? 114 SER A OG    1 
ATOM   739  N N     . THR A 1 124 ? -4.766  -9.625  -6.964  1.00 55.84 ? 115 THR A N     1 
ATOM   740  C CA    . THR A 1 124 ? -4.357  -10.927 -7.480  1.00 58.19 ? 115 THR A CA    1 
ATOM   741  C C     . THR A 1 124 ? -5.316  -11.522 -8.562  1.00 59.52 ? 115 THR A C     1 
ATOM   742  O O     . THR A 1 124 ? -6.525  -11.271 -8.550  1.00 59.89 ? 115 THR A O     1 
ATOM   743  C CB    . THR A 1 124 ? -4.187  -11.896 -6.281  1.00 58.23 ? 115 THR A CB    1 
ATOM   744  O OG1   . THR A 1 124 ? -3.485  -13.075 -6.685  1.00 59.13 ? 115 THR A OG1   1 
ATOM   745  C CG2   . THR A 1 124 ? -5.554  -12.279 -5.669  1.00 59.27 ? 115 THR A CG2   1 
ATOM   746  N N     . ALA A 1 125 ? -4.778  -12.309 -9.493  1.00 61.05 ? 116 ALA A N     1 
ATOM   747  C CA    . ALA A 1 125 ? -5.619  -13.010 -10.471 1.00 62.40 ? 116 ALA A CA    1 
ATOM   748  C C     . ALA A 1 125 ? -6.227  -14.325 -9.941  1.00 63.68 ? 116 ALA A C     1 
ATOM   749  O O     . ALA A 1 125 ? -7.289  -14.728 -10.398 1.00 64.18 ? 116 ALA A O     1 
ATOM   750  C CB    . ALA A 1 125 ? -4.866  -13.249 -11.773 1.00 62.10 ? 116 ALA A CB    1 
ATOM   751  N N     . SER A 1 126 ? -5.580  -14.998 -8.989  1.00 65.20 ? 117 SER A N     1 
ATOM   752  C CA    . SER A 1 126 ? -6.178  -16.217 -8.393  1.00 66.72 ? 117 SER A CA    1 
ATOM   753  C C     . SER A 1 126 ? -6.357  -16.134 -6.880  1.00 67.42 ? 117 SER A C     1 
ATOM   754  O O     . SER A 1 126 ? -5.738  -15.283 -6.232  1.00 67.82 ? 117 SER A O     1 
ATOM   755  C CB    . SER A 1 126 ? -5.400  -17.487 -8.774  1.00 66.89 ? 117 SER A CB    1 
ATOM   756  O OG    . SER A 1 126 ? -4.005  -17.246 -8.853  1.00 68.24 ? 117 SER A OG    1 
ATOM   757  N N     . LEU A 1 127 ? -7.210  -17.007 -6.331  1.00 68.20 ? 118 LEU A N     1 
ATOM   758  C CA    . LEU A 1 127 ? -7.485  -17.053 -4.880  1.00 68.91 ? 118 LEU A CA    1 
ATOM   759  C C     . LEU A 1 127 ? -6.207  -17.196 -4.065  1.00 68.97 ? 118 LEU A C     1 
ATOM   760  O O     . LEU A 1 127 ? -5.995  -16.496 -3.074  1.00 69.07 ? 118 LEU A O     1 
ATOM   761  C CB    . LEU A 1 127 ? -8.402  -18.231 -4.525  1.00 69.13 ? 118 LEU A CB    1 
ATOM   762  C CG    . LEU A 1 127 ? -9.905  -18.018 -4.333  1.00 70.04 ? 118 LEU A CG    1 
ATOM   763  C CD1   . LEU A 1 127 ? -10.550 -19.347 -3.934  1.00 70.09 ? 118 LEU A CD1   1 
ATOM   764  C CD2   . LEU A 1 127 ? -10.206 -16.921 -3.291  1.00 70.93 ? 118 LEU A CD2   1 
ATOM   765  N N     . HIS A 1 128 ? -5.372  -18.135 -4.488  1.00 68.98 ? 119 HIS A N     1 
ATOM   766  C CA    . HIS A 1 128 ? -4.117  -18.391 -3.824  1.00 68.89 ? 119 HIS A CA    1 
ATOM   767  C C     . HIS A 1 128 ? -3.009  -18.203 -4.856  1.00 68.12 ? 119 HIS A C     1 
ATOM   768  O O     . HIS A 1 128 ? -2.281  -19.147 -5.207  1.00 68.37 ? 119 HIS A O     1 
ATOM   769  C CB    . HIS A 1 128 ? -4.123  -19.802 -3.226  1.00 69.50 ? 119 HIS A CB    1 
ATOM   770  C CG    . HIS A 1 128 ? -5.320  -20.088 -2.374  1.00 70.87 ? 119 HIS A CG    1 
ATOM   771  N ND1   . HIS A 1 128 ? -5.469  -19.573 -1.102  1.00 72.10 ? 119 HIS A ND1   1 
ATOM   772  C CD2   . HIS A 1 128 ? -6.431  -20.825 -2.618  1.00 72.41 ? 119 HIS A CD2   1 
ATOM   773  C CE1   . HIS A 1 128 ? -6.618  -19.986 -0.596  1.00 72.97 ? 119 HIS A CE1   1 
ATOM   774  N NE2   . HIS A 1 128 ? -7.222  -20.747 -1.495  1.00 73.89 ? 119 HIS A NE2   1 
ATOM   775  N N     . GLY A 1 129 ? -2.916  -16.970 -5.355  1.00 66.74 ? 120 GLY A N     1 
ATOM   776  C CA    . GLY A 1 129 ? -1.917  -16.601 -6.336  1.00 64.93 ? 120 GLY A CA    1 
ATOM   777  C C     . GLY A 1 129 ? -0.724  -15.953 -5.672  1.00 63.91 ? 120 GLY A C     1 
ATOM   778  O O     . GLY A 1 129 ? 0.043   -15.235 -6.322  1.00 63.85 ? 120 GLY A O     1 
ATOM   779  N N     . GLY A 1 130 ? -0.562  -16.194 -4.375  1.00 62.64 ? 121 GLY A N     1 
ATOM   780  C CA    . GLY A 1 130 ? 0.544   -15.605 -3.650  1.00 61.36 ? 121 GLY A CA    1 
ATOM   781  C C     . GLY A 1 130 ? 0.367   -14.124 -3.385  1.00 60.62 ? 121 GLY A C     1 
ATOM   782  O O     . GLY A 1 130 ? 1.117   -13.303 -3.911  1.00 60.32 ? 121 GLY A O     1 
ATOM   783  N N     . GLN A 1 131 ? -0.642  -13.786 -2.584  1.00 60.00 ? 122 GLN A N     1 
ATOM   784  C CA    . GLN A 1 131 ? -0.782  -12.437 -2.046  1.00 59.78 ? 122 GLN A CA    1 
ATOM   785  C C     . GLN A 1 131 ? 0.078   -12.321 -0.796  1.00 58.82 ? 122 GLN A C     1 
ATOM   786  O O     . GLN A 1 131 ? 0.820   -11.352 -0.615  1.00 58.80 ? 122 GLN A O     1 
ATOM   787  C CB    . GLN A 1 131 ? -2.224  -12.133 -1.667  1.00 60.16 ? 122 GLN A CB    1 
ATOM   788  C CG    . GLN A 1 131 ? -3.265  -12.663 -2.635  1.00 64.07 ? 122 GLN A CG    1 
ATOM   789  C CD    . GLN A 1 131 ? -3.676  -14.106 -2.346  1.00 67.87 ? 122 GLN A CD    1 
ATOM   790  O OE1   . GLN A 1 131 ? -3.899  -14.480 -1.191  1.00 70.51 ? 122 GLN A OE1   1 
ATOM   791  N NE2   . GLN A 1 131 ? -3.791  -14.917 -3.402  1.00 68.95 ? 122 GLN A NE2   1 
ATOM   792  N N     . GLU A 1 132 ? -0.033  -13.318 0.076   1.00 57.44 ? 123 GLU A N     1 
ATOM   793  C CA    . GLU A 1 132 ? 0.695   -13.306 1.325   1.00 56.07 ? 123 GLU A CA    1 
ATOM   794  C C     . GLU A 1 132 ? 2.162   -13.079 1.086   1.00 55.02 ? 123 GLU A C     1 
ATOM   795  O O     . GLU A 1 132 ? 2.767   -12.218 1.731   1.00 55.10 ? 123 GLU A O     1 
ATOM   796  C CB    . GLU A 1 132 ? 0.475   -14.607 2.057   1.00 56.19 ? 123 GLU A CB    1 
ATOM   797  C CG    . GLU A 1 132 ? -0.959  -14.778 2.459   1.00 57.42 ? 123 GLU A CG    1 
ATOM   798  C CD    . GLU A 1 132 ? -1.339  -16.204 2.675   1.00 58.75 ? 123 GLU A CD    1 
ATOM   799  O OE1   . GLU A 1 132 ? -2.548  -16.516 2.516   1.00 61.61 ? 123 GLU A OE1   1 
ATOM   800  O OE2   . GLU A 1 132 ? -0.436  -17.006 2.996   1.00 58.37 ? 123 GLU A OE2   1 
ATOM   801  N N     . THR A 1 133 ? 2.721   -13.828 0.134   1.00 53.46 ? 124 THR A N     1 
ATOM   802  C CA    . THR A 1 133 ? 4.138   -13.717 -0.191  1.00 51.89 ? 124 THR A CA    1 
ATOM   803  C C     . THR A 1 133 ? 4.475   -12.377 -0.853  1.00 50.80 ? 124 THR A C     1 
ATOM   804  O O     . THR A 1 133 ? 5.505   -11.800 -0.566  1.00 50.78 ? 124 THR A O     1 
ATOM   805  C CB    . THR A 1 133 ? 4.626   -14.886 -1.054  1.00 51.98 ? 124 THR A CB    1 
ATOM   806  O OG1   . THR A 1 133 ? 3.916   -14.903 -2.296  1.00 53.18 ? 124 THR A OG1   1 
ATOM   807  C CG2   . THR A 1 133 ? 4.423   -16.216 -0.336  1.00 51.72 ? 124 THR A CG2   1 
ATOM   808  N N     . THR A 1 134 ? 3.606   -11.877 -1.724  1.00 49.55 ? 125 THR A N     1 
ATOM   809  C CA    . THR A 1 134 ? 3.774   -10.522 -2.259  1.00 48.64 ? 125 THR A CA    1 
ATOM   810  C C     . THR A 1 134 ? 3.720   -9.458  -1.145  1.00 48.17 ? 125 THR A C     1 
ATOM   811  O O     . THR A 1 134 ? 4.450   -8.471  -1.188  1.00 48.11 ? 125 THR A O     1 
ATOM   812  C CB    . THR A 1 134 ? 2.731   -10.206 -3.357  1.00 48.36 ? 125 THR A CB    1 
ATOM   813  O OG1   . THR A 1 134 ? 2.707   -11.284 -4.293  1.00 49.37 ? 125 THR A OG1   1 
ATOM   814  C CG2   . THR A 1 134 ? 3.081   -8.927  -4.107  1.00 47.38 ? 125 THR A CG2   1 
ATOM   815  N N     . GLN A 1 135 ? 2.859   -9.672  -0.153  1.00 47.65 ? 126 GLN A N     1 
ATOM   816  C CA    . GLN A 1 135 ? 2.720   -8.741  0.948   1.00 47.34 ? 126 GLN A CA    1 
ATOM   817  C C     . GLN A 1 135 ? 3.971   -8.832  1.805   1.00 47.21 ? 126 GLN A C     1 
ATOM   818  O O     . GLN A 1 135 ? 4.579   -7.829  2.173   1.00 46.72 ? 126 GLN A O     1 
ATOM   819  C CB    . GLN A 1 135 ? 1.469   -9.061  1.759   1.00 47.29 ? 126 GLN A CB    1 
ATOM   820  C CG    . GLN A 1 135 ? 0.160   -8.752  1.049   1.00 47.16 ? 126 GLN A CG    1 
ATOM   821  C CD    . GLN A 1 135 ? -1.039  -9.476  1.655   1.00 48.18 ? 126 GLN A CD    1 
ATOM   822  O OE1   . GLN A 1 135 ? -0.899  -10.490 2.342   1.00 49.14 ? 126 GLN A OE1   1 
ATOM   823  N NE2   . GLN A 1 135 ? -2.225  -8.963  1.390   1.00 49.16 ? 126 GLN A NE2   1 
ATOM   824  N N     . LEU A 1 136 ? 4.375   -10.057 2.079   1.00 47.37 ? 127 LEU A N     1 
ATOM   825  C CA    . LEU A 1 136 ? 5.621   -10.293 2.751   1.00 47.58 ? 127 LEU A CA    1 
ATOM   826  C C     . LEU A 1 136 ? 6.756   -9.528  2.085   1.00 47.19 ? 127 LEU A C     1 
ATOM   827  O O     . LEU A 1 136 ? 7.443   -8.715  2.725   1.00 47.25 ? 127 LEU A O     1 
ATOM   828  C CB    . LEU A 1 136 ? 5.923   -11.770 2.698   1.00 47.92 ? 127 LEU A CB    1 
ATOM   829  C CG    . LEU A 1 136 ? 6.725   -12.281 3.875   1.00 49.39 ? 127 LEU A CG    1 
ATOM   830  C CD1   . LEU A 1 136 ? 6.130   -11.706 5.159   1.00 50.06 ? 127 LEU A CD1   1 
ATOM   831  C CD2   . LEU A 1 136 ? 6.672   -13.818 3.854   1.00 50.72 ? 127 LEU A CD2   1 
ATOM   832  N N     . SER A 1 137 ? 6.929   -9.779  0.796   1.00 46.58 ? 128 SER A N     1 
ATOM   833  C CA    . SER A 1 137 ? 8.060   -9.244  0.058   1.00 46.95 ? 128 SER A CA    1 
ATOM   834  C C     . SER A 1 137 ? 8.037   -7.723  0.061   1.00 46.91 ? 128 SER A C     1 
ATOM   835  O O     . SER A 1 137 ? 9.084   -7.101  -0.028  1.00 47.09 ? 128 SER A O     1 
ATOM   836  C CB    . SER A 1 137 ? 8.112   -9.796  -1.383  1.00 47.10 ? 128 SER A CB    1 
ATOM   837  O OG    . SER A 1 137 ? 7.053   -9.291  -2.198  1.00 47.95 ? 128 SER A OG    1 
ATOM   838  N N     . MET A 1 138 ? 6.842   -7.145  0.176   1.00 46.75 ? 129 MET A N     1 
ATOM   839  C CA    . MET A 1 138 ? 6.663   -5.702  0.190   1.00 46.75 ? 129 MET A CA    1 
ATOM   840  C C     . MET A 1 138 ? 6.930   -5.095  1.553   1.00 46.30 ? 129 MET A C     1 
ATOM   841  O O     . MET A 1 138 ? 7.288   -3.927  1.645   1.00 46.42 ? 129 MET A O     1 
ATOM   842  C CB    . MET A 1 138 ? 5.247   -5.342  -0.243  1.00 47.02 ? 129 MET A CB    1 
ATOM   843  C CG    . MET A 1 138 ? 5.042   -5.314  -1.765  1.00 48.14 ? 129 MET A CG    1 
ATOM   844  S SD    . MET A 1 138 ? 3.293   -5.350  -2.232  1.00 48.07 ? 129 MET A SD    1 
ATOM   845  C CE    . MET A 1 138 ? 2.876   -3.597  -2.091  1.00 46.79 ? 129 MET A CE    1 
ATOM   846  N N     . LEU A 1 139 ? 6.740   -5.874  2.611   1.00 45.82 ? 130 LEU A N     1 
ATOM   847  C CA    . LEU A 1 139 ? 7.111   -5.437  3.953   1.00 45.65 ? 130 LEU A CA    1 
ATOM   848  C C     . LEU A 1 139 ? 8.623   -5.247  4.111   1.00 45.81 ? 130 LEU A C     1 
ATOM   849  O O     . LEU A 1 139 ? 9.069   -4.479  4.976   1.00 45.28 ? 130 LEU A O     1 
ATOM   850  C CB    . LEU A 1 139 ? 6.627   -6.440  4.999   1.00 45.39 ? 130 LEU A CB    1 
ATOM   851  C CG    . LEU A 1 139 ? 5.111   -6.669  5.046   1.00 45.28 ? 130 LEU A CG    1 
ATOM   852  C CD1   . LEU A 1 139 ? 4.763   -7.841  5.954   1.00 44.30 ? 130 LEU A CD1   1 
ATOM   853  C CD2   . LEU A 1 139 ? 4.336   -5.409  5.439   1.00 41.45 ? 130 LEU A CD2   1 
ATOM   854  N N     . LEU A 1 140 ? 9.396   -5.951  3.272   1.00 45.87 ? 131 LEU A N     1 
ATOM   855  C CA    . LEU A 1 140 ? 10.854  -5.971  3.381   1.00 45.74 ? 131 LEU A CA    1 
ATOM   856  C C     . LEU A 1 140 ? 11.445  -4.581  3.210   1.00 46.16 ? 131 LEU A C     1 
ATOM   857  O O     . LEU A 1 140 ? 12.066  -4.078  4.151   1.00 46.73 ? 131 LEU A O     1 
ATOM   858  C CB    . LEU A 1 140 ? 11.509  -6.995  2.437   1.00 45.06 ? 131 LEU A CB    1 
ATOM   859  C CG    . LEU A 1 140 ? 11.305  -8.494  2.722   1.00 45.25 ? 131 LEU A CG    1 
ATOM   860  C CD1   . LEU A 1 140 ? 12.031  -9.379  1.703   1.00 44.74 ? 131 LEU A CD1   1 
ATOM   861  C CD2   . LEU A 1 140 ? 11.661  -8.927  4.160   1.00 43.77 ? 131 LEU A CD2   1 
ATOM   862  N N     . PRO A 1 141 ? 11.254  -3.944  2.035   1.00 46.32 ? 132 PRO A N     1 
ATOM   863  C CA    . PRO A 1 141 ? 11.762  -2.573  1.914   1.00 46.54 ? 132 PRO A CA    1 
ATOM   864  C C     . PRO A 1 141 ? 11.351  -1.650  3.053   1.00 46.82 ? 132 PRO A C     1 
ATOM   865  O O     . PRO A 1 141 ? 12.186  -0.861  3.515   1.00 47.42 ? 132 PRO A O     1 
ATOM   866  C CB    . PRO A 1 141 ? 11.196  -2.068  0.565   1.00 46.60 ? 132 PRO A CB    1 
ATOM   867  C CG    . PRO A 1 141 ? 10.257  -3.129  0.070   1.00 46.66 ? 132 PRO A CG    1 
ATOM   868  C CD    . PRO A 1 141 ? 10.649  -4.413  0.773   1.00 46.54 ? 132 PRO A CD    1 
ATOM   869  N N     . LEU A 1 142 ? 10.103  -1.740  3.517   1.00 46.74 ? 133 LEU A N     1 
ATOM   870  C CA    . LEU A 1 142 ? 9.657   -0.859  4.600   1.00 46.57 ? 133 LEU A CA    1 
ATOM   871  C C     . LEU A 1 142 ? 10.476  -1.107  5.861   1.00 46.34 ? 133 LEU A C     1 
ATOM   872  O O     . LEU A 1 142 ? 10.796  -0.175  6.590   1.00 45.98 ? 133 LEU A O     1 
ATOM   873  C CB    . LEU A 1 142 ? 8.154   -1.001  4.869   1.00 46.74 ? 133 LEU A CB    1 
ATOM   874  C CG    . LEU A 1 142 ? 7.211   -0.866  3.652   1.00 46.91 ? 133 LEU A CG    1 
ATOM   875  C CD1   . LEU A 1 142 ? 5.808   -1.313  3.999   1.00 46.13 ? 133 LEU A CD1   1 
ATOM   876  C CD2   . LEU A 1 142 ? 7.176   0.527   3.078   1.00 45.38 ? 133 LEU A CD2   1 
ATOM   877  N N     . LEU A 1 143 ? 10.840  -2.357  6.100   1.00 46.80 ? 134 LEU A N     1 
ATOM   878  C CA    . LEU A 1 143 ? 11.753  -2.669  7.207   1.00 47.86 ? 134 LEU A CA    1 
ATOM   879  C C     . LEU A 1 143 ? 13.187  -2.140  6.986   1.00 48.58 ? 134 LEU A C     1 
ATOM   880  O O     . LEU A 1 143 ? 13.880  -1.795  7.950   1.00 48.45 ? 134 LEU A O     1 
ATOM   881  C CB    . LEU A 1 143 ? 11.764  -4.169  7.526   1.00 47.64 ? 134 LEU A CB    1 
ATOM   882  C CG    . LEU A 1 143 ? 10.524  -4.729  8.233   1.00 46.80 ? 134 LEU A CG    1 
ATOM   883  C CD1   . LEU A 1 143 ? 10.696  -6.212  8.445   1.00 46.22 ? 134 LEU A CD1   1 
ATOM   884  C CD2   . LEU A 1 143 ? 10.234  -4.043  9.551   1.00 45.54 ? 134 LEU A CD2   1 
ATOM   885  N N     . HIS A 1 144 ? 13.623  -2.068  5.725   1.00 49.09 ? 135 HIS A N     1 
ATOM   886  C CA    . HIS A 1 144 ? 14.926  -1.473  5.402   1.00 49.71 ? 135 HIS A CA    1 
ATOM   887  C C     . HIS A 1 144 ? 14.894  0.024   5.677   1.00 49.84 ? 135 HIS A C     1 
ATOM   888  O O     . HIS A 1 144 ? 15.897  0.596   6.108   1.00 50.30 ? 135 HIS A O     1 
ATOM   889  C CB    . HIS A 1 144 ? 15.356  -1.768  3.959   1.00 49.60 ? 135 HIS A CB    1 
ATOM   890  C CG    . HIS A 1 144 ? 15.812  -3.176  3.751   1.00 51.04 ? 135 HIS A CG    1 
ATOM   891  N ND1   . HIS A 1 144 ? 16.986  -3.492  3.104   1.00 53.66 ? 135 HIS A ND1   1 
ATOM   892  C CD2   . HIS A 1 144 ? 15.264  -4.357  4.126   1.00 52.41 ? 135 HIS A CD2   1 
ATOM   893  C CE1   . HIS A 1 144 ? 17.138  -4.805  3.081   1.00 52.69 ? 135 HIS A CE1   1 
ATOM   894  N NE2   . HIS A 1 144 ? 16.105  -5.355  3.694   1.00 52.46 ? 135 HIS A NE2   1 
ATOM   895  N N     . HIS A 1 145 ? 13.740  0.649   5.452   1.00 49.54 ? 136 HIS A N     1 
ATOM   896  C CA    . HIS A 1 145 ? 13.570  2.050   5.804   1.00 49.44 ? 136 HIS A CA    1 
ATOM   897  C C     . HIS A 1 145 ? 13.257  2.236   7.300   1.00 49.46 ? 136 HIS A C     1 
ATOM   898  O O     . HIS A 1 145 ? 13.021  3.359   7.765   1.00 49.19 ? 136 HIS A O     1 
ATOM   899  C CB    . HIS A 1 145 ? 12.501  2.701   4.922   1.00 49.66 ? 136 HIS A CB    1 
ATOM   900  C CG    . HIS A 1 145 ? 13.022  3.240   3.617   1.00 49.74 ? 136 HIS A CG    1 
ATOM   901  N ND1   . HIS A 1 145 ? 13.703  4.437   3.524   1.00 49.84 ? 136 HIS A ND1   1 
ATOM   902  C CD2   . HIS A 1 145 ? 12.936  2.762   2.354   1.00 48.96 ? 136 HIS A CD2   1 
ATOM   903  C CE1   . HIS A 1 145 ? 14.023  4.663   2.261   1.00 49.13 ? 136 HIS A CE1   1 
ATOM   904  N NE2   . HIS A 1 145 ? 13.572  3.661   1.531   1.00 48.66 ? 136 HIS A NE2   1 
ATOM   905  N N     . GLY A 1 146 ? 13.260  1.132   8.050   1.00 49.28 ? 137 GLY A N     1 
ATOM   906  C CA    . GLY A 1 146 ? 13.027  1.184   9.489   1.00 49.38 ? 137 GLY A CA    1 
ATOM   907  C C     . GLY A 1 146 ? 11.648  1.684   9.912   1.00 49.74 ? 137 GLY A C     1 
ATOM   908  O O     . GLY A 1 146 ? 11.504  2.313   10.964  1.00 49.70 ? 137 GLY A O     1 
ATOM   909  N N     . MET A 1 147 ? 10.630  1.395   9.099   1.00 49.61 ? 138 MET A N     1 
ATOM   910  C CA    . MET A 1 147 ? 9.247   1.698   9.443   1.00 49.40 ? 138 MET A CA    1 
ATOM   911  C C     . MET A 1 147 ? 8.704   0.693   10.450  1.00 49.76 ? 138 MET A C     1 
ATOM   912  O O     . MET A 1 147 ? 9.363   -0.307  10.729  1.00 50.29 ? 138 MET A O     1 
ATOM   913  C CB    . MET A 1 147 ? 8.418   1.665   8.180   1.00 48.86 ? 138 MET A CB    1 
ATOM   914  C CG    . MET A 1 147 ? 9.027   2.507   7.105   1.00 49.35 ? 138 MET A CG    1 
ATOM   915  S SD    . MET A 1 147 ? 7.846   2.990   5.854   1.00 49.50 ? 138 MET A SD    1 
ATOM   916  C CE    . MET A 1 147 ? 6.860   4.183   6.771   1.00 49.51 ? 138 MET A CE    1 
ATOM   917  N N     . LEU A 1 148 ? 7.511   0.946   10.992  1.00 49.97 ? 139 LEU A N     1 
ATOM   918  C CA    . LEU A 1 148 ? 6.817   -0.022  11.851  1.00 50.02 ? 139 LEU A CA    1 
ATOM   919  C C     . LEU A 1 148 ? 5.687   -0.681  11.096  1.00 49.51 ? 139 LEU A C     1 
ATOM   920  O O     . LEU A 1 148 ? 4.729   -0.010  10.712  1.00 49.79 ? 139 LEU A O     1 
ATOM   921  C CB    . LEU A 1 148 ? 6.204   0.686   13.043  1.00 50.67 ? 139 LEU A CB    1 
ATOM   922  C CG    . LEU A 1 148 ? 6.945   0.681   14.371  1.00 53.38 ? 139 LEU A CG    1 
ATOM   923  C CD1   . LEU A 1 148 ? 8.123   1.685   14.374  1.00 53.77 ? 139 LEU A CD1   1 
ATOM   924  C CD2   . LEU A 1 148 ? 5.904   1.006   15.446  1.00 55.03 ? 139 LEU A CD2   1 
ATOM   925  N N     . VAL A 1 149 ? 5.756   -1.988  10.884  1.00 48.90 ? 140 VAL A N     1 
ATOM   926  C CA    . VAL A 1 149 ? 4.750   -2.585  10.012  1.00 48.43 ? 140 VAL A CA    1 
ATOM   927  C C     . VAL A 1 149 ? 3.632   -3.254  10.790  1.00 48.47 ? 140 VAL A C     1 
ATOM   928  O O     . VAL A 1 149 ? 3.864   -3.792  11.868  1.00 48.38 ? 140 VAL A O     1 
ATOM   929  C CB    . VAL A 1 149 ? 5.352   -3.491  8.885   1.00 48.08 ? 140 VAL A CB    1 
ATOM   930  C CG1   . VAL A 1 149 ? 6.549   -2.821  8.236   1.00 47.29 ? 140 VAL A CG1   1 
ATOM   931  C CG2   . VAL A 1 149 ? 5.737   -4.821  9.408   1.00 47.20 ? 140 VAL A CG2   1 
ATOM   932  N N     . LEU A 1 150 ? 2.428   -3.195  10.222  1.00 48.97 ? 141 LEU A N     1 
ATOM   933  C CA    . LEU A 1 150 ? 1.207   -3.750  10.812  1.00 49.77 ? 141 LEU A CA    1 
ATOM   934  C C     . LEU A 1 150 ? 0.269   -4.353  9.757   1.00 50.69 ? 141 LEU A C     1 
ATOM   935  O O     . LEU A 1 150 ? 0.232   -3.897  8.609   1.00 50.79 ? 141 LEU A O     1 
ATOM   936  C CB    . LEU A 1 150 ? 0.478   -2.652  11.578  1.00 49.92 ? 141 LEU A CB    1 
ATOM   937  C CG    . LEU A 1 150 ? 0.140   -1.367  10.813  1.00 49.26 ? 141 LEU A CG    1 
ATOM   938  C CD1   . LEU A 1 150 ? -1.240  -1.478  10.210  1.00 48.70 ? 141 LEU A CD1   1 
ATOM   939  C CD2   . LEU A 1 150 ? 0.213   -0.158  11.721  1.00 48.28 ? 141 LEU A CD2   1 
ATOM   940  N N     . GLY A 1 151 ? -0.490  -5.376  10.135  1.00 51.86 ? 142 GLY A N     1 
ATOM   941  C CA    . GLY A 1 151 ? -1.460  -5.994  9.215   1.00 53.39 ? 142 GLY A CA    1 
ATOM   942  C C     . GLY A 1 151 ? -2.908  -5.835  9.659   1.00 54.72 ? 142 GLY A C     1 
ATOM   943  O O     . GLY A 1 151 ? -3.283  -4.810  10.211  1.00 54.48 ? 142 GLY A O     1 
ATOM   944  N N     . ILE A 1 152 ? -3.723  -6.854  9.413   1.00 56.59 ? 143 ILE A N     1 
ATOM   945  C CA    . ILE A 1 152 ? -5.105  -6.884  9.891   1.00 58.48 ? 143 ILE A CA    1 
ATOM   946  C C     . ILE A 1 152 ? -5.228  -7.844  11.092  1.00 60.04 ? 143 ILE A C     1 
ATOM   947  O O     . ILE A 1 152 ? -4.861  -9.022  10.994  1.00 60.24 ? 143 ILE A O     1 
ATOM   948  C CB    . ILE A 1 152 ? -6.092  -7.343  8.791   1.00 58.37 ? 143 ILE A CB    1 
ATOM   949  C CG1   . ILE A 1 152 ? -5.676  -6.849  7.397   1.00 58.45 ? 143 ILE A CG1   1 
ATOM   950  C CG2   . ILE A 1 152 ? -7.521  -6.937  9.144   1.00 59.12 ? 143 ILE A CG2   1 
ATOM   951  C CD1   . ILE A 1 152 ? -6.006  -5.434  7.088   1.00 57.75 ? 143 ILE A CD1   1 
ATOM   952  N N     . PRO A 1 153 ? -5.752  -7.348  12.227  1.00 61.49 ? 144 PRO A N     1 
ATOM   953  C CA    . PRO A 1 153 ? -5.848  -8.140  13.452  1.00 62.86 ? 144 PRO A CA    1 
ATOM   954  C C     . PRO A 1 153 ? -6.929  -9.263  13.457  1.00 64.42 ? 144 PRO A C     1 
ATOM   955  O O     . PRO A 1 153 ? -8.001  -9.107  12.867  1.00 64.68 ? 144 PRO A O     1 
ATOM   956  C CB    . PRO A 1 153 ? -6.150  -7.080  14.501  1.00 62.60 ? 144 PRO A CB    1 
ATOM   957  C CG    . PRO A 1 153 ? -6.918  -6.047  13.755  1.00 62.42 ? 144 PRO A CG    1 
ATOM   958  C CD    . PRO A 1 153 ? -6.267  -5.978  12.419  1.00 61.70 ? 144 PRO A CD    1 
ATOM   959  N N     . TYR A 1 154 ? -6.628  -10.367 14.150  1.00 66.11 ? 145 TYR A N     1 
ATOM   960  C CA    . TYR A 1 154 ? -7.470  -11.592 14.215  1.00 67.54 ? 145 TYR A CA    1 
ATOM   961  C C     . TYR A 1 154 ? -7.976  -12.126 12.861  1.00 68.32 ? 145 TYR A C     1 
ATOM   962  O O     . TYR A 1 154 ? -7.549  -13.197 12.389  1.00 68.96 ? 145 TYR A O     1 
ATOM   963  C CB    . TYR A 1 154 ? -8.615  -11.474 15.246  1.00 68.22 ? 145 TYR A CB    1 
ATOM   964  C CG    . TYR A 1 154 ? -9.730  -10.521 14.874  1.00 68.49 ? 145 TYR A CG    1 
ATOM   965  C CD1   . TYR A 1 154 ? -10.662 -10.865 13.895  1.00 69.23 ? 145 TYR A CD1   1 
ATOM   966  C CD2   . TYR A 1 154 ? -9.874  -9.291  15.528  1.00 68.93 ? 145 TYR A CD2   1 
ATOM   967  C CE1   . TYR A 1 154 ? -11.696 -10.011 13.550  1.00 70.26 ? 145 TYR A CE1   1 
ATOM   968  C CE2   . TYR A 1 154 ? -10.908 -8.422  15.197  1.00 69.56 ? 145 TYR A CE2   1 
ATOM   969  C CZ    . TYR A 1 154 ? -11.814 -8.793  14.203  1.00 70.13 ? 145 TYR A CZ    1 
ATOM   970  O OH    . TYR A 1 154 ? -12.842 -7.960  13.843  1.00 70.17 ? 145 TYR A OH    1 
ATOM   971  N N     . GLY A 1 165 ? -10.357 -11.625 -0.548  1.00 64.47 ? 156 GLY A N     1 
ATOM   972  C CA    . GLY A 1 165 ? -9.029  -11.319 -0.014  1.00 64.64 ? 156 GLY A CA    1 
ATOM   973  C C     . GLY A 1 165 ? -8.990  -10.867 1.447   1.00 64.50 ? 156 GLY A C     1 
ATOM   974  O O     . GLY A 1 165 ? -9.863  -11.240 2.241   1.00 64.80 ? 156 GLY A O     1 
ATOM   975  N N     . GLY A 1 166 ? -7.982  -10.056 1.796   1.00 64.09 ? 157 GLY A N     1 
ATOM   976  C CA    . GLY A 1 166 ? -7.654  -9.737  3.204   1.00 63.11 ? 157 GLY A CA    1 
ATOM   977  C C     . GLY A 1 166 ? -6.875  -10.847 3.924   1.00 62.49 ? 157 GLY A C     1 
ATOM   978  O O     . GLY A 1 166 ? -7.320  -12.006 3.975   1.00 62.67 ? 157 GLY A O     1 
ATOM   979  N N     . THR A 1 167 ? -5.705  -10.508 4.467   1.00 61.52 ? 158 THR A N     1 
ATOM   980  C CA    . THR A 1 167 ? -4.859  -11.478 5.190   1.00 60.38 ? 158 THR A CA    1 
ATOM   981  C C     . THR A 1 167 ? -4.428  -10.848 6.531   1.00 59.22 ? 158 THR A C     1 
ATOM   982  O O     . THR A 1 167 ? -4.802  -9.710  6.826   1.00 59.28 ? 158 THR A O     1 
ATOM   983  C CB    . THR A 1 167 ? -3.604  -11.938 4.336   1.00 60.55 ? 158 THR A CB    1 
ATOM   984  O OG1   . THR A 1 167 ? -2.744  -10.819 4.071   1.00 60.60 ? 158 THR A OG1   1 
ATOM   985  C CG2   . THR A 1 167 ? -4.021  -12.564 3.008   1.00 59.97 ? 158 THR A CG2   1 
ATOM   986  N N     . PRO A 1 168 ? -3.666  -11.579 7.364   1.00 57.70 ? 159 PRO A N     1 
ATOM   987  C CA    . PRO A 1 168 ? -3.091  -10.888 8.521   1.00 56.48 ? 159 PRO A CA    1 
ATOM   988  C C     . PRO A 1 168 ? -1.981  -9.887  8.170   1.00 55.44 ? 159 PRO A C     1 
ATOM   989  O O     . PRO A 1 168 ? -1.646  -9.054  9.006   1.00 55.35 ? 159 PRO A O     1 
ATOM   990  C CB    . PRO A 1 168 ? -2.514  -12.028 9.356   1.00 56.39 ? 159 PRO A CB    1 
ATOM   991  C CG    . PRO A 1 168 ? -3.110  -13.273 8.781   1.00 56.87 ? 159 PRO A CG    1 
ATOM   992  C CD    . PRO A 1 168 ? -3.333  -13.008 7.357   1.00 57.28 ? 159 PRO A CD    1 
ATOM   993  N N     . TYR A 1 169 ? -1.431  -9.965  6.954   1.00 54.21 ? 160 TYR A N     1 
ATOM   994  C CA    . TYR A 1 169 ? -0.323  -9.095  6.509   1.00 52.97 ? 160 TYR A CA    1 
ATOM   995  C C     . TYR A 1 169 ? -0.754  -7.818  5.783   1.00 52.54 ? 160 TYR A C     1 
ATOM   996  O O     . TYR A 1 169 ? 0.048   -6.919  5.572   1.00 52.21 ? 160 TYR A O     1 
ATOM   997  C CB    . TYR A 1 169 ? 0.639   -9.881  5.609   1.00 53.01 ? 160 TYR A CB    1 
ATOM   998  C CG    . TYR A 1 169 ? 0.875   -11.288 6.094   1.00 53.14 ? 160 TYR A CG    1 
ATOM   999  C CD1   . TYR A 1 169 ? 0.473   -12.386 5.339   1.00 53.42 ? 160 TYR A CD1   1 
ATOM   1000 C CD2   . TYR A 1 169 ? 1.467   -11.526 7.338   1.00 52.93 ? 160 TYR A CD2   1 
ATOM   1001 C CE1   . TYR A 1 169 ? 0.677   -13.695 5.807   1.00 53.61 ? 160 TYR A CE1   1 
ATOM   1002 C CE2   . TYR A 1 169 ? 1.669   -12.812 7.808   1.00 52.97 ? 160 TYR A CE2   1 
ATOM   1003 C CZ    . TYR A 1 169 ? 1.279   -13.897 7.045   1.00 53.30 ? 160 TYR A CZ    1 
ATOM   1004 O OH    . TYR A 1 169 ? 1.497   -15.174 7.534   1.00 53.50 ? 160 TYR A OH    1 
ATOM   1005 N N     . GLY A 1 170 ? -2.018  -7.732  5.398   1.00 52.42 ? 161 GLY A N     1 
ATOM   1006 C CA    . GLY A 1 170 ? -2.509  -6.576  4.657   1.00 52.07 ? 161 GLY A CA    1 
ATOM   1007 C C     . GLY A 1 170 ? -3.690  -6.988  3.818   1.00 51.94 ? 161 GLY A C     1 
ATOM   1008 O O     . GLY A 1 170 ? -4.129  -8.140  3.870   1.00 52.01 ? 161 GLY A O     1 
ATOM   1009 N N     . ALA A 1 171 ? -4.209  -6.049  3.046   1.00 51.73 ? 162 ALA A N     1 
ATOM   1010 C CA    . ALA A 1 171 ? -5.403  -6.298  2.274   1.00 52.19 ? 162 ALA A CA    1 
ATOM   1011 C C     . ALA A 1 171 ? -5.053  -6.905  0.933   1.00 52.90 ? 162 ALA A C     1 
ATOM   1012 O O     . ALA A 1 171 ? -4.115  -6.457  0.274   1.00 52.74 ? 162 ALA A O     1 
ATOM   1013 C CB    . ALA A 1 171 ? -6.172  -5.019  2.083   1.00 51.93 ? 162 ALA A CB    1 
ATOM   1014 N N     . SER A 1 172 ? -5.794  -7.940  0.539   1.00 54.11 ? 163 SER A N     1 
ATOM   1015 C CA    . SER A 1 172 ? -5.725  -8.446  -0.835  1.00 55.52 ? 163 SER A CA    1 
ATOM   1016 C C     . SER A 1 172 ? -7.105  -8.483  -1.523  1.00 56.54 ? 163 SER A C     1 
ATOM   1017 O O     . SER A 1 172 ? -8.131  -8.640  -0.864  1.00 56.66 ? 163 SER A O     1 
ATOM   1018 C CB    . SER A 1 172 ? -5.026  -9.806  -0.902  1.00 55.28 ? 163 SER A CB    1 
ATOM   1019 O OG    . SER A 1 172 ? -5.762  -10.803 -0.213  1.00 55.62 ? 163 SER A OG    1 
ATOM   1020 N N     . HIS A 1 173 ? -7.118  -8.296  -2.842  1.00 57.68 ? 164 HIS A N     1 
ATOM   1021 C CA    . HIS A 1 173 ? -8.332  -8.450  -3.635  1.00 58.75 ? 164 HIS A CA    1 
ATOM   1022 C C     . HIS A 1 173 ? -8.106  -9.524  -4.681  1.00 59.96 ? 164 HIS A C     1 
ATOM   1023 O O     . HIS A 1 173 ? -7.045  -9.593  -5.304  1.00 60.00 ? 164 HIS A O     1 
ATOM   1024 C CB    . HIS A 1 173 ? -8.738  -7.128  -4.298  1.00 58.42 ? 164 HIS A CB    1 
ATOM   1025 C CG    . HIS A 1 173 ? -9.728  -7.282  -5.416  1.00 58.63 ? 164 HIS A CG    1 
ATOM   1026 N ND1   . HIS A 1 173 ? -11.078 -7.466  -5.200  1.00 58.23 ? 164 HIS A ND1   1 
ATOM   1027 C CD2   . HIS A 1 173 ? -9.564  -7.275  -6.762  1.00 57.94 ? 164 HIS A CD2   1 
ATOM   1028 C CE1   . HIS A 1 173 ? -11.700 -7.573  -6.361  1.00 56.72 ? 164 HIS A CE1   1 
ATOM   1029 N NE2   . HIS A 1 173 ? -10.804 -7.464  -7.324  1.00 56.89 ? 164 HIS A NE2   1 
ATOM   1030 N N     . PHE A 1 174 ? -9.122  -10.362 -4.849  1.00 61.66 ? 165 PHE A N     1 
ATOM   1031 C CA    . PHE A 1 174 ? -9.143  -11.420 -5.851  1.00 63.40 ? 165 PHE A CA    1 
ATOM   1032 C C     . PHE A 1 174 ? -9.921  -10.924 -7.084  1.00 64.52 ? 165 PHE A C     1 
ATOM   1033 O O     . PHE A 1 174 ? -11.073 -10.500 -6.965  1.00 65.04 ? 165 PHE A O     1 
ATOM   1034 C CB    . PHE A 1 174 ? -9.765  -12.682 -5.232  1.00 63.29 ? 165 PHE A CB    1 
ATOM   1035 C CG    . PHE A 1 174 ? -10.228 -13.699 -6.233  1.00 63.86 ? 165 PHE A CG    1 
ATOM   1036 C CD1   . PHE A 1 174 ? -9.408  -14.095 -7.293  1.00 63.88 ? 165 PHE A CD1   1 
ATOM   1037 C CD2   . PHE A 1 174 ? -11.486 -14.286 -6.105  1.00 64.74 ? 165 PHE A CD2   1 
ATOM   1038 C CE1   . PHE A 1 174 ? -9.841  -15.041 -8.226  1.00 63.84 ? 165 PHE A CE1   1 
ATOM   1039 C CE2   . PHE A 1 174 ? -11.929 -15.242 -7.031  1.00 64.20 ? 165 PHE A CE2   1 
ATOM   1040 C CZ    . PHE A 1 174 ? -11.102 -15.616 -8.098  1.00 63.84 ? 165 PHE A CZ    1 
ATOM   1041 N N     . ALA A 1 175 ? -9.292  -10.962 -8.259  1.00 65.63 ? 166 ALA A N     1 
ATOM   1042 C CA    . ALA A 1 175 ? -9.869  -10.329 -9.447  1.00 66.71 ? 166 ALA A CA    1 
ATOM   1043 C C     . ALA A 1 175 ? -10.220 -11.297 -10.584 1.00 67.81 ? 166 ALA A C     1 
ATOM   1044 O O     . ALA A 1 175 ? -10.815 -10.885 -11.580 1.00 67.88 ? 166 ALA A O     1 
ATOM   1045 C CB    . ALA A 1 175 ? -8.966  -9.202  -9.949  1.00 66.35 ? 166 ALA A CB    1 
ATOM   1046 N N     . GLY A 1 176 ? -9.856  -12.572 -10.430 1.00 69.07 ? 167 GLY A N     1 
ATOM   1047 C CA    . GLY A 1 176 ? -10.154 -13.612 -11.429 1.00 70.70 ? 167 GLY A CA    1 
ATOM   1048 C C     . GLY A 1 176 ? -9.328  -13.507 -12.701 1.00 72.01 ? 167 GLY A C     1 
ATOM   1049 O O     . GLY A 1 176 ? -8.885  -12.405 -13.068 1.00 72.19 ? 167 GLY A O     1 
ATOM   1050 N N     . ALA A 1 177 ? -9.114  -14.647 -13.371 1.00 73.12 ? 168 ALA A N     1 
ATOM   1051 C CA    . ALA A 1 177 ? -8.429  -14.684 -14.679 1.00 74.46 ? 168 ALA A CA    1 
ATOM   1052 C C     . ALA A 1 177 ? -9.027  -13.633 -15.624 1.00 75.47 ? 168 ALA A C     1 
ATOM   1053 O O     . ALA A 1 177 ? -8.314  -12.932 -16.332 1.00 75.44 ? 168 ALA A O     1 
ATOM   1054 C CB    . ALA A 1 177 ? -8.508  -16.086 -15.296 1.00 74.16 ? 168 ALA A CB    1 
ATOM   1055 N N     . ASP A 1 178 ? -10.353 -13.529 -15.594 1.00 77.21 ? 169 ASP A N     1 
ATOM   1056 C CA    . ASP A 1 178 ? -11.108 -12.465 -16.254 1.00 78.49 ? 169 ASP A CA    1 
ATOM   1057 C C     . ASP A 1 178 ? -10.529 -11.067 -15.909 1.00 78.46 ? 169 ASP A C     1 
ATOM   1058 O O     . ASP A 1 178 ? -10.138 -10.310 -16.803 1.00 78.50 ? 169 ASP A O     1 
ATOM   1059 C CB    . ASP A 1 178 ? -12.599 -12.614 -15.864 1.00 78.94 ? 169 ASP A CB    1 
ATOM   1060 C CG    . ASP A 1 178 ? -13.502 -11.500 -16.433 1.00 80.92 ? 169 ASP A CG    1 
ATOM   1061 O OD1   . ASP A 1 178 ? -12.993 -10.517 -17.036 1.00 82.47 ? 169 ASP A OD1   1 
ATOM   1062 O OD2   . ASP A 1 178 ? -14.745 -11.607 -16.257 1.00 81.96 ? 169 ASP A OD2   1 
ATOM   1063 N N     . GLY A 1 179 ? -10.451 -10.741 -14.621 1.00 78.51 ? 170 GLY A N     1 
ATOM   1064 C CA    . GLY A 1 179 ? -9.909  -9.452  -14.188 1.00 78.56 ? 170 GLY A CA    1 
ATOM   1065 C C     . GLY A 1 179 ? -11.001 -8.462  -13.835 1.00 78.69 ? 170 GLY A C     1 
ATOM   1066 O O     . GLY A 1 179 ? -10.727 -7.421  -13.242 1.00 78.53 ? 170 GLY A O     1 
ATOM   1067 N N     . LYS A 1 180 ? -12.241 -8.801  -14.189 1.00 78.89 ? 171 LYS A N     1 
ATOM   1068 C CA    . LYS A 1 180 ? -13.392 -7.900  -14.022 1.00 79.21 ? 171 LYS A CA    1 
ATOM   1069 C C     . LYS A 1 180 ? -14.078 -7.977  -12.660 1.00 78.45 ? 171 LYS A C     1 
ATOM   1070 O O     . LYS A 1 180 ? -14.754 -7.017  -12.254 1.00 78.61 ? 171 LYS A O     1 
ATOM   1071 C CB    . LYS A 1 180 ? -14.425 -8.111  -15.139 1.00 79.28 ? 171 LYS A CB    1 
ATOM   1072 C CG    . LYS A 1 180 ? -14.084 -7.357  -16.428 1.00 80.33 ? 171 LYS A CG    1 
ATOM   1073 C CD    . LYS A 1 180 ? -15.036 -7.727  -17.559 1.00 80.77 ? 171 LYS A CD    1 
ATOM   1074 C CE    . LYS A 1 180 ? -14.455 -7.329  -18.917 1.00 82.72 ? 171 LYS A CE    1 
ATOM   1075 N NZ    . LYS A 1 180 ? -15.219 -7.972  -20.024 1.00 83.63 ? 171 LYS A NZ    1 
ATOM   1076 N N     . ARG A 1 181 ? -13.910 -9.110  -11.969 1.00 77.44 ? 172 ARG A N     1 
ATOM   1077 C CA    . ARG A 1 181 ? -14.501 -9.319  -10.651 1.00 76.08 ? 172 ARG A CA    1 
ATOM   1078 C C     . ARG A 1 181 ? -14.275 -8.088  -9.785  1.00 76.01 ? 172 ARG A C     1 
ATOM   1079 O O     . ARG A 1 181 ? -13.137 -7.670  -9.579  1.00 76.17 ? 172 ARG A O     1 
ATOM   1080 C CB    . ARG A 1 181 ? -13.900 -10.546 -9.984  1.00 75.53 ? 172 ARG A CB    1 
ATOM   1081 C CG    . ARG A 1 181 ? -14.387 -10.723 -8.577  1.00 73.47 ? 172 ARG A CG    1 
ATOM   1082 C CD    . ARG A 1 181 ? -13.865 -11.985 -7.953  1.00 71.09 ? 172 ARG A CD    1 
ATOM   1083 N NE    . ARG A 1 181 ? -14.549 -12.236 -6.688  1.00 70.45 ? 172 ARG A NE    1 
ATOM   1084 C CZ    . ARG A 1 181 ? -14.259 -11.640 -5.532  1.00 68.91 ? 172 ARG A CZ    1 
ATOM   1085 N NH1   . ARG A 1 181 ? -13.281 -10.751 -5.453  1.00 68.71 ? 172 ARG A NH1   1 
ATOM   1086 N NH2   . ARG A 1 181 ? -14.954 -11.934 -4.448  1.00 67.19 ? 172 ARG A NH2   1 
ATOM   1087 N N     . SER A 1 182 ? -15.356 -7.489  -9.305  1.00 75.71 ? 173 SER A N     1 
ATOM   1088 C CA    . SER A 1 182 ? -15.245 -6.219  -8.583  1.00 75.47 ? 173 SER A CA    1 
ATOM   1089 C C     . SER A 1 182 ? -14.968 -6.447  -7.104  1.00 74.93 ? 173 SER A C     1 
ATOM   1090 O O     . SER A 1 182 ? -15.049 -7.583  -6.612  1.00 74.72 ? 173 SER A O     1 
ATOM   1091 C CB    . SER A 1 182 ? -16.504 -5.368  -8.773  1.00 75.69 ? 173 SER A CB    1 
ATOM   1092 O OG    . SER A 1 182 ? -17.651 -6.084  -8.346  1.00 76.11 ? 173 SER A OG    1 
ATOM   1093 N N     . LEU A 1 183 ? -14.645 -5.358  -6.405  1.00 74.31 ? 174 LEU A N     1 
ATOM   1094 C CA    . LEU A 1 183 ? -14.246 -5.423  -5.005  1.00 73.77 ? 174 LEU A CA    1 
ATOM   1095 C C     . LEU A 1 183 ? -15.422 -5.865  -4.169  1.00 73.55 ? 174 LEU A C     1 
ATOM   1096 O O     . LEU A 1 183 ? -16.439 -5.176  -4.109  1.00 73.87 ? 174 LEU A O     1 
ATOM   1097 C CB    . LEU A 1 183 ? -13.760 -4.064  -4.512  1.00 73.70 ? 174 LEU A CB    1 
ATOM   1098 C CG    . LEU A 1 183 ? -12.527 -4.150  -3.623  1.00 73.32 ? 174 LEU A CG    1 
ATOM   1099 C CD1   . LEU A 1 183 ? -11.324 -4.159  -4.534  1.00 73.94 ? 174 LEU A CD1   1 
ATOM   1100 C CD2   . LEU A 1 183 ? -12.451 -2.992  -2.648  1.00 72.10 ? 174 LEU A CD2   1 
ATOM   1101 N N     . ASP A 1 184 ? -15.293 -7.015  -3.525  1.00 73.03 ? 175 ASP A N     1 
ATOM   1102 C CA    . ASP A 1 184 ? -16.416 -7.546  -2.791  1.00 72.61 ? 175 ASP A CA    1 
ATOM   1103 C C     . ASP A 1 184 ? -16.604 -6.913  -1.419  1.00 72.15 ? 175 ASP A C     1 
ATOM   1104 O O     . ASP A 1 184 ? -15.835 -6.063  -0.984  1.00 71.63 ? 175 ASP A O     1 
ATOM   1105 C CB    . ASP A 1 184 ? -16.382 -9.082  -2.742  1.00 72.82 ? 175 ASP A CB    1 
ATOM   1106 C CG    . ASP A 1 184 ? -15.569 -9.631  -1.585  1.00 73.78 ? 175 ASP A CG    1 
ATOM   1107 O OD1   . ASP A 1 184 ? -15.570 -9.053  -0.474  1.00 75.93 ? 175 ASP A OD1   1 
ATOM   1108 O OD2   . ASP A 1 184 ? -14.942 -10.687 -1.784  1.00 74.83 ? 175 ASP A OD2   1 
ATOM   1109 N N     . GLU A 1 185 ? -17.648 -7.367  -0.753  1.00 72.16 ? 176 GLU A N     1 
ATOM   1110 C CA    . GLU A 1 185 ? -18.095 -6.833  0.505   1.00 72.40 ? 176 GLU A CA    1 
ATOM   1111 C C     . GLU A 1 185 ? -17.008 -6.840  1.576   1.00 71.62 ? 176 GLU A C     1 
ATOM   1112 O O     . GLU A 1 185 ? -16.648 -5.776  2.083   1.00 71.51 ? 176 GLU A O     1 
ATOM   1113 C CB    . GLU A 1 185 ? -19.303 -7.651  0.955   1.00 73.02 ? 176 GLU A CB    1 
ATOM   1114 C CG    . GLU A 1 185 ? -20.155 -7.038  2.052   1.00 75.44 ? 176 GLU A CG    1 
ATOM   1115 C CD    . GLU A 1 185 ? -21.119 -8.062  2.629   1.00 78.91 ? 176 GLU A CD    1 
ATOM   1116 O OE1   . GLU A 1 185 ? -21.149 -9.214  2.113   1.00 79.80 ? 176 GLU A OE1   1 
ATOM   1117 O OE2   . GLU A 1 185 ? -21.847 -7.718  3.592   1.00 80.32 ? 176 GLU A OE2   1 
ATOM   1118 N N     . HIS A 1 186 ? -16.494 -8.025  1.915   1.00 70.79 ? 177 HIS A N     1 
ATOM   1119 C CA    . HIS A 1 186 ? -15.502 -8.165  2.994   1.00 70.29 ? 177 HIS A CA    1 
ATOM   1120 C C     . HIS A 1 186 ? -14.152 -7.518  2.651   1.00 69.01 ? 177 HIS A C     1 
ATOM   1121 O O     . HIS A 1 186 ? -13.501 -6.948  3.535   1.00 68.54 ? 177 HIS A O     1 
ATOM   1122 C CB    . HIS A 1 186 ? -15.303 -9.629  3.390   1.00 70.91 ? 177 HIS A CB    1 
ATOM   1123 C CG    . HIS A 1 186 ? -16.586 -10.386 3.581   1.00 74.37 ? 177 HIS A CG    1 
ATOM   1124 N ND1   . HIS A 1 186 ? -17.287 -10.385 4.772   1.00 76.85 ? 177 HIS A ND1   1 
ATOM   1125 C CD2   . HIS A 1 186 ? -17.298 -11.168 2.730   1.00 76.36 ? 177 HIS A CD2   1 
ATOM   1126 C CE1   . HIS A 1 186 ? -18.372 -11.131 4.647   1.00 76.57 ? 177 HIS A CE1   1 
ATOM   1127 N NE2   . HIS A 1 186 ? -18.400 -11.621 3.419   1.00 77.35 ? 177 HIS A NE2   1 
ATOM   1128 N N     . GLU A 1 187 ? -13.755 -7.606  1.372   1.00 67.43 ? 178 GLU A N     1 
ATOM   1129 C CA    . GLU A 1 187 ? -12.524 -6.977  0.859   1.00 65.76 ? 178 GLU A CA    1 
ATOM   1130 C C     . GLU A 1 187 ? -12.543 -5.462  1.047   1.00 64.89 ? 178 GLU A C     1 
ATOM   1131 O O     . GLU A 1 187 ? -11.639 -4.879  1.669   1.00 64.88 ? 178 GLU A O     1 
ATOM   1132 C CB    . GLU A 1 187 ? -12.324 -7.298  -0.620  1.00 65.71 ? 178 GLU A CB    1 
ATOM   1133 C CG    . GLU A 1 187 ? -12.189 -8.773  -0.942  1.00 65.66 ? 178 GLU A CG    1 
ATOM   1134 C CD    . GLU A 1 187 ? -12.025 -9.044  -2.435  1.00 65.43 ? 178 GLU A CD    1 
ATOM   1135 O OE1   . GLU A 1 187 ? -12.595 -8.300  -3.255  1.00 64.75 ? 178 GLU A OE1   1 
ATOM   1136 O OE2   . GLU A 1 187 ? -11.328 -10.017 -2.790  1.00 65.81 ? 178 GLU A OE2   1 
ATOM   1137 N N     . LEU A 1 188 ? -13.581 -4.834  0.513   1.00 63.57 ? 179 LEU A N     1 
ATOM   1138 C CA    . LEU A 1 188 ? -13.809 -3.412  0.714   1.00 62.67 ? 179 LEU A CA    1 
ATOM   1139 C C     . LEU A 1 188 ? -13.798 -3.019  2.202   1.00 61.49 ? 179 LEU A C     1 
ATOM   1140 O O     . LEU A 1 188 ? -13.257 -1.972  2.577   1.00 60.95 ? 179 LEU A O     1 
ATOM   1141 C CB    . LEU A 1 188 ? -15.129 -3.025  0.050   1.00 63.00 ? 179 LEU A CB    1 
ATOM   1142 C CG    . LEU A 1 188 ? -15.362 -1.557  -0.284  1.00 63.70 ? 179 LEU A CG    1 
ATOM   1143 C CD1   . LEU A 1 188 ? -15.835 -1.405  -1.737  1.00 63.76 ? 179 LEU A CD1   1 
ATOM   1144 C CD2   . LEU A 1 188 ? -16.342 -0.943  0.719   1.00 64.07 ? 179 LEU A CD2   1 
ATOM   1145 N N     . THR A 1 189 ? -14.381 -3.872  3.040   1.00 60.24 ? 180 THR A N     1 
ATOM   1146 C CA    . THR A 1 189 ? -14.456 -3.607  4.475   1.00 59.31 ? 180 THR A CA    1 
ATOM   1147 C C     . THR A 1 189 ? -13.068 -3.683  5.088   1.00 58.44 ? 180 THR A C     1 
ATOM   1148 O O     . THR A 1 189 ? -12.729 -2.887  5.967   1.00 58.28 ? 180 THR A O     1 
ATOM   1149 C CB    . THR A 1 189 ? -15.388 -4.615  5.203   1.00 59.56 ? 180 THR A CB    1 
ATOM   1150 O OG1   . THR A 1 189 ? -16.650 -4.692  4.519   1.00 59.81 ? 180 THR A OG1   1 
ATOM   1151 C CG2   . THR A 1 189 ? -15.598 -4.224  6.678   1.00 58.30 ? 180 THR A CG2   1 
ATOM   1152 N N     . LEU A 1 190 ? -12.276 -4.648  4.620   1.00 57.40 ? 181 LEU A N     1 
ATOM   1153 C CA    . LEU A 1 190 ? -10.926 -4.870  5.139   1.00 56.42 ? 181 LEU A CA    1 
ATOM   1154 C C     . LEU A 1 190 ? -9.945  -3.786  4.703   1.00 56.13 ? 181 LEU A C     1 
ATOM   1155 O O     . LEU A 1 190 ? -9.144  -3.314  5.528   1.00 55.80 ? 181 LEU A O     1 
ATOM   1156 C CB    . LEU A 1 190 ? -10.417 -6.273  4.807   1.00 56.05 ? 181 LEU A CB    1 
ATOM   1157 C CG    . LEU A 1 190 ? -11.193 -7.382  5.534   1.00 55.88 ? 181 LEU A CG    1 
ATOM   1158 C CD1   . LEU A 1 190 ? -10.867 -8.752  4.964   1.00 56.57 ? 181 LEU A CD1   1 
ATOM   1159 C CD2   . LEU A 1 190 ? -10.996 -7.370  7.050   1.00 54.37 ? 181 LEU A CD2   1 
ATOM   1160 N N     . CYS A 1 191 ? -10.033 -3.370  3.437   1.00 55.51 ? 182 CYS A N     1 
ATOM   1161 C CA    . CYS A 1 191 ? -9.318  -2.188  2.975   1.00 55.32 ? 182 CYS A CA    1 
ATOM   1162 C C     . CYS A 1 191 ? -9.488  -0.981  3.896   1.00 55.21 ? 182 CYS A C     1 
ATOM   1163 O O     . CYS A 1 191 ? -8.527  -0.263  4.168   1.00 55.41 ? 182 CYS A O     1 
ATOM   1164 C CB    . CYS A 1 191 ? -9.779  -1.799  1.587   1.00 55.61 ? 182 CYS A CB    1 
ATOM   1165 S SG    . CYS A 1 191 ? -9.058  -2.763  0.262   1.00 56.47 ? 182 CYS A SG    1 
ATOM   1166 N N     . ARG A 1 192 ? -10.709 -0.758  4.373   1.00 55.05 ? 183 ARG A N     1 
ATOM   1167 C CA    . ARG A 1 192 ? -11.006 0.394   5.223   1.00 55.17 ? 183 ARG A CA    1 
ATOM   1168 C C     . ARG A 1 192 ? -10.435 0.211   6.622   1.00 53.56 ? 183 ARG A C     1 
ATOM   1169 O O     . ARG A 1 192 ? -9.827  1.131   7.166   1.00 52.98 ? 183 ARG A O     1 
ATOM   1170 C CB    . ARG A 1 192 ? -12.520 0.675   5.261   1.00 55.33 ? 183 ARG A CB    1 
ATOM   1171 C CG    . ARG A 1 192 ? -13.082 1.232   3.944   1.00 57.24 ? 183 ARG A CG    1 
ATOM   1172 C CD    . ARG A 1 192 ? -14.609 1.444   3.982   1.00 58.60 ? 183 ARG A CD    1 
ATOM   1173 N NE    . ARG A 1 192 ? -15.152 1.658   2.629   1.00 66.51 ? 183 ARG A NE    1 
ATOM   1174 C CZ    . ARG A 1 192 ? -16.362 2.163   2.343   1.00 69.40 ? 183 ARG A CZ    1 
ATOM   1175 N NH1   . ARG A 1 192 ? -17.197 2.530   3.321   1.00 70.54 ? 183 ARG A NH1   1 
ATOM   1176 N NH2   . ARG A 1 192 ? -16.745 2.299   1.067   1.00 69.23 ? 183 ARG A NH2   1 
ATOM   1177 N N     . ALA A 1 193 ? -10.623 -0.981  7.183   1.00 52.77 ? 184 ALA A N     1 
ATOM   1178 C CA    . ALA A 1 193 ? -10.062 -1.355  8.479   1.00 52.41 ? 184 ALA A CA    1 
ATOM   1179 C C     . ALA A 1 193 ? -8.568  -1.047  8.575   1.00 52.61 ? 184 ALA A C     1 
ATOM   1180 O O     . ALA A 1 193 ? -8.095  -0.459  9.572   1.00 52.07 ? 184 ALA A O     1 
ATOM   1181 C CB    . ALA A 1 193 ? -10.290 -2.809  8.720   1.00 52.23 ? 184 ALA A CB    1 
ATOM   1182 N N     . LEU A 1 194 ? -7.839  -1.448  7.524   1.00 52.73 ? 185 LEU A N     1 
ATOM   1183 C CA    . LEU A 1 194 ? -6.397  -1.236  7.431   1.00 52.93 ? 185 LEU A CA    1 
ATOM   1184 C C     . LEU A 1 194 ? -6.037  0.232   7.367   1.00 52.81 ? 185 LEU A C     1 
ATOM   1185 O O     . LEU A 1 194 ? -5.216  0.693   8.156   1.00 52.77 ? 185 LEU A O     1 
ATOM   1186 C CB    . LEU A 1 194 ? -5.795  -1.968  6.223   1.00 53.30 ? 185 LEU A CB    1 
ATOM   1187 C CG    . LEU A 1 194 ? -4.254  -1.966  6.094   1.00 53.11 ? 185 LEU A CG    1 
ATOM   1188 C CD1   . LEU A 1 194 ? -3.586  -2.518  7.354   1.00 52.08 ? 185 LEU A CD1   1 
ATOM   1189 C CD2   . LEU A 1 194 ? -3.798  -2.731  4.840   1.00 52.91 ? 185 LEU A CD2   1 
ATOM   1190 N N     . GLY A 1 195 ? -6.650  0.947   6.426   1.00 52.88 ? 186 GLY A N     1 
ATOM   1191 C CA    . GLY A 1 195 ? -6.507  2.398   6.331   1.00 53.22 ? 186 GLY A CA    1 
ATOM   1192 C C     . GLY A 1 195 ? -6.715  3.059   7.679   1.00 53.65 ? 186 GLY A C     1 
ATOM   1193 O O     . GLY A 1 195 ? -5.917  3.905   8.108   1.00 53.61 ? 186 GLY A O     1 
ATOM   1194 N N     . LYS A 1 196 ? -7.779  2.645   8.363   1.00 54.14 ? 187 LYS A N     1 
ATOM   1195 C CA    . LYS A 1 196 ? -8.130  3.203   9.663   1.00 54.66 ? 187 LYS A CA    1 
ATOM   1196 C C     . LYS A 1 196 ? -7.051  2.914   10.715  1.00 54.72 ? 187 LYS A C     1 
ATOM   1197 O O     . LYS A 1 196 ? -6.563  3.848   11.401  1.00 54.61 ? 187 LYS A O     1 
ATOM   1198 C CB    . LYS A 1 196 ? -9.486  2.653   10.106  1.00 54.91 ? 187 LYS A CB    1 
ATOM   1199 C CG    . LYS A 1 196 ? -10.147 3.430   11.217  1.00 56.46 ? 187 LYS A CG    1 
ATOM   1200 C CD    . LYS A 1 196 ? -11.395 2.700   11.688  1.00 60.19 ? 187 LYS A CD    1 
ATOM   1201 C CE    . LYS A 1 196 ? -12.241 3.567   12.628  1.00 62.24 ? 187 LYS A CE    1 
ATOM   1202 N NZ    . LYS A 1 196 ? -11.472 4.048   13.823  1.00 62.44 ? 187 LYS A NZ    1 
ATOM   1203 N N     . ARG A 1 197 ? -6.684  1.630   10.823  1.00 54.29 ? 188 ARG A N     1 
ATOM   1204 C CA    . ARG A 1 197 ? -5.711  1.161   11.807  1.00 54.06 ? 188 ARG A CA    1 
ATOM   1205 C C     . ARG A 1 197 ? -4.373  1.872   11.620  1.00 54.15 ? 188 ARG A C     1 
ATOM   1206 O O     . ARG A 1 197 ? -3.744  2.304   12.592  1.00 54.14 ? 188 ARG A O     1 
ATOM   1207 C CB    . ARG A 1 197 ? -5.536  -0.354  11.690  1.00 54.28 ? 188 ARG A CB    1 
ATOM   1208 C CG    . ARG A 1 197 ? -4.562  -0.956  12.687  1.00 53.50 ? 188 ARG A CG    1 
ATOM   1209 C CD    . ARG A 1 197 ? -4.713  -2.458  12.743  1.00 53.33 ? 188 ARG A CD    1 
ATOM   1210 N NE    . ARG A 1 197 ? -4.047  -3.010  13.919  1.00 53.25 ? 188 ARG A NE    1 
ATOM   1211 C CZ    . ARG A 1 197 ? -3.057  -3.898  13.890  1.00 53.35 ? 188 ARG A CZ    1 
ATOM   1212 N NH1   . ARG A 1 197 ? -2.600  -4.373  12.735  1.00 53.41 ? 188 ARG A NH1   1 
ATOM   1213 N NH2   . ARG A 1 197 ? -2.524  -4.317  15.029  1.00 52.91 ? 188 ARG A NH2   1 
ATOM   1214 N N     . LEU A 1 198 ? -3.955  1.986   10.363  1.00 53.79 ? 189 LEU A N     1 
ATOM   1215 C CA    . LEU A 1 198 ? -2.770  2.735   10.001  1.00 53.89 ? 189 LEU A CA    1 
ATOM   1216 C C     . LEU A 1 198 ? -2.844  4.165   10.538  1.00 54.16 ? 189 LEU A C     1 
ATOM   1217 O O     . LEU A 1 198 ? -1.978  4.594   11.292  1.00 54.25 ? 189 LEU A O     1 
ATOM   1218 C CB    . LEU A 1 198 ? -2.598  2.708   8.485   1.00 53.71 ? 189 LEU A CB    1 
ATOM   1219 C CG    . LEU A 1 198 ? -1.361  3.294   7.822   1.00 54.11 ? 189 LEU A CG    1 
ATOM   1220 C CD1   . LEU A 1 198 ? -0.087  2.973   8.603   1.00 55.46 ? 189 LEU A CD1   1 
ATOM   1221 C CD2   . LEU A 1 198 ? -1.265  2.778   6.392   1.00 53.75 ? 189 LEU A CD2   1 
ATOM   1222 N N     . ALA A 1 199 ? -3.902  4.882   10.176  1.00 54.79 ? 190 ALA A N     1 
ATOM   1223 C CA    . ALA A 1 199 ? -4.124  6.248   10.651  1.00 55.07 ? 190 ALA A CA    1 
ATOM   1224 C C     . ALA A 1 199 ? -4.112  6.356   12.175  1.00 55.56 ? 190 ALA A C     1 
ATOM   1225 O O     . ALA A 1 199 ? -3.434  7.219   12.726  1.00 55.38 ? 190 ALA A O     1 
ATOM   1226 C CB    . ALA A 1 199 ? -5.423  6.788   10.097  1.00 54.99 ? 190 ALA A CB    1 
ATOM   1227 N N     . GLU A 1 200 ? -4.848  5.485   12.858  1.00 56.19 ? 191 GLU A N     1 
ATOM   1228 C CA    . GLU A 1 200 ? -4.904  5.552   14.317  1.00 57.58 ? 191 GLU A CA    1 
ATOM   1229 C C     . GLU A 1 200 ? -3.550  5.303   14.971  1.00 57.67 ? 191 GLU A C     1 
ATOM   1230 O O     . GLU A 1 200 ? -3.193  5.952   15.955  1.00 57.69 ? 191 GLU A O     1 
ATOM   1231 C CB    . GLU A 1 200 ? -5.938  4.584   14.862  1.00 58.03 ? 191 GLU A CB    1 
ATOM   1232 C CG    . GLU A 1 200 ? -7.355  4.972   14.497  1.00 61.14 ? 191 GLU A CG    1 
ATOM   1233 C CD    . GLU A 1 200 ? -8.372  3.940   14.941  1.00 65.37 ? 191 GLU A CD    1 
ATOM   1234 O OE1   . GLU A 1 200 ? -8.208  2.729   14.637  1.00 66.46 ? 191 GLU A OE1   1 
ATOM   1235 O OE2   . GLU A 1 200 ? -9.354  4.352   15.597  1.00 68.12 ? 191 GLU A OE2   1 
ATOM   1236 N N     . THR A 1 201 ? -2.797  4.364   14.405  1.00 58.00 ? 192 THR A N     1 
ATOM   1237 C CA    . THR A 1 201 ? -1.440  4.090   14.851  1.00 57.84 ? 192 THR A CA    1 
ATOM   1238 C C     . THR A 1 201 ? -0.594  5.347   14.693  1.00 57.92 ? 192 THR A C     1 
ATOM   1239 O O     . THR A 1 201 ? 0.070   5.759   15.636  1.00 57.96 ? 192 THR A O     1 
ATOM   1240 C CB    . THR A 1 201 ? -0.823  2.919   14.066  1.00 57.81 ? 192 THR A CB    1 
ATOM   1241 O OG1   . THR A 1 201 ? -1.723  1.806   14.093  1.00 58.94 ? 192 THR A OG1   1 
ATOM   1242 C CG2   . THR A 1 201 ? 0.494   2.491   14.674  1.00 57.16 ? 192 THR A CG2   1 
ATOM   1243 N N     . ALA A 1 202 ? -0.638  5.969   13.514  1.00 57.89 ? 193 ALA A N     1 
ATOM   1244 C CA    . ALA A 1 202 ? 0.095   7.207   13.291  1.00 58.29 ? 193 ALA A CA    1 
ATOM   1245 C C     . ALA A 1 202 ? -0.336  8.282   14.291  1.00 58.92 ? 193 ALA A C     1 
ATOM   1246 O O     . ALA A 1 202 ? 0.487   9.085   14.744  1.00 58.52 ? 193 ALA A O     1 
ATOM   1247 C CB    . ALA A 1 202 ? -0.088  7.687   11.872  1.00 57.99 ? 193 ALA A CB    1 
ATOM   1248 N N     . GLY A 1 203 ? -1.628  8.273   14.632  1.00 59.85 ? 194 GLY A N     1 
ATOM   1249 C CA    . GLY A 1 203 ? -2.183  9.131   15.670  1.00 61.10 ? 194 GLY A CA    1 
ATOM   1250 C C     . GLY A 1 203 ? -1.532  8.871   17.013  1.00 62.18 ? 194 GLY A C     1 
ATOM   1251 O O     . GLY A 1 203 ? -1.001  9.783   17.634  1.00 62.31 ? 194 GLY A O     1 
ATOM   1252 N N     . LYS A 1 204 ? -1.553  7.613   17.447  1.00 63.33 ? 195 LYS A N     1 
ATOM   1253 C CA    . LYS A 1 204 ? -0.998  7.216   18.743  1.00 64.32 ? 195 LYS A CA    1 
ATOM   1254 C C     . LYS A 1 204 ? 0.463   7.626   18.878  1.00 65.40 ? 195 LYS A C     1 
ATOM   1255 O O     . LYS A 1 204 ? 0.856   8.213   19.890  1.00 65.85 ? 195 LYS A O     1 
ATOM   1256 C CB    . LYS A 1 204 ? -1.131  5.713   18.932  1.00 64.03 ? 195 LYS A CB    1 
ATOM   1257 C CG    . LYS A 1 204 ? -2.541  5.229   19.095  1.00 63.88 ? 195 LYS A CG    1 
ATOM   1258 C CD    . LYS A 1 204 ? -2.707  4.569   20.439  1.00 65.52 ? 195 LYS A CD    1 
ATOM   1259 C CE    . LYS A 1 204 ? -3.981  3.753   20.475  1.00 67.08 ? 195 LYS A CE    1 
ATOM   1260 N NZ    . LYS A 1 204 ? -3.996  2.685   19.433  1.00 67.85 ? 195 LYS A NZ    1 
ATOM   1261 N N     . LEU A 1 205 ? 1.260   7.336   17.848  1.00 66.47 ? 196 LEU A N     1 
ATOM   1262 C CA    . LEU A 1 205 ? 2.689   7.659   17.841  1.00 67.65 ? 196 LEU A CA    1 
ATOM   1263 C C     . LEU A 1 205 ? 2.914   9.168   17.892  1.00 69.11 ? 196 LEU A C     1 
ATOM   1264 O O     . LEU A 1 205 ? 4.030   9.637   18.155  1.00 68.93 ? 196 LEU A O     1 
ATOM   1265 C CB    . LEU A 1 205 ? 3.371   7.053   16.611  1.00 67.26 ? 196 LEU A CB    1 
ATOM   1266 C CG    . LEU A 1 205 ? 3.448   5.530   16.517  1.00 65.74 ? 196 LEU A CG    1 
ATOM   1267 C CD1   . LEU A 1 205 ? 3.820   5.112   15.119  1.00 64.92 ? 196 LEU A CD1   1 
ATOM   1268 C CD2   . LEU A 1 205 ? 4.450   5.000   17.502  1.00 64.93 ? 196 LEU A CD2   1 
ATOM   1269 N N     . GLU A 1 206 ? 1.820   9.892   17.627  1.00 71.05 ? 197 GLU A N     1 
ATOM   1270 C CA    . GLU A 1 206 ? 1.676   11.361  17.743  1.00 72.82 ? 197 GLU A CA    1 
ATOM   1271 C C     . GLU A 1 206 ? 1.940   12.134  16.459  1.00 73.27 ? 197 GLU A C     1 
ATOM   1272 O O     . GLU A 1 206 ? 1.387   13.228  16.272  1.00 73.76 ? 197 GLU A O     1 
ATOM   1273 C CB    . GLU A 1 206 ? 2.432   11.948  18.934  1.00 73.04 ? 197 GLU A CB    1 
ATOM   1274 C CG    . GLU A 1 206 ? 1.720   11.675  20.248  1.00 75.90 ? 197 GLU A CG    1 
ATOM   1275 C CD    . GLU A 1 206 ? 2.001   12.740  21.293  1.00 80.33 ? 197 GLU A CD    1 
ATOM   1276 O OE1   . GLU A 1 206 ? 2.854   13.633  21.033  1.00 81.28 ? 197 GLU A OE1   1 
ATOM   1277 O OE2   . GLU A 1 206 ? 1.367   12.684  22.377  1.00 81.99 ? 197 GLU A OE2   1 
HETATM 1278 N N1    . FMN B 2 .   ? -1.834  -12.947 -10.529 1.00 57.67 ? 199 FMN A N1    1 
HETATM 1279 C C2    . FMN B 2 .   ? -1.650  -13.923 -9.570  1.00 57.91 ? 199 FMN A C2    1 
HETATM 1280 O O2    . FMN B 2 .   ? -2.628  -14.344 -8.935  1.00 57.60 ? 199 FMN A O2    1 
HETATM 1281 N N3    . FMN B 2 .   ? -0.366  -14.407 -9.346  1.00 58.21 ? 199 FMN A N3    1 
HETATM 1282 C C4    . FMN B 2 .   ? 0.721   -13.930 -10.075 1.00 58.24 ? 199 FMN A C4    1 
HETATM 1283 O O4    . FMN B 2 .   ? 1.818   -14.498 -9.979  1.00 58.04 ? 199 FMN A O4    1 
HETATM 1284 C C4A   . FMN B 2 .   ? 0.505   -12.942 -11.047 1.00 57.94 ? 199 FMN A C4A   1 
HETATM 1285 N N5    . FMN B 2 .   ? 1.547   -12.443 -11.813 1.00 57.64 ? 199 FMN A N5    1 
HETATM 1286 C C5A   . FMN B 2 .   ? 1.302   -11.469 -12.765 1.00 57.74 ? 199 FMN A C5A   1 
HETATM 1287 C C6    . FMN B 2 .   ? 2.352   -10.968 -13.522 1.00 57.90 ? 199 FMN A C6    1 
HETATM 1288 C C7    . FMN B 2 .   ? 2.144   -9.993  -14.496 1.00 57.93 ? 199 FMN A C7    1 
HETATM 1289 C C7M   . FMN B 2 .   ? 3.178   -9.957  -15.586 1.00 57.64 ? 199 FMN A C7M   1 
HETATM 1290 C C8    . FMN B 2 .   ? 0.843   -9.493  -14.702 1.00 57.88 ? 199 FMN A C8    1 
HETATM 1291 C C8M   . FMN B 2 .   ? 0.520   -8.427  -15.720 1.00 56.69 ? 199 FMN A C8M   1 
HETATM 1292 C C9    . FMN B 2 .   ? -0.201  -10.000 -13.934 1.00 57.87 ? 199 FMN A C9    1 
HETATM 1293 C C9A   . FMN B 2 .   ? 0.014   -10.983 -12.965 1.00 57.86 ? 199 FMN A C9A   1 
HETATM 1294 N N10   . FMN B 2 .   ? -1.032  -11.489 -12.197 1.00 57.55 ? 199 FMN A N10   1 
HETATM 1295 C C10   . FMN B 2 .   ? -0.785  -12.464 -11.261 1.00 57.14 ? 199 FMN A C10   1 
HETATM 1296 C "C1'" . FMN B 2 .   ? -2.401  -10.873 -12.224 1.00 57.81 ? 199 FMN A "C1'" 1 
HETATM 1297 C "C2'" . FMN B 2 .   ? -2.437  -9.515  -11.533 1.00 57.75 ? 199 FMN A "C2'" 1 
HETATM 1298 O "O2'" . FMN B 2 .   ? -2.088  -9.664  -10.176 1.00 57.41 ? 199 FMN A "O2'" 1 
HETATM 1299 C "C3'" . FMN B 2 .   ? -3.815  -8.872  -11.727 1.00 58.15 ? 199 FMN A "C3'" 1 
HETATM 1300 O "O3'" . FMN B 2 .   ? -3.906  -8.422  -13.069 1.00 58.82 ? 199 FMN A "O3'" 1 
HETATM 1301 C "C4'" . FMN B 2 .   ? -4.038  -7.684  -10.788 1.00 57.85 ? 199 FMN A "C4'" 1 
HETATM 1302 O "O4'" . FMN B 2 .   ? -5.104  -7.961  -9.915  1.00 58.32 ? 199 FMN A "O4'" 1 
HETATM 1303 C "C5'" . FMN B 2 .   ? -4.363  -6.412  -11.549 1.00 56.32 ? 199 FMN A "C5'" 1 
HETATM 1304 O "O5'" . FMN B 2 .   ? -3.961  -5.312  -10.775 1.00 55.29 ? 199 FMN A "O5'" 1 
HETATM 1305 P P     . FMN B 2 .   ? -4.193  -3.830  -11.358 1.00 56.41 ? 199 FMN A P     1 
HETATM 1306 O O1P   . FMN B 2 .   ? -5.575  -3.813  -12.004 1.00 58.25 ? 199 FMN A O1P   1 
HETATM 1307 O O2P   . FMN B 2 .   ? -4.167  -2.824  -10.235 1.00 55.72 ? 199 FMN A O2P   1 
HETATM 1308 O O3P   . FMN B 2 .   ? -3.145  -3.499  -12.407 1.00 55.85 ? 199 FMN A O3P   1 
HETATM 1309 O O     . HOH C 3 .   ? -0.511  -6.306  12.719  1.00 29.52 ? 200 HOH A O     1 
HETATM 1310 O O     . HOH C 3 .   ? -15.448 5.639   -1.629  1.00 53.12 ? 201 HOH A O     1 
HETATM 1311 O O     . HOH C 3 .   ? -14.129 -10.568 10.569  1.00 52.64 ? 202 HOH A O     1 
HETATM 1312 O O     . HOH C 3 .   ? 12.536  -9.602  -5.387  1.00 46.24 ? 203 HOH A O     1 
HETATM 1313 O O     . HOH C 3 .   ? -9.017  -10.992 8.872   1.00 47.16 ? 204 HOH A O     1 
HETATM 1314 O O     . HOH C 3 .   ? 2.392   14.658  9.451   1.00 53.12 ? 205 HOH A O     1 
HETATM 1315 O O     . HOH C 3 .   ? -2.616  16.810  -2.274  1.00 49.51 ? 206 HOH A O     1 
HETATM 1316 O O     . HOH C 3 .   ? 12.045  2.703   -25.421 1.00 68.68 ? 207 HOH A O     1 
HETATM 1317 O O     . HOH C 3 .   ? -5.179  8.947   -14.638 1.00 48.29 ? 208 HOH A O     1 
HETATM 1318 O O     . HOH C 3 .   ? 13.868  -2.077  10.392  1.00 44.21 ? 209 HOH A O     1 
HETATM 1319 O O     . HOH C 3 .   ? -11.315 -13.753 -1.371  1.00 69.95 ? 210 HOH A O     1 
HETATM 1320 O O     . HOH C 3 .   ? -15.773 -13.614 3.831   1.00 69.79 ? 211 HOH A O     1 
HETATM 1321 O O     . HOH C 3 .   ? -15.892 -13.924 6.668   1.00 54.20 ? 212 HOH A O     1 
HETATM 1322 O O     . HOH C 3 .   ? 7.820   4.745   -11.348 1.00 51.64 ? 213 HOH A O     1 
HETATM 1323 O O     . HOH C 3 .   ? -11.745 -22.316 -2.970  1.00 64.79 ? 214 HOH A O     1 
HETATM 1324 O O     . HOH C 3 .   ? -4.681  14.374  12.110  1.00 57.75 ? 215 HOH A O     1 
HETATM 1325 O O     . HOH C 3 .   ? -2.653  18.980  6.508   1.00 55.96 ? 216 HOH A O     1 
HETATM 1326 O O     . HOH C 3 .   ? 17.868  5.498   -4.685  1.00 56.70 ? 217 HOH A O     1 
HETATM 1327 O O     . HOH C 3 .   ? -10.679 -22.553 -5.593  1.00 65.86 ? 218 HOH A O     1 
HETATM 1328 O O     . HOH C 3 .   ? 14.550  0.807   -26.521 1.00 45.40 ? 219 HOH A O     1 
HETATM 1329 O O     . HOH C 3 .   ? -17.720 3.154   -1.359  1.00 70.53 ? 220 HOH A O     1 
HETATM 1330 O O     . HOH C 3 .   ? -2.551  7.602   -14.688 1.00 50.12 ? 221 HOH A O     1 
HETATM 1331 O O     . HOH C 3 .   ? -11.939 -11.132 8.698   1.00 62.90 ? 222 HOH A O     1 
HETATM 1332 O O     . HOH C 3 .   ? -3.001  14.677  13.564  1.00 60.29 ? 223 HOH A O     1 
HETATM 1333 O O     . HOH C 3 .   ? 20.490  8.740   9.779   1.00 51.39 ? 224 HOH A O     1 
HETATM 1334 O O     . HOH C 3 .   ? 2.306   13.524  -5.470  1.00 64.81 ? 225 HOH A O     1 
HETATM 1335 O O     . HOH C 3 .   ? -4.174  15.465  -0.972  1.00 68.19 ? 226 HOH A O     1 
HETATM 1336 O O     . HOH C 3 .   ? 10.724  -1.134  -23.263 1.00 62.21 ? 227 HOH A O     1 
HETATM 1337 O O     . HOH C 3 .   ? -3.961  4.583   -11.385 1.00 52.18 ? 228 HOH A O     1 
HETATM 1338 O O     . HOH C 3 .   ? -5.178  6.570   -15.378 1.00 67.08 ? 229 HOH A O     1 
HETATM 1339 O O     . HOH C 3 .   ? 14.534  5.397   6.004   1.00 57.01 ? 230 HOH A O     1 
HETATM 1340 O O     . HOH C 3 .   ? -6.258  -12.681 -2.463  1.00 65.11 ? 231 HOH A O     1 
HETATM 1341 O O     . HOH C 3 .   ? 1.963   13.566  7.184   1.00 52.12 ? 232 HOH A O     1 
HETATM 1342 O O     . HOH C 3 .   ? -3.798  -17.194 0.208   0.50 46.28 ? 233 HOH A O     1 
# 
loop_
_pdbx_poly_seq_scheme.asym_id 
_pdbx_poly_seq_scheme.entity_id 
_pdbx_poly_seq_scheme.seq_id 
_pdbx_poly_seq_scheme.mon_id 
_pdbx_poly_seq_scheme.ndb_seq_num 
_pdbx_poly_seq_scheme.pdb_seq_num 
_pdbx_poly_seq_scheme.auth_seq_num 
_pdbx_poly_seq_scheme.pdb_mon_id 
_pdbx_poly_seq_scheme.auth_mon_id 
_pdbx_poly_seq_scheme.pdb_strand_id 
_pdbx_poly_seq_scheme.pdb_ins_code 
_pdbx_poly_seq_scheme.hetero 
A 1 1   MET 1   -8  ?   ?   ?   A . n 
A 1 2   ALA 2   -7  ?   ?   ?   A . n 
A 1 3   HIS 3   -6  ?   ?   ?   A . n 
A 1 4   HIS 4   -5  ?   ?   ?   A . n 
A 1 5   HIS 5   -4  ?   ?   ?   A . n 
A 1 6   HIS 6   -3  ?   ?   ?   A . n 
A 1 7   HIS 7   -2  ?   ?   ?   A . n 
A 1 8   HIS 8   -1  ?   ?   ?   A . n 
A 1 9   SER 9   0   ?   ?   ?   A . n 
A 1 10  LEU 10  1   ?   ?   ?   A . n 
A 1 11  SER 11  2   ?   ?   ?   A . n 
A 1 12  SER 12  3   ?   ?   ?   A . n 
A 1 13  PRO 13  4   4   PRO PRO A . n 
A 1 14  TYR 14  5   5   TYR TYR A . n 
A 1 15  ILE 15  6   6   ILE ILE A . n 
A 1 16  LEU 16  7   7   LEU LEU A . n 
A 1 17  VAL 17  8   8   VAL VAL A . n 
A 1 18  LEU 18  9   9   LEU LEU A . n 
A 1 19  TYR 19  10  10  TYR TYR A . n 
A 1 20  TYR 20  11  11  TYR TYR A . n 
A 1 21  SER 21  12  12  SER SER A . n 
A 1 22  ARG 22  13  13  ARG ARG A . n 
A 1 23  HIS 23  14  14  HIS HIS A . n 
A 1 24  GLY 24  15  15  GLY GLY A . n 
A 1 25  ALA 25  16  16  ALA ALA A . n 
A 1 26  THR 26  17  17  THR THR A . n 
A 1 27  ALA 27  18  18  ALA ALA A . n 
A 1 28  GLU 28  19  19  GLU GLU A . n 
A 1 29  MET 29  20  20  MET MET A . n 
A 1 30  ALA 30  21  21  ALA ALA A . n 
A 1 31  ARG 31  22  22  ARG ARG A . n 
A 1 32  GLN 32  23  23  GLN GLN A . n 
A 1 33  ILE 33  24  24  ILE ILE A . n 
A 1 34  ALA 34  25  25  ALA ALA A . n 
A 1 35  ARG 35  26  26  ARG ARG A . n 
A 1 36  GLY 36  27  27  GLY GLY A . n 
A 1 37  VAL 37  28  28  VAL VAL A . n 
A 1 38  GLU 38  29  29  GLU GLU A . n 
A 1 39  GLN 39  30  30  GLN GLN A . n 
A 1 40  GLY 40  31  31  GLY GLY A . n 
A 1 41  GLY 41  32  32  GLY GLY A . n 
A 1 42  PHE 42  33  33  PHE PHE A . n 
A 1 43  GLU 43  34  34  GLU GLU A . n 
A 1 44  ALA 44  35  35  ALA ALA A . n 
A 1 45  ARG 45  36  36  ARG ARG A . n 
A 1 46  VAL 46  37  37  VAL VAL A . n 
A 1 47  ARG 47  38  38  ARG ARG A . n 
A 1 48  THR 48  39  39  THR THR A . n 
A 1 49  VAL 49  40  40  VAL VAL A . n 
A 1 50  PRO 50  41  41  PRO PRO A . n 
A 1 51  ALA 51  42  42  ALA ALA A . n 
A 1 52  VAL 52  43  43  VAL VAL A . n 
A 1 53  SER 53  44  44  SER SER A . n 
A 1 54  THR 54  45  45  THR THR A . n 
A 1 55  GLU 55  46  ?   ?   ?   A . n 
A 1 56  CYS 56  47  ?   ?   ?   A . n 
A 1 57  GLU 57  48  ?   ?   ?   A . n 
A 1 58  ALA 58  49  ?   ?   ?   A . n 
A 1 59  VAL 59  50  ?   ?   ?   A . n 
A 1 60  ALA 60  51  ?   ?   ?   A . n 
A 1 61  PRO 61  52  ?   ?   ?   A . n 
A 1 62  ASP 62  53  ?   ?   ?   A . n 
A 1 63  ILE 63  54  ?   ?   ?   A . n 
A 1 64  PRO 64  55  ?   ?   ?   A . n 
A 1 65  ALA 65  56  ?   ?   ?   A . n 
A 1 66  GLU 66  57  ?   ?   ?   A . n 
A 1 67  GLY 67  58  58  GLY GLY A . n 
A 1 68  ALA 68  59  59  ALA ALA A . n 
A 1 69  LEU 69  60  60  LEU LEU A . n 
A 1 70  TYR 70  61  61  TYR TYR A . n 
A 1 71  ALA 71  62  62  ALA ALA A . n 
A 1 72  THR 72  63  63  THR THR A . n 
A 1 73  LEU 73  64  64  LEU LEU A . n 
A 1 74  GLU 74  65  65  GLU GLU A . n 
A 1 75  ASP 75  66  66  ASP ASP A . n 
A 1 76  LEU 76  67  67  LEU LEU A . n 
A 1 77  LYS 77  68  68  LYS LYS A . n 
A 1 78  ASN 78  69  69  ASN ASN A . n 
A 1 79  CYS 79  70  70  CYS CYS A . n 
A 1 80  ALA 80  71  71  ALA ALA A . n 
A 1 81  GLY 81  72  72  GLY GLY A . n 
A 1 82  LEU 82  73  73  LEU LEU A . n 
A 1 83  ALA 83  74  74  ALA ALA A . n 
A 1 84  LEU 84  75  75  LEU LEU A . n 
A 1 85  GLY 85  76  76  GLY GLY A . n 
A 1 86  SER 86  77  77  SER SER A . n 
A 1 87  PRO 87  78  78  PRO PRO A . n 
A 1 88  THR 88  79  79  THR THR A . n 
A 1 89  ARG 89  80  80  ARG ARG A . n 
A 1 90  PHE 90  81  81  PHE PHE A . n 
A 1 91  GLY 91  82  82  GLY GLY A . n 
A 1 92  ASN 92  83  83  ASN ASN A . n 
A 1 93  MET 93  84  84  MET MET A . n 
A 1 94  ALA 94  85  85  ALA ALA A . n 
A 1 95  SER 95  86  86  SER SER A . n 
A 1 96  PRO 96  87  87  PRO PRO A . n 
A 1 97  LEU 97  88  88  LEU LEU A . n 
A 1 98  LYS 98  89  89  LYS LYS A . n 
A 1 99  TYR 99  90  90  TYR TYR A . n 
A 1 100 PHE 100 91  91  PHE PHE A . n 
A 1 101 LEU 101 92  92  LEU LEU A . n 
A 1 102 ASP 102 93  93  ASP ASP A . n 
A 1 103 GLY 103 94  94  GLY GLY A . n 
A 1 104 THR 104 95  95  THR THR A . n 
A 1 105 SER 105 96  96  SER SER A . n 
A 1 106 SER 106 97  97  SER SER A . n 
A 1 107 LEU 107 98  98  LEU LEU A . n 
A 1 108 TRP 108 99  99  TRP TRP A . n 
A 1 109 LEU 109 100 100 LEU LEU A . n 
A 1 110 THR 110 101 101 THR THR A . n 
A 1 111 GLY 111 102 102 GLY GLY A . n 
A 1 112 SER 112 103 103 SER SER A . n 
A 1 113 LEU 113 104 104 LEU LEU A . n 
A 1 114 VAL 114 105 105 VAL VAL A . n 
A 1 115 GLY 115 106 106 GLY GLY A . n 
A 1 116 LYS 116 107 107 LYS LYS A . n 
A 1 117 PRO 117 108 108 PRO PRO A . n 
A 1 118 ALA 118 109 109 ALA ALA A . n 
A 1 119 ALA 119 110 110 ALA ALA A . n 
A 1 120 VAL 120 111 111 VAL VAL A . n 
A 1 121 PHE 121 112 112 PHE PHE A . n 
A 1 122 THR 122 113 113 THR THR A . n 
A 1 123 SER 123 114 114 SER SER A . n 
A 1 124 THR 124 115 115 THR THR A . n 
A 1 125 ALA 125 116 116 ALA ALA A . n 
A 1 126 SER 126 117 117 SER SER A . n 
A 1 127 LEU 127 118 118 LEU LEU A . n 
A 1 128 HIS 128 119 119 HIS HIS A . n 
A 1 129 GLY 129 120 120 GLY GLY A . n 
A 1 130 GLY 130 121 121 GLY GLY A . n 
A 1 131 GLN 131 122 122 GLN GLN A . n 
A 1 132 GLU 132 123 123 GLU GLU A . n 
A 1 133 THR 133 124 124 THR THR A . n 
A 1 134 THR 134 125 125 THR THR A . n 
A 1 135 GLN 135 126 126 GLN GLN A . n 
A 1 136 LEU 136 127 127 LEU LEU A . n 
A 1 137 SER 137 128 128 SER SER A . n 
A 1 138 MET 138 129 129 MET MET A . n 
A 1 139 LEU 139 130 130 LEU LEU A . n 
A 1 140 LEU 140 131 131 LEU LEU A . n 
A 1 141 PRO 141 132 132 PRO PRO A . n 
A 1 142 LEU 142 133 133 LEU LEU A . n 
A 1 143 LEU 143 134 134 LEU LEU A . n 
A 1 144 HIS 144 135 135 HIS HIS A . n 
A 1 145 HIS 145 136 136 HIS HIS A . n 
A 1 146 GLY 146 137 137 GLY GLY A . n 
A 1 147 MET 147 138 138 MET MET A . n 
A 1 148 LEU 148 139 139 LEU LEU A . n 
A 1 149 VAL 149 140 140 VAL VAL A . n 
A 1 150 LEU 150 141 141 LEU LEU A . n 
A 1 151 GLY 151 142 142 GLY GLY A . n 
A 1 152 ILE 152 143 143 ILE ILE A . n 
A 1 153 PRO 153 144 144 PRO PRO A . n 
A 1 154 TYR 154 145 145 TYR TYR A . n 
A 1 155 SER 155 146 ?   ?   ?   A . n 
A 1 156 GLU 156 147 ?   ?   ?   A . n 
A 1 157 PRO 157 148 ?   ?   ?   A . n 
A 1 158 ALA 158 149 ?   ?   ?   A . n 
A 1 159 LEU 159 150 ?   ?   ?   A . n 
A 1 160 LEU 160 151 ?   ?   ?   A . n 
A 1 161 GLU 161 152 ?   ?   ?   A . n 
A 1 162 THR 162 153 ?   ?   ?   A . n 
A 1 163 ARG 163 154 ?   ?   ?   A . n 
A 1 164 GLY 164 155 ?   ?   ?   A . n 
A 1 165 GLY 165 156 156 GLY GLY A . n 
A 1 166 GLY 166 157 157 GLY GLY A . n 
A 1 167 THR 167 158 158 THR THR A . n 
A 1 168 PRO 168 159 159 PRO PRO A . n 
A 1 169 TYR 169 160 160 TYR TYR A . n 
A 1 170 GLY 170 161 161 GLY GLY A . n 
A 1 171 ALA 171 162 162 ALA ALA A . n 
A 1 172 SER 172 163 163 SER SER A . n 
A 1 173 HIS 173 164 164 HIS HIS A . n 
A 1 174 PHE 174 165 165 PHE PHE A . n 
A 1 175 ALA 175 166 166 ALA ALA A . n 
A 1 176 GLY 176 167 167 GLY GLY A . n 
A 1 177 ALA 177 168 168 ALA ALA A . n 
A 1 178 ASP 178 169 169 ASP ASP A . n 
A 1 179 GLY 179 170 170 GLY GLY A . n 
A 1 180 LYS 180 171 171 LYS LYS A . n 
A 1 181 ARG 181 172 172 ARG ARG A . n 
A 1 182 SER 182 173 173 SER SER A . n 
A 1 183 LEU 183 174 174 LEU LEU A . n 
A 1 184 ASP 184 175 175 ASP ASP A . n 
A 1 185 GLU 185 176 176 GLU GLU A . n 
A 1 186 HIS 186 177 177 HIS HIS A . n 
A 1 187 GLU 187 178 178 GLU GLU A . n 
A 1 188 LEU 188 179 179 LEU LEU A . n 
A 1 189 THR 189 180 180 THR THR A . n 
A 1 190 LEU 190 181 181 LEU LEU A . n 
A 1 191 CYS 191 182 182 CYS CYS A . n 
A 1 192 ARG 192 183 183 ARG ARG A . n 
A 1 193 ALA 193 184 184 ALA ALA A . n 
A 1 194 LEU 194 185 185 LEU LEU A . n 
A 1 195 GLY 195 186 186 GLY GLY A . n 
A 1 196 LYS 196 187 187 LYS LYS A . n 
A 1 197 ARG 197 188 188 ARG ARG A . n 
A 1 198 LEU 198 189 189 LEU LEU A . n 
A 1 199 ALA 199 190 190 ALA ALA A . n 
A 1 200 GLU 200 191 191 GLU GLU A . n 
A 1 201 THR 201 192 192 THR THR A . n 
A 1 202 ALA 202 193 193 ALA ALA A . n 
A 1 203 GLY 203 194 194 GLY GLY A . n 
A 1 204 LYS 204 195 195 LYS LYS A . n 
A 1 205 LEU 205 196 196 LEU LEU A . n 
A 1 206 GLU 206 197 197 GLU GLU A . n 
A 1 207 GLY 207 198 ?   ?   ?   A . n 
# 
_pdbx_SG_project.id                    1 
_pdbx_SG_project.project_name          'PSI, Protein Structure Initiative' 
_pdbx_SG_project.full_name_of_center   'New York SGX Research Center for Structural Genomics' 
_pdbx_SG_project.initial_of_center     NYSGXRC 
# 
loop_
_pdbx_nonpoly_scheme.asym_id 
_pdbx_nonpoly_scheme.entity_id 
_pdbx_nonpoly_scheme.mon_id 
_pdbx_nonpoly_scheme.ndb_seq_num 
_pdbx_nonpoly_scheme.pdb_seq_num 
_pdbx_nonpoly_scheme.auth_seq_num 
_pdbx_nonpoly_scheme.pdb_mon_id 
_pdbx_nonpoly_scheme.auth_mon_id 
_pdbx_nonpoly_scheme.pdb_strand_id 
_pdbx_nonpoly_scheme.pdb_ins_code 
B 2 FMN 1  199 187 FMN FMN A . 
C 3 HOH 1  200 1   HOH HOH A . 
C 3 HOH 2  201 2   HOH HOH A . 
C 3 HOH 3  202 3   HOH HOH A . 
C 3 HOH 4  203 4   HOH HOH A . 
C 3 HOH 5  204 5   HOH HOH A . 
C 3 HOH 6  205 6   HOH HOH A . 
C 3 HOH 7  206 7   HOH HOH A . 
C 3 HOH 8  207 8   HOH HOH A . 
C 3 HOH 9  208 9   HOH HOH A . 
C 3 HOH 10 209 10  HOH HOH A . 
C 3 HOH 11 210 11  HOH HOH A . 
C 3 HOH 12 211 12  HOH HOH A . 
C 3 HOH 13 212 13  HOH HOH A . 
C 3 HOH 14 213 14  HOH HOH A . 
C 3 HOH 15 214 15  HOH HOH A . 
C 3 HOH 16 215 16  HOH HOH A . 
C 3 HOH 17 216 17  HOH HOH A . 
C 3 HOH 18 217 18  HOH HOH A . 
C 3 HOH 19 218 19  HOH HOH A . 
C 3 HOH 20 219 20  HOH HOH A . 
C 3 HOH 21 220 21  HOH HOH A . 
C 3 HOH 22 221 22  HOH HOH A . 
C 3 HOH 23 222 23  HOH HOH A . 
C 3 HOH 24 223 24  HOH HOH A . 
C 3 HOH 25 224 25  HOH HOH A . 
C 3 HOH 26 225 26  HOH HOH A . 
C 3 HOH 27 226 27  HOH HOH A . 
C 3 HOH 28 227 28  HOH HOH A . 
C 3 HOH 29 228 29  HOH HOH A . 
C 3 HOH 30 229 30  HOH HOH A . 
C 3 HOH 31 230 31  HOH HOH A . 
C 3 HOH 32 231 32  HOH HOH A . 
C 3 HOH 33 232 33  HOH HOH A . 
C 3 HOH 34 233 34  HOH HOH A . 
# 
_pdbx_struct_assembly.id                   1 
_pdbx_struct_assembly.details              author_and_software_defined_assembly 
_pdbx_struct_assembly.method_details       PISA,PQS 
_pdbx_struct_assembly.oligomeric_details   tetrameric 
_pdbx_struct_assembly.oligomeric_count     4 
# 
_pdbx_struct_assembly_gen.assembly_id       1 
_pdbx_struct_assembly_gen.oper_expression   1,2,3,4 
_pdbx_struct_assembly_gen.asym_id_list      A,B,C 
# 
loop_
_pdbx_struct_assembly_prop.biol_id 
_pdbx_struct_assembly_prop.type 
_pdbx_struct_assembly_prop.value 
_pdbx_struct_assembly_prop.details 
1 'ABSA (A^2)' 14120 ? 
1 MORE         -94   ? 
1 'SSA (A^2)'  23090 ? 
# 
loop_
_pdbx_struct_oper_list.id 
_pdbx_struct_oper_list.type 
_pdbx_struct_oper_list.name 
_pdbx_struct_oper_list.symmetry_operation 
_pdbx_struct_oper_list.matrix[1][1] 
_pdbx_struct_oper_list.matrix[1][2] 
_pdbx_struct_oper_list.matrix[1][3] 
_pdbx_struct_oper_list.vector[1] 
_pdbx_struct_oper_list.matrix[2][1] 
_pdbx_struct_oper_list.matrix[2][2] 
_pdbx_struct_oper_list.matrix[2][3] 
_pdbx_struct_oper_list.vector[2] 
_pdbx_struct_oper_list.matrix[3][1] 
_pdbx_struct_oper_list.matrix[3][2] 
_pdbx_struct_oper_list.matrix[3][3] 
_pdbx_struct_oper_list.vector[3] 
1 'identity operation'         1_555 x,y,z       1.0000000000  0.0000000000  0.0000000000  0.0000000000  0.0000000000  1.0000000000  0.0000000000  0.0000000000   0.0000000000  0.0000000000  1.0000000000  0.0000000000   
2 'crystal symmetry operation' 2_565 -x,-y+1,z   -0.9890786096 0.0939703742  -0.1135476679 20.9421495455 0.0939703742  -0.1914554034 -0.9769925267 -15.4706977343 -0.1135476679 -0.9769925267 0.1805340130  -10.7890358828 
3 'crystal symmetry operation' 5_556 -x,y,-z+1   0.8474895224  0.3078197946  0.4324447751  4.6300823252  0.3078197946  -0.9487125503 0.0720518629  -32.3704354946 0.4324447751  0.0720518629  -0.8987769721 3.2610689333   
4 'crystal symmetry operation' 6_566 x,-y+1,-z+1 -0.8584109128 -0.4017901688 -0.3188971071 12.9504854472 -0.4017901688 0.1401679537  0.9049406638  -12.0241523552 -0.3188971071 0.9049406638  -0.2817570409 20.8996364928 
# 
_pdbx_struct_special_symmetry.id              1 
_pdbx_struct_special_symmetry.PDB_model_num   1 
_pdbx_struct_special_symmetry.auth_asym_id    A 
_pdbx_struct_special_symmetry.auth_comp_id    HOH 
_pdbx_struct_special_symmetry.auth_seq_id     233 
_pdbx_struct_special_symmetry.PDB_ins_code    ? 
_pdbx_struct_special_symmetry.label_asym_id   C 
_pdbx_struct_special_symmetry.label_comp_id   HOH 
_pdbx_struct_special_symmetry.label_seq_id    . 
# 
loop_
_pdbx_audit_revision_history.ordinal 
_pdbx_audit_revision_history.data_content_type 
_pdbx_audit_revision_history.major_revision 
_pdbx_audit_revision_history.minor_revision 
_pdbx_audit_revision_history.revision_date 
1 'Structure model' 1 0 2005-06-14 
2 'Structure model' 1 1 2008-04-30 
3 'Structure model' 1 2 2011-07-13 
4 'Structure model' 1 3 2021-02-03 
5 'Structure model' 1 4 2023-08-23 
# 
_pdbx_audit_revision_details.ordinal             1 
_pdbx_audit_revision_details.revision_ordinal    1 
_pdbx_audit_revision_details.data_content_type   'Structure model' 
_pdbx_audit_revision_details.provider            repository 
_pdbx_audit_revision_details.type                'Initial release' 
_pdbx_audit_revision_details.description         ? 
_pdbx_audit_revision_details.details             ? 
# 
loop_
_pdbx_audit_revision_group.ordinal 
_pdbx_audit_revision_group.revision_ordinal 
_pdbx_audit_revision_group.data_content_type 
_pdbx_audit_revision_group.group 
1 2 'Structure model' 'Version format compliance' 
2 3 'Structure model' 'Derived calculations'      
3 3 'Structure model' 'Version format compliance' 
4 4 'Structure model' 'Database references'       
5 4 'Structure model' 'Derived calculations'      
6 4 'Structure model' 'Structure summary'         
7 5 'Structure model' 'Data collection'           
8 5 'Structure model' 'Database references'       
9 5 'Structure model' 'Refinement description'    
# 
loop_
_pdbx_audit_revision_category.ordinal 
_pdbx_audit_revision_category.revision_ordinal 
_pdbx_audit_revision_category.data_content_type 
_pdbx_audit_revision_category.category 
1 4 'Structure model' audit_author                  
2 4 'Structure model' struct_ref_seq_dif            
3 4 'Structure model' struct_site                   
4 5 'Structure model' chem_comp_atom                
5 5 'Structure model' chem_comp_bond                
6 5 'Structure model' database_2                    
7 5 'Structure model' pdbx_initial_refinement_model 
# 
loop_
_pdbx_audit_revision_item.ordinal 
_pdbx_audit_revision_item.revision_ordinal 
_pdbx_audit_revision_item.data_content_type 
_pdbx_audit_revision_item.item 
1 4 'Structure model' '_audit_author.identifier_ORCID'      
2 4 'Structure model' '_struct_ref_seq_dif.details'         
3 4 'Structure model' '_struct_site.pdbx_auth_asym_id'      
4 4 'Structure model' '_struct_site.pdbx_auth_comp_id'      
5 4 'Structure model' '_struct_site.pdbx_auth_seq_id'       
6 5 'Structure model' '_database_2.pdbx_DOI'                
7 5 'Structure model' '_database_2.pdbx_database_accession' 
# 
loop_
_software.name 
_software.classification 
_software.version 
_software.citation_id 
_software.pdbx_ordinal 
REFMAC    refinement       5.2.0005 ? 1 
DENZO     'data reduction' .        ? 2 
SCALEPACK 'data scaling'   .        ? 3 
PHASER    phasing          .        ? 4 
# 
loop_
_pdbx_validate_torsion.id 
_pdbx_validate_torsion.PDB_model_num 
_pdbx_validate_torsion.auth_comp_id 
_pdbx_validate_torsion.auth_asym_id 
_pdbx_validate_torsion.auth_seq_id 
_pdbx_validate_torsion.PDB_ins_code 
_pdbx_validate_torsion.label_alt_id 
_pdbx_validate_torsion.phi 
_pdbx_validate_torsion.psi 
1 1 ALA A 42  ? ? -49.35 151.22 
2 1 LEU A 104 ? ? 68.59  -25.90 
# 
loop_
_pdbx_unobs_or_zero_occ_residues.id 
_pdbx_unobs_or_zero_occ_residues.PDB_model_num 
_pdbx_unobs_or_zero_occ_residues.polymer_flag 
_pdbx_unobs_or_zero_occ_residues.occupancy_flag 
_pdbx_unobs_or_zero_occ_residues.auth_asym_id 
_pdbx_unobs_or_zero_occ_residues.auth_comp_id 
_pdbx_unobs_or_zero_occ_residues.auth_seq_id 
_pdbx_unobs_or_zero_occ_residues.PDB_ins_code 
_pdbx_unobs_or_zero_occ_residues.label_asym_id 
_pdbx_unobs_or_zero_occ_residues.label_comp_id 
_pdbx_unobs_or_zero_occ_residues.label_seq_id 
1  1 Y 1 A MET -8  ? A MET 1   
2  1 Y 1 A ALA -7  ? A ALA 2   
3  1 Y 1 A HIS -6  ? A HIS 3   
4  1 Y 1 A HIS -5  ? A HIS 4   
5  1 Y 1 A HIS -4  ? A HIS 5   
6  1 Y 1 A HIS -3  ? A HIS 6   
7  1 Y 1 A HIS -2  ? A HIS 7   
8  1 Y 1 A HIS -1  ? A HIS 8   
9  1 Y 1 A SER 0   ? A SER 9   
10 1 Y 1 A LEU 1   ? A LEU 10  
11 1 Y 1 A SER 2   ? A SER 11  
12 1 Y 1 A SER 3   ? A SER 12  
13 1 Y 1 A GLU 46  ? A GLU 55  
14 1 Y 1 A CYS 47  ? A CYS 56  
15 1 Y 1 A GLU 48  ? A GLU 57  
16 1 Y 1 A ALA 49  ? A ALA 58  
17 1 Y 1 A VAL 50  ? A VAL 59  
18 1 Y 1 A ALA 51  ? A ALA 60  
19 1 Y 1 A PRO 52  ? A PRO 61  
20 1 Y 1 A ASP 53  ? A ASP 62  
21 1 Y 1 A ILE 54  ? A ILE 63  
22 1 Y 1 A PRO 55  ? A PRO 64  
23 1 Y 1 A ALA 56  ? A ALA 65  
24 1 Y 1 A GLU 57  ? A GLU 66  
25 1 Y 1 A SER 146 ? A SER 155 
26 1 Y 1 A GLU 147 ? A GLU 156 
27 1 Y 1 A PRO 148 ? A PRO 157 
28 1 Y 1 A ALA 149 ? A ALA 158 
29 1 Y 1 A LEU 150 ? A LEU 159 
30 1 Y 1 A LEU 151 ? A LEU 160 
31 1 Y 1 A GLU 152 ? A GLU 161 
32 1 Y 1 A THR 153 ? A THR 162 
33 1 Y 1 A ARG 154 ? A ARG 163 
34 1 Y 1 A GLY 155 ? A GLY 164 
35 1 Y 1 A GLY 198 ? A GLY 207 
# 
loop_
_chem_comp_atom.comp_id 
_chem_comp_atom.atom_id 
_chem_comp_atom.type_symbol 
_chem_comp_atom.pdbx_aromatic_flag 
_chem_comp_atom.pdbx_stereo_config 
_chem_comp_atom.pdbx_ordinal 
ALA N      N N N 1   
ALA CA     C N S 2   
ALA C      C N N 3   
ALA O      O N N 4   
ALA CB     C N N 5   
ALA OXT    O N N 6   
ALA H      H N N 7   
ALA H2     H N N 8   
ALA HA     H N N 9   
ALA HB1    H N N 10  
ALA HB2    H N N 11  
ALA HB3    H N N 12  
ALA HXT    H N N 13  
ARG N      N N N 14  
ARG CA     C N S 15  
ARG C      C N N 16  
ARG O      O N N 17  
ARG CB     C N N 18  
ARG CG     C N N 19  
ARG CD     C N N 20  
ARG NE     N N N 21  
ARG CZ     C N N 22  
ARG NH1    N N N 23  
ARG NH2    N N N 24  
ARG OXT    O N N 25  
ARG H      H N N 26  
ARG H2     H N N 27  
ARG HA     H N N 28  
ARG HB2    H N N 29  
ARG HB3    H N N 30  
ARG HG2    H N N 31  
ARG HG3    H N N 32  
ARG HD2    H N N 33  
ARG HD3    H N N 34  
ARG HE     H N N 35  
ARG HH11   H N N 36  
ARG HH12   H N N 37  
ARG HH21   H N N 38  
ARG HH22   H N N 39  
ARG HXT    H N N 40  
ASN N      N N N 41  
ASN CA     C N S 42  
ASN C      C N N 43  
ASN O      O N N 44  
ASN CB     C N N 45  
ASN CG     C N N 46  
ASN OD1    O N N 47  
ASN ND2    N N N 48  
ASN OXT    O N N 49  
ASN H      H N N 50  
ASN H2     H N N 51  
ASN HA     H N N 52  
ASN HB2    H N N 53  
ASN HB3    H N N 54  
ASN HD21   H N N 55  
ASN HD22   H N N 56  
ASN HXT    H N N 57  
ASP N      N N N 58  
ASP CA     C N S 59  
ASP C      C N N 60  
ASP O      O N N 61  
ASP CB     C N N 62  
ASP CG     C N N 63  
ASP OD1    O N N 64  
ASP OD2    O N N 65  
ASP OXT    O N N 66  
ASP H      H N N 67  
ASP H2     H N N 68  
ASP HA     H N N 69  
ASP HB2    H N N 70  
ASP HB3    H N N 71  
ASP HD2    H N N 72  
ASP HXT    H N N 73  
CYS N      N N N 74  
CYS CA     C N R 75  
CYS C      C N N 76  
CYS O      O N N 77  
CYS CB     C N N 78  
CYS SG     S N N 79  
CYS OXT    O N N 80  
CYS H      H N N 81  
CYS H2     H N N 82  
CYS HA     H N N 83  
CYS HB2    H N N 84  
CYS HB3    H N N 85  
CYS HG     H N N 86  
CYS HXT    H N N 87  
FMN N1     N N N 88  
FMN C2     C N N 89  
FMN O2     O N N 90  
FMN N3     N N N 91  
FMN C4     C N N 92  
FMN O4     O N N 93  
FMN C4A    C N N 94  
FMN N5     N N N 95  
FMN C5A    C Y N 96  
FMN C6     C Y N 97  
FMN C7     C Y N 98  
FMN C7M    C N N 99  
FMN C8     C Y N 100 
FMN C8M    C N N 101 
FMN C9     C Y N 102 
FMN C9A    C Y N 103 
FMN N10    N N N 104 
FMN C10    C N N 105 
FMN "C1'"  C N N 106 
FMN "C2'"  C N S 107 
FMN "O2'"  O N N 108 
FMN "C3'"  C N S 109 
FMN "O3'"  O N N 110 
FMN "C4'"  C N R 111 
FMN "O4'"  O N N 112 
FMN "C5'"  C N N 113 
FMN "O5'"  O N N 114 
FMN P      P N N 115 
FMN O1P    O N N 116 
FMN O2P    O N N 117 
FMN O3P    O N N 118 
FMN HN3    H N N 119 
FMN H6     H N N 120 
FMN HM71   H N N 121 
FMN HM72   H N N 122 
FMN HM73   H N N 123 
FMN HM81   H N N 124 
FMN HM82   H N N 125 
FMN HM83   H N N 126 
FMN H9     H N N 127 
FMN "H1'1" H N N 128 
FMN "H1'2" H N N 129 
FMN "H2'"  H N N 130 
FMN "HO2'" H N N 131 
FMN "H3'"  H N N 132 
FMN "HO3'" H N N 133 
FMN "H4'"  H N N 134 
FMN "HO4'" H N N 135 
FMN "H5'1" H N N 136 
FMN "H5'2" H N N 137 
FMN HOP2   H N N 138 
FMN HOP3   H N N 139 
GLN N      N N N 140 
GLN CA     C N S 141 
GLN C      C N N 142 
GLN O      O N N 143 
GLN CB     C N N 144 
GLN CG     C N N 145 
GLN CD     C N N 146 
GLN OE1    O N N 147 
GLN NE2    N N N 148 
GLN OXT    O N N 149 
GLN H      H N N 150 
GLN H2     H N N 151 
GLN HA     H N N 152 
GLN HB2    H N N 153 
GLN HB3    H N N 154 
GLN HG2    H N N 155 
GLN HG3    H N N 156 
GLN HE21   H N N 157 
GLN HE22   H N N 158 
GLN HXT    H N N 159 
GLU N      N N N 160 
GLU CA     C N S 161 
GLU C      C N N 162 
GLU O      O N N 163 
GLU CB     C N N 164 
GLU CG     C N N 165 
GLU CD     C N N 166 
GLU OE1    O N N 167 
GLU OE2    O N N 168 
GLU OXT    O N N 169 
GLU H      H N N 170 
GLU H2     H N N 171 
GLU HA     H N N 172 
GLU HB2    H N N 173 
GLU HB3    H N N 174 
GLU HG2    H N N 175 
GLU HG3    H N N 176 
GLU HE2    H N N 177 
GLU HXT    H N N 178 
GLY N      N N N 179 
GLY CA     C N N 180 
GLY C      C N N 181 
GLY O      O N N 182 
GLY OXT    O N N 183 
GLY H      H N N 184 
GLY H2     H N N 185 
GLY HA2    H N N 186 
GLY HA3    H N N 187 
GLY HXT    H N N 188 
HIS N      N N N 189 
HIS CA     C N S 190 
HIS C      C N N 191 
HIS O      O N N 192 
HIS CB     C N N 193 
HIS CG     C Y N 194 
HIS ND1    N Y N 195 
HIS CD2    C Y N 196 
HIS CE1    C Y N 197 
HIS NE2    N Y N 198 
HIS OXT    O N N 199 
HIS H      H N N 200 
HIS H2     H N N 201 
HIS HA     H N N 202 
HIS HB2    H N N 203 
HIS HB3    H N N 204 
HIS HD1    H N N 205 
HIS HD2    H N N 206 
HIS HE1    H N N 207 
HIS HE2    H N N 208 
HIS HXT    H N N 209 
HOH O      O N N 210 
HOH H1     H N N 211 
HOH H2     H N N 212 
ILE N      N N N 213 
ILE CA     C N S 214 
ILE C      C N N 215 
ILE O      O N N 216 
ILE CB     C N S 217 
ILE CG1    C N N 218 
ILE CG2    C N N 219 
ILE CD1    C N N 220 
ILE OXT    O N N 221 
ILE H      H N N 222 
ILE H2     H N N 223 
ILE HA     H N N 224 
ILE HB     H N N 225 
ILE HG12   H N N 226 
ILE HG13   H N N 227 
ILE HG21   H N N 228 
ILE HG22   H N N 229 
ILE HG23   H N N 230 
ILE HD11   H N N 231 
ILE HD12   H N N 232 
ILE HD13   H N N 233 
ILE HXT    H N N 234 
LEU N      N N N 235 
LEU CA     C N S 236 
LEU C      C N N 237 
LEU O      O N N 238 
LEU CB     C N N 239 
LEU CG     C N N 240 
LEU CD1    C N N 241 
LEU CD2    C N N 242 
LEU OXT    O N N 243 
LEU H      H N N 244 
LEU H2     H N N 245 
LEU HA     H N N 246 
LEU HB2    H N N 247 
LEU HB3    H N N 248 
LEU HG     H N N 249 
LEU HD11   H N N 250 
LEU HD12   H N N 251 
LEU HD13   H N N 252 
LEU HD21   H N N 253 
LEU HD22   H N N 254 
LEU HD23   H N N 255 
LEU HXT    H N N 256 
LYS N      N N N 257 
LYS CA     C N S 258 
LYS C      C N N 259 
LYS O      O N N 260 
LYS CB     C N N 261 
LYS CG     C N N 262 
LYS CD     C N N 263 
LYS CE     C N N 264 
LYS NZ     N N N 265 
LYS OXT    O N N 266 
LYS H      H N N 267 
LYS H2     H N N 268 
LYS HA     H N N 269 
LYS HB2    H N N 270 
LYS HB3    H N N 271 
LYS HG2    H N N 272 
LYS HG3    H N N 273 
LYS HD2    H N N 274 
LYS HD3    H N N 275 
LYS HE2    H N N 276 
LYS HE3    H N N 277 
LYS HZ1    H N N 278 
LYS HZ2    H N N 279 
LYS HZ3    H N N 280 
LYS HXT    H N N 281 
MET N      N N N 282 
MET CA     C N S 283 
MET C      C N N 284 
MET O      O N N 285 
MET CB     C N N 286 
MET CG     C N N 287 
MET SD     S N N 288 
MET CE     C N N 289 
MET OXT    O N N 290 
MET H      H N N 291 
MET H2     H N N 292 
MET HA     H N N 293 
MET HB2    H N N 294 
MET HB3    H N N 295 
MET HG2    H N N 296 
MET HG3    H N N 297 
MET HE1    H N N 298 
MET HE2    H N N 299 
MET HE3    H N N 300 
MET HXT    H N N 301 
PHE N      N N N 302 
PHE CA     C N S 303 
PHE C      C N N 304 
PHE O      O N N 305 
PHE CB     C N N 306 
PHE CG     C Y N 307 
PHE CD1    C Y N 308 
PHE CD2    C Y N 309 
PHE CE1    C Y N 310 
PHE CE2    C Y N 311 
PHE CZ     C Y N 312 
PHE OXT    O N N 313 
PHE H      H N N 314 
PHE H2     H N N 315 
PHE HA     H N N 316 
PHE HB2    H N N 317 
PHE HB3    H N N 318 
PHE HD1    H N N 319 
PHE HD2    H N N 320 
PHE HE1    H N N 321 
PHE HE2    H N N 322 
PHE HZ     H N N 323 
PHE HXT    H N N 324 
PRO N      N N N 325 
PRO CA     C N S 326 
PRO C      C N N 327 
PRO O      O N N 328 
PRO CB     C N N 329 
PRO CG     C N N 330 
PRO CD     C N N 331 
PRO OXT    O N N 332 
PRO H      H N N 333 
PRO HA     H N N 334 
PRO HB2    H N N 335 
PRO HB3    H N N 336 
PRO HG2    H N N 337 
PRO HG3    H N N 338 
PRO HD2    H N N 339 
PRO HD3    H N N 340 
PRO HXT    H N N 341 
SER N      N N N 342 
SER CA     C N S 343 
SER C      C N N 344 
SER O      O N N 345 
SER CB     C N N 346 
SER OG     O N N 347 
SER OXT    O N N 348 
SER H      H N N 349 
SER H2     H N N 350 
SER HA     H N N 351 
SER HB2    H N N 352 
SER HB3    H N N 353 
SER HG     H N N 354 
SER HXT    H N N 355 
THR N      N N N 356 
THR CA     C N S 357 
THR C      C N N 358 
THR O      O N N 359 
THR CB     C N R 360 
THR OG1    O N N 361 
THR CG2    C N N 362 
THR OXT    O N N 363 
THR H      H N N 364 
THR H2     H N N 365 
THR HA     H N N 366 
THR HB     H N N 367 
THR HG1    H N N 368 
THR HG21   H N N 369 
THR HG22   H N N 370 
THR HG23   H N N 371 
THR HXT    H N N 372 
TRP N      N N N 373 
TRP CA     C N S 374 
TRP C      C N N 375 
TRP O      O N N 376 
TRP CB     C N N 377 
TRP CG     C Y N 378 
TRP CD1    C Y N 379 
TRP CD2    C Y N 380 
TRP NE1    N Y N 381 
TRP CE2    C Y N 382 
TRP CE3    C Y N 383 
TRP CZ2    C Y N 384 
TRP CZ3    C Y N 385 
TRP CH2    C Y N 386 
TRP OXT    O N N 387 
TRP H      H N N 388 
TRP H2     H N N 389 
TRP HA     H N N 390 
TRP HB2    H N N 391 
TRP HB3    H N N 392 
TRP HD1    H N N 393 
TRP HE1    H N N 394 
TRP HE3    H N N 395 
TRP HZ2    H N N 396 
TRP HZ3    H N N 397 
TRP HH2    H N N 398 
TRP HXT    H N N 399 
TYR N      N N N 400 
TYR CA     C N S 401 
TYR C      C N N 402 
TYR O      O N N 403 
TYR CB     C N N 404 
TYR CG     C Y N 405 
TYR CD1    C Y N 406 
TYR CD2    C Y N 407 
TYR CE1    C Y N 408 
TYR CE2    C Y N 409 
TYR CZ     C Y N 410 
TYR OH     O N N 411 
TYR OXT    O N N 412 
TYR H      H N N 413 
TYR H2     H N N 414 
TYR HA     H N N 415 
TYR HB2    H N N 416 
TYR HB3    H N N 417 
TYR HD1    H N N 418 
TYR HD2    H N N 419 
TYR HE1    H N N 420 
TYR HE2    H N N 421 
TYR HH     H N N 422 
TYR HXT    H N N 423 
VAL N      N N N 424 
VAL CA     C N S 425 
VAL C      C N N 426 
VAL O      O N N 427 
VAL CB     C N N 428 
VAL CG1    C N N 429 
VAL CG2    C N N 430 
VAL OXT    O N N 431 
VAL H      H N N 432 
VAL H2     H N N 433 
VAL HA     H N N 434 
VAL HB     H N N 435 
VAL HG11   H N N 436 
VAL HG12   H N N 437 
VAL HG13   H N N 438 
VAL HG21   H N N 439 
VAL HG22   H N N 440 
VAL HG23   H N N 441 
VAL HXT    H N N 442 
# 
loop_
_chem_comp_bond.comp_id 
_chem_comp_bond.atom_id_1 
_chem_comp_bond.atom_id_2 
_chem_comp_bond.value_order 
_chem_comp_bond.pdbx_aromatic_flag 
_chem_comp_bond.pdbx_stereo_config 
_chem_comp_bond.pdbx_ordinal 
ALA N     CA     sing N N 1   
ALA N     H      sing N N 2   
ALA N     H2     sing N N 3   
ALA CA    C      sing N N 4   
ALA CA    CB     sing N N 5   
ALA CA    HA     sing N N 6   
ALA C     O      doub N N 7   
ALA C     OXT    sing N N 8   
ALA CB    HB1    sing N N 9   
ALA CB    HB2    sing N N 10  
ALA CB    HB3    sing N N 11  
ALA OXT   HXT    sing N N 12  
ARG N     CA     sing N N 13  
ARG N     H      sing N N 14  
ARG N     H2     sing N N 15  
ARG CA    C      sing N N 16  
ARG CA    CB     sing N N 17  
ARG CA    HA     sing N N 18  
ARG C     O      doub N N 19  
ARG C     OXT    sing N N 20  
ARG CB    CG     sing N N 21  
ARG CB    HB2    sing N N 22  
ARG CB    HB3    sing N N 23  
ARG CG    CD     sing N N 24  
ARG CG    HG2    sing N N 25  
ARG CG    HG3    sing N N 26  
ARG CD    NE     sing N N 27  
ARG CD    HD2    sing N N 28  
ARG CD    HD3    sing N N 29  
ARG NE    CZ     sing N N 30  
ARG NE    HE     sing N N 31  
ARG CZ    NH1    sing N N 32  
ARG CZ    NH2    doub N N 33  
ARG NH1   HH11   sing N N 34  
ARG NH1   HH12   sing N N 35  
ARG NH2   HH21   sing N N 36  
ARG NH2   HH22   sing N N 37  
ARG OXT   HXT    sing N N 38  
ASN N     CA     sing N N 39  
ASN N     H      sing N N 40  
ASN N     H2     sing N N 41  
ASN CA    C      sing N N 42  
ASN CA    CB     sing N N 43  
ASN CA    HA     sing N N 44  
ASN C     O      doub N N 45  
ASN C     OXT    sing N N 46  
ASN CB    CG     sing N N 47  
ASN CB    HB2    sing N N 48  
ASN CB    HB3    sing N N 49  
ASN CG    OD1    doub N N 50  
ASN CG    ND2    sing N N 51  
ASN ND2   HD21   sing N N 52  
ASN ND2   HD22   sing N N 53  
ASN OXT   HXT    sing N N 54  
ASP N     CA     sing N N 55  
ASP N     H      sing N N 56  
ASP N     H2     sing N N 57  
ASP CA    C      sing N N 58  
ASP CA    CB     sing N N 59  
ASP CA    HA     sing N N 60  
ASP C     O      doub N N 61  
ASP C     OXT    sing N N 62  
ASP CB    CG     sing N N 63  
ASP CB    HB2    sing N N 64  
ASP CB    HB3    sing N N 65  
ASP CG    OD1    doub N N 66  
ASP CG    OD2    sing N N 67  
ASP OD2   HD2    sing N N 68  
ASP OXT   HXT    sing N N 69  
CYS N     CA     sing N N 70  
CYS N     H      sing N N 71  
CYS N     H2     sing N N 72  
CYS CA    C      sing N N 73  
CYS CA    CB     sing N N 74  
CYS CA    HA     sing N N 75  
CYS C     O      doub N N 76  
CYS C     OXT    sing N N 77  
CYS CB    SG     sing N N 78  
CYS CB    HB2    sing N N 79  
CYS CB    HB3    sing N N 80  
CYS SG    HG     sing N N 81  
CYS OXT   HXT    sing N N 82  
FMN N1    C2     sing N N 83  
FMN N1    C10    doub N N 84  
FMN C2    O2     doub N N 85  
FMN C2    N3     sing N N 86  
FMN N3    C4     sing N N 87  
FMN N3    HN3    sing N N 88  
FMN C4    O4     doub N N 89  
FMN C4    C4A    sing N N 90  
FMN C4A   N5     doub N N 91  
FMN C4A   C10    sing N N 92  
FMN N5    C5A    sing N N 93  
FMN C5A   C6     doub Y N 94  
FMN C5A   C9A    sing Y N 95  
FMN C6    C7     sing Y N 96  
FMN C6    H6     sing N N 97  
FMN C7    C7M    sing N N 98  
FMN C7    C8     doub Y N 99  
FMN C7M   HM71   sing N N 100 
FMN C7M   HM72   sing N N 101 
FMN C7M   HM73   sing N N 102 
FMN C8    C8M    sing N N 103 
FMN C8    C9     sing Y N 104 
FMN C8M   HM81   sing N N 105 
FMN C8M   HM82   sing N N 106 
FMN C8M   HM83   sing N N 107 
FMN C9    C9A    doub Y N 108 
FMN C9    H9     sing N N 109 
FMN C9A   N10    sing N N 110 
FMN N10   C10    sing N N 111 
FMN N10   "C1'"  sing N N 112 
FMN "C1'" "C2'"  sing N N 113 
FMN "C1'" "H1'1" sing N N 114 
FMN "C1'" "H1'2" sing N N 115 
FMN "C2'" "O2'"  sing N N 116 
FMN "C2'" "C3'"  sing N N 117 
FMN "C2'" "H2'"  sing N N 118 
FMN "O2'" "HO2'" sing N N 119 
FMN "C3'" "O3'"  sing N N 120 
FMN "C3'" "C4'"  sing N N 121 
FMN "C3'" "H3'"  sing N N 122 
FMN "O3'" "HO3'" sing N N 123 
FMN "C4'" "O4'"  sing N N 124 
FMN "C4'" "C5'"  sing N N 125 
FMN "C4'" "H4'"  sing N N 126 
FMN "O4'" "HO4'" sing N N 127 
FMN "C5'" "O5'"  sing N N 128 
FMN "C5'" "H5'1" sing N N 129 
FMN "C5'" "H5'2" sing N N 130 
FMN "O5'" P      sing N N 131 
FMN P     O1P    doub N N 132 
FMN P     O2P    sing N N 133 
FMN P     O3P    sing N N 134 
FMN O2P   HOP2   sing N N 135 
FMN O3P   HOP3   sing N N 136 
GLN N     CA     sing N N 137 
GLN N     H      sing N N 138 
GLN N     H2     sing N N 139 
GLN CA    C      sing N N 140 
GLN CA    CB     sing N N 141 
GLN CA    HA     sing N N 142 
GLN C     O      doub N N 143 
GLN C     OXT    sing N N 144 
GLN CB    CG     sing N N 145 
GLN CB    HB2    sing N N 146 
GLN CB    HB3    sing N N 147 
GLN CG    CD     sing N N 148 
GLN CG    HG2    sing N N 149 
GLN CG    HG3    sing N N 150 
GLN CD    OE1    doub N N 151 
GLN CD    NE2    sing N N 152 
GLN NE2   HE21   sing N N 153 
GLN NE2   HE22   sing N N 154 
GLN OXT   HXT    sing N N 155 
GLU N     CA     sing N N 156 
GLU N     H      sing N N 157 
GLU N     H2     sing N N 158 
GLU CA    C      sing N N 159 
GLU CA    CB     sing N N 160 
GLU CA    HA     sing N N 161 
GLU C     O      doub N N 162 
GLU C     OXT    sing N N 163 
GLU CB    CG     sing N N 164 
GLU CB    HB2    sing N N 165 
GLU CB    HB3    sing N N 166 
GLU CG    CD     sing N N 167 
GLU CG    HG2    sing N N 168 
GLU CG    HG3    sing N N 169 
GLU CD    OE1    doub N N 170 
GLU CD    OE2    sing N N 171 
GLU OE2   HE2    sing N N 172 
GLU OXT   HXT    sing N N 173 
GLY N     CA     sing N N 174 
GLY N     H      sing N N 175 
GLY N     H2     sing N N 176 
GLY CA    C      sing N N 177 
GLY CA    HA2    sing N N 178 
GLY CA    HA3    sing N N 179 
GLY C     O      doub N N 180 
GLY C     OXT    sing N N 181 
GLY OXT   HXT    sing N N 182 
HIS N     CA     sing N N 183 
HIS N     H      sing N N 184 
HIS N     H2     sing N N 185 
HIS CA    C      sing N N 186 
HIS CA    CB     sing N N 187 
HIS CA    HA     sing N N 188 
HIS C     O      doub N N 189 
HIS C     OXT    sing N N 190 
HIS CB    CG     sing N N 191 
HIS CB    HB2    sing N N 192 
HIS CB    HB3    sing N N 193 
HIS CG    ND1    sing Y N 194 
HIS CG    CD2    doub Y N 195 
HIS ND1   CE1    doub Y N 196 
HIS ND1   HD1    sing N N 197 
HIS CD2   NE2    sing Y N 198 
HIS CD2   HD2    sing N N 199 
HIS CE1   NE2    sing Y N 200 
HIS CE1   HE1    sing N N 201 
HIS NE2   HE2    sing N N 202 
HIS OXT   HXT    sing N N 203 
HOH O     H1     sing N N 204 
HOH O     H2     sing N N 205 
ILE N     CA     sing N N 206 
ILE N     H      sing N N 207 
ILE N     H2     sing N N 208 
ILE CA    C      sing N N 209 
ILE CA    CB     sing N N 210 
ILE CA    HA     sing N N 211 
ILE C     O      doub N N 212 
ILE C     OXT    sing N N 213 
ILE CB    CG1    sing N N 214 
ILE CB    CG2    sing N N 215 
ILE CB    HB     sing N N 216 
ILE CG1   CD1    sing N N 217 
ILE CG1   HG12   sing N N 218 
ILE CG1   HG13   sing N N 219 
ILE CG2   HG21   sing N N 220 
ILE CG2   HG22   sing N N 221 
ILE CG2   HG23   sing N N 222 
ILE CD1   HD11   sing N N 223 
ILE CD1   HD12   sing N N 224 
ILE CD1   HD13   sing N N 225 
ILE OXT   HXT    sing N N 226 
LEU N     CA     sing N N 227 
LEU N     H      sing N N 228 
LEU N     H2     sing N N 229 
LEU CA    C      sing N N 230 
LEU CA    CB     sing N N 231 
LEU CA    HA     sing N N 232 
LEU C     O      doub N N 233 
LEU C     OXT    sing N N 234 
LEU CB    CG     sing N N 235 
LEU CB    HB2    sing N N 236 
LEU CB    HB3    sing N N 237 
LEU CG    CD1    sing N N 238 
LEU CG    CD2    sing N N 239 
LEU CG    HG     sing N N 240 
LEU CD1   HD11   sing N N 241 
LEU CD1   HD12   sing N N 242 
LEU CD1   HD13   sing N N 243 
LEU CD2   HD21   sing N N 244 
LEU CD2   HD22   sing N N 245 
LEU CD2   HD23   sing N N 246 
LEU OXT   HXT    sing N N 247 
LYS N     CA     sing N N 248 
LYS N     H      sing N N 249 
LYS N     H2     sing N N 250 
LYS CA    C      sing N N 251 
LYS CA    CB     sing N N 252 
LYS CA    HA     sing N N 253 
LYS C     O      doub N N 254 
LYS C     OXT    sing N N 255 
LYS CB    CG     sing N N 256 
LYS CB    HB2    sing N N 257 
LYS CB    HB3    sing N N 258 
LYS CG    CD     sing N N 259 
LYS CG    HG2    sing N N 260 
LYS CG    HG3    sing N N 261 
LYS CD    CE     sing N N 262 
LYS CD    HD2    sing N N 263 
LYS CD    HD3    sing N N 264 
LYS CE    NZ     sing N N 265 
LYS CE    HE2    sing N N 266 
LYS CE    HE3    sing N N 267 
LYS NZ    HZ1    sing N N 268 
LYS NZ    HZ2    sing N N 269 
LYS NZ    HZ3    sing N N 270 
LYS OXT   HXT    sing N N 271 
MET N     CA     sing N N 272 
MET N     H      sing N N 273 
MET N     H2     sing N N 274 
MET CA    C      sing N N 275 
MET CA    CB     sing N N 276 
MET CA    HA     sing N N 277 
MET C     O      doub N N 278 
MET C     OXT    sing N N 279 
MET CB    CG     sing N N 280 
MET CB    HB2    sing N N 281 
MET CB    HB3    sing N N 282 
MET CG    SD     sing N N 283 
MET CG    HG2    sing N N 284 
MET CG    HG3    sing N N 285 
MET SD    CE     sing N N 286 
MET CE    HE1    sing N N 287 
MET CE    HE2    sing N N 288 
MET CE    HE3    sing N N 289 
MET OXT   HXT    sing N N 290 
PHE N     CA     sing N N 291 
PHE N     H      sing N N 292 
PHE N     H2     sing N N 293 
PHE CA    C      sing N N 294 
PHE CA    CB     sing N N 295 
PHE CA    HA     sing N N 296 
PHE C     O      doub N N 297 
PHE C     OXT    sing N N 298 
PHE CB    CG     sing N N 299 
PHE CB    HB2    sing N N 300 
PHE CB    HB3    sing N N 301 
PHE CG    CD1    doub Y N 302 
PHE CG    CD2    sing Y N 303 
PHE CD1   CE1    sing Y N 304 
PHE CD1   HD1    sing N N 305 
PHE CD2   CE2    doub Y N 306 
PHE CD2   HD2    sing N N 307 
PHE CE1   CZ     doub Y N 308 
PHE CE1   HE1    sing N N 309 
PHE CE2   CZ     sing Y N 310 
PHE CE2   HE2    sing N N 311 
PHE CZ    HZ     sing N N 312 
PHE OXT   HXT    sing N N 313 
PRO N     CA     sing N N 314 
PRO N     CD     sing N N 315 
PRO N     H      sing N N 316 
PRO CA    C      sing N N 317 
PRO CA    CB     sing N N 318 
PRO CA    HA     sing N N 319 
PRO C     O      doub N N 320 
PRO C     OXT    sing N N 321 
PRO CB    CG     sing N N 322 
PRO CB    HB2    sing N N 323 
PRO CB    HB3    sing N N 324 
PRO CG    CD     sing N N 325 
PRO CG    HG2    sing N N 326 
PRO CG    HG3    sing N N 327 
PRO CD    HD2    sing N N 328 
PRO CD    HD3    sing N N 329 
PRO OXT   HXT    sing N N 330 
SER N     CA     sing N N 331 
SER N     H      sing N N 332 
SER N     H2     sing N N 333 
SER CA    C      sing N N 334 
SER CA    CB     sing N N 335 
SER CA    HA     sing N N 336 
SER C     O      doub N N 337 
SER C     OXT    sing N N 338 
SER CB    OG     sing N N 339 
SER CB    HB2    sing N N 340 
SER CB    HB3    sing N N 341 
SER OG    HG     sing N N 342 
SER OXT   HXT    sing N N 343 
THR N     CA     sing N N 344 
THR N     H      sing N N 345 
THR N     H2     sing N N 346 
THR CA    C      sing N N 347 
THR CA    CB     sing N N 348 
THR CA    HA     sing N N 349 
THR C     O      doub N N 350 
THR C     OXT    sing N N 351 
THR CB    OG1    sing N N 352 
THR CB    CG2    sing N N 353 
THR CB    HB     sing N N 354 
THR OG1   HG1    sing N N 355 
THR CG2   HG21   sing N N 356 
THR CG2   HG22   sing N N 357 
THR CG2   HG23   sing N N 358 
THR OXT   HXT    sing N N 359 
TRP N     CA     sing N N 360 
TRP N     H      sing N N 361 
TRP N     H2     sing N N 362 
TRP CA    C      sing N N 363 
TRP CA    CB     sing N N 364 
TRP CA    HA     sing N N 365 
TRP C     O      doub N N 366 
TRP C     OXT    sing N N 367 
TRP CB    CG     sing N N 368 
TRP CB    HB2    sing N N 369 
TRP CB    HB3    sing N N 370 
TRP CG    CD1    doub Y N 371 
TRP CG    CD2    sing Y N 372 
TRP CD1   NE1    sing Y N 373 
TRP CD1   HD1    sing N N 374 
TRP CD2   CE2    doub Y N 375 
TRP CD2   CE3    sing Y N 376 
TRP NE1   CE2    sing Y N 377 
TRP NE1   HE1    sing N N 378 
TRP CE2   CZ2    sing Y N 379 
TRP CE3   CZ3    doub Y N 380 
TRP CE3   HE3    sing N N 381 
TRP CZ2   CH2    doub Y N 382 
TRP CZ2   HZ2    sing N N 383 
TRP CZ3   CH2    sing Y N 384 
TRP CZ3   HZ3    sing N N 385 
TRP CH2   HH2    sing N N 386 
TRP OXT   HXT    sing N N 387 
TYR N     CA     sing N N 388 
TYR N     H      sing N N 389 
TYR N     H2     sing N N 390 
TYR CA    C      sing N N 391 
TYR CA    CB     sing N N 392 
TYR CA    HA     sing N N 393 
TYR C     O      doub N N 394 
TYR C     OXT    sing N N 395 
TYR CB    CG     sing N N 396 
TYR CB    HB2    sing N N 397 
TYR CB    HB3    sing N N 398 
TYR CG    CD1    doub Y N 399 
TYR CG    CD2    sing Y N 400 
TYR CD1   CE1    sing Y N 401 
TYR CD1   HD1    sing N N 402 
TYR CD2   CE2    doub Y N 403 
TYR CD2   HD2    sing N N 404 
TYR CE1   CZ     doub Y N 405 
TYR CE1   HE1    sing N N 406 
TYR CE2   CZ     sing Y N 407 
TYR CE2   HE2    sing N N 408 
TYR CZ    OH     sing N N 409 
TYR OH    HH     sing N N 410 
TYR OXT   HXT    sing N N 411 
VAL N     CA     sing N N 412 
VAL N     H      sing N N 413 
VAL N     H2     sing N N 414 
VAL CA    C      sing N N 415 
VAL CA    CB     sing N N 416 
VAL CA    HA     sing N N 417 
VAL C     O      doub N N 418 
VAL C     OXT    sing N N 419 
VAL CB    CG1    sing N N 420 
VAL CB    CG2    sing N N 421 
VAL CB    HB     sing N N 422 
VAL CG1   HG11   sing N N 423 
VAL CG1   HG12   sing N N 424 
VAL CG1   HG13   sing N N 425 
VAL CG2   HG21   sing N N 426 
VAL CG2   HG22   sing N N 427 
VAL CG2   HG23   sing N N 428 
VAL OXT   HXT    sing N N 429 
# 
loop_
_pdbx_entity_nonpoly.entity_id 
_pdbx_entity_nonpoly.name 
_pdbx_entity_nonpoly.comp_id 
2 'FLAVIN MONONUCLEOTIDE' FMN 
3 water                   HOH 
# 
_pdbx_initial_refinement_model.id               1 
_pdbx_initial_refinement_model.entity_id_list   ? 
_pdbx_initial_refinement_model.type             'experimental model' 
_pdbx_initial_refinement_model.source_name      PDB 
_pdbx_initial_refinement_model.accession_code   1YDG 
_pdbx_initial_refinement_model.details          ? 
# 
